data_1UFF
#
_entry.id   1UFF
#
_entity_poly.entity_id   1
_entity_poly.type   'polypeptide(L)'
_entity_poly.pdbx_seq_one_letter_code
;GSSGSSGYRALYPFEARNHDEMSFNSGDIIQVDEKTVGEPGWLYGSFQGNFGWFPCNYVEKMPSSENEKAVSPKKALLPP
TVSLSATSGPSSG
;
_entity_poly.pdbx_strand_id   A
#
# COMPACT_ATOMS: atom_id res chain seq x y z
N GLY A 1 7.54 5.60 -1.17
CA GLY A 1 6.83 4.37 -1.49
C GLY A 1 7.75 3.16 -1.30
N SER A 2 8.13 2.92 -0.06
CA SER A 2 8.99 1.80 0.26
C SER A 2 9.11 1.65 1.78
N SER A 3 9.52 0.46 2.20
CA SER A 3 9.67 0.17 3.61
C SER A 3 8.45 0.68 4.38
N GLY A 4 7.48 -0.22 4.54
CA GLY A 4 6.26 0.13 5.25
C GLY A 4 5.03 -0.06 4.36
N SER A 5 4.43 -1.24 4.49
CA SER A 5 3.25 -1.57 3.71
C SER A 5 3.56 -1.43 2.22
N SER A 6 2.69 -2.01 1.40
CA SER A 6 2.85 -1.97 -0.03
C SER A 6 1.65 -1.25 -0.68
N GLY A 7 0.49 -1.84 -0.47
CA GLY A 7 -0.73 -1.28 -1.02
C GLY A 7 -1.08 -1.91 -2.36
N TYR A 8 -2.13 -2.74 -2.34
CA TYR A 8 -2.57 -3.42 -3.54
C TYR A 8 -4.09 -3.36 -3.67
N ARG A 9 -4.55 -3.49 -4.90
CA ARG A 9 -5.97 -3.45 -5.18
C ARG A 9 -6.42 -4.75 -5.86
N ALA A 10 -7.28 -5.47 -5.18
CA ALA A 10 -7.79 -6.74 -5.70
C ALA A 10 -8.52 -6.47 -7.02
N LEU A 11 -7.98 -7.04 -8.08
CA LEU A 11 -8.58 -6.87 -9.40
C LEU A 11 -9.95 -7.55 -9.42
N TYR A 12 -9.94 -8.85 -9.19
CA TYR A 12 -11.17 -9.62 -9.18
C TYR A 12 -11.44 -10.20 -7.79
N PRO A 13 -12.74 -10.50 -7.54
CA PRO A 13 -13.15 -11.06 -6.26
C PRO A 13 -12.76 -12.53 -6.16
N PHE A 14 -11.83 -12.81 -5.25
CA PHE A 14 -11.36 -14.17 -5.05
C PHE A 14 -11.84 -14.72 -3.70
N GLU A 15 -12.13 -16.01 -3.68
CA GLU A 15 -12.59 -16.65 -2.47
C GLU A 15 -11.51 -17.61 -1.94
N ALA A 16 -11.36 -17.60 -0.62
CA ALA A 16 -10.37 -18.46 0.02
C ALA A 16 -10.79 -19.92 -0.15
N ARG A 17 -10.32 -20.51 -1.25
CA ARG A 17 -10.64 -21.90 -1.54
C ARG A 17 -9.44 -22.80 -1.19
N ASN A 18 -8.88 -22.55 -0.02
CA ASN A 18 -7.74 -23.33 0.44
C ASN A 18 -7.79 -23.45 1.96
N HIS A 19 -6.64 -23.79 2.54
CA HIS A 19 -6.54 -23.93 3.98
C HIS A 19 -6.44 -22.55 4.63
N ASP A 20 -5.26 -21.96 4.52
CA ASP A 20 -5.02 -20.65 5.09
C ASP A 20 -4.99 -19.60 3.98
N GLU A 21 -6.07 -19.56 3.21
CA GLU A 21 -6.18 -18.62 2.11
C GLU A 21 -6.96 -17.38 2.55
N MET A 22 -6.83 -16.33 1.75
CA MET A 22 -7.52 -15.08 2.03
C MET A 22 -8.79 -14.95 1.20
N SER A 23 -9.66 -14.06 1.63
CA SER A 23 -10.91 -13.82 0.92
C SER A 23 -11.18 -12.32 0.82
N PHE A 24 -11.34 -11.87 -0.41
CA PHE A 24 -11.61 -10.46 -0.67
C PHE A 24 -12.27 -10.26 -2.02
N ASN A 25 -12.87 -9.09 -2.19
CA ASN A 25 -13.55 -8.77 -3.43
C ASN A 25 -12.77 -7.67 -4.16
N SER A 26 -13.18 -7.42 -5.40
CA SER A 26 -12.54 -6.41 -6.21
C SER A 26 -12.86 -5.01 -5.67
N GLY A 27 -11.90 -4.12 -5.83
CA GLY A 27 -12.06 -2.75 -5.36
C GLY A 27 -11.78 -2.65 -3.86
N ASP A 28 -11.03 -3.62 -3.36
CA ASP A 28 -10.68 -3.64 -1.95
C ASP A 28 -9.16 -3.66 -1.82
N ILE A 29 -8.65 -2.66 -1.11
CA ILE A 29 -7.22 -2.54 -0.90
C ILE A 29 -6.72 -3.76 -0.13
N ILE A 30 -5.56 -4.25 -0.54
CA ILE A 30 -4.97 -5.41 0.11
C ILE A 30 -3.61 -5.03 0.71
N GLN A 31 -3.60 -4.89 2.02
CA GLN A 31 -2.39 -4.52 2.72
C GLN A 31 -1.37 -5.66 2.65
N VAL A 32 -0.77 -5.81 1.47
CA VAL A 32 0.22 -6.85 1.26
C VAL A 32 1.49 -6.50 2.02
N ASP A 33 2.01 -7.49 2.74
CA ASP A 33 3.23 -7.30 3.52
C ASP A 33 4.43 -7.67 2.66
N GLU A 34 5.09 -6.66 2.14
CA GLU A 34 6.27 -6.87 1.31
C GLU A 34 7.49 -7.17 2.18
N LYS A 35 7.34 -8.17 3.03
CA LYS A 35 8.42 -8.56 3.92
C LYS A 35 8.33 -10.07 4.18
N THR A 36 7.13 -10.51 4.51
CA THR A 36 6.91 -11.93 4.79
C THR A 36 7.33 -12.78 3.58
N VAL A 37 8.14 -13.78 3.88
CA VAL A 37 8.63 -14.67 2.84
C VAL A 37 8.16 -16.10 3.13
N GLY A 38 7.95 -16.85 2.07
CA GLY A 38 7.51 -18.24 2.20
C GLY A 38 7.46 -18.93 0.84
N GLU A 39 6.26 -19.03 0.30
CA GLU A 39 6.07 -19.66 -1.00
C GLU A 39 6.82 -18.88 -2.09
N PRO A 40 6.99 -19.56 -3.26
CA PRO A 40 7.68 -18.94 -4.38
C PRO A 40 6.80 -17.90 -5.07
N GLY A 41 5.96 -18.39 -5.95
CA GLY A 41 5.05 -17.51 -6.69
C GLY A 41 3.75 -17.29 -5.92
N TRP A 42 3.88 -16.75 -4.71
CA TRP A 42 2.74 -16.49 -3.87
C TRP A 42 2.96 -15.16 -3.16
N LEU A 43 1.85 -14.51 -2.84
CA LEU A 43 1.91 -13.23 -2.15
C LEU A 43 1.02 -13.27 -0.91
N TYR A 44 1.60 -12.85 0.20
CA TYR A 44 0.87 -12.84 1.46
C TYR A 44 0.53 -11.41 1.88
N GLY A 45 -0.72 -11.23 2.30
CA GLY A 45 -1.19 -9.93 2.73
C GLY A 45 -2.17 -10.06 3.89
N SER A 46 -2.69 -8.91 4.32
CA SER A 46 -3.64 -8.88 5.42
C SER A 46 -4.77 -7.90 5.11
N PHE A 47 -5.97 -8.46 5.00
CA PHE A 47 -7.14 -7.65 4.71
C PHE A 47 -8.20 -7.79 5.81
N GLN A 48 -9.23 -6.96 5.70
CA GLN A 48 -10.30 -6.99 6.68
C GLN A 48 -10.55 -8.42 7.17
N GLY A 49 -10.20 -8.64 8.43
CA GLY A 49 -10.38 -9.96 9.03
C GLY A 49 -10.15 -11.06 8.00
N ASN A 50 -9.21 -10.81 7.10
CA ASN A 50 -8.87 -11.76 6.06
C ASN A 50 -7.36 -11.80 5.87
N PHE A 51 -6.77 -12.92 6.28
CA PHE A 51 -5.33 -13.10 6.15
C PHE A 51 -4.99 -14.50 5.63
N GLY A 52 -4.37 -14.51 4.46
CA GLY A 52 -3.99 -15.77 3.84
C GLY A 52 -2.95 -15.54 2.74
N TRP A 53 -2.68 -16.60 1.99
CA TRP A 53 -1.71 -16.53 0.91
C TRP A 53 -2.47 -16.57 -0.42
N PHE A 54 -2.23 -15.56 -1.24
CA PHE A 54 -2.89 -15.47 -2.53
C PHE A 54 -1.86 -15.50 -3.67
N PRO A 55 -2.37 -15.83 -4.88
CA PRO A 55 -1.51 -15.89 -6.06
C PRO A 55 -1.14 -14.49 -6.54
N CYS A 56 0.14 -14.31 -6.84
CA CYS A 56 0.63 -13.03 -7.31
C CYS A 56 0.10 -12.81 -8.74
N ASN A 57 -1.02 -12.11 -8.81
CA ASN A 57 -1.63 -11.82 -10.09
C ASN A 57 -2.98 -11.13 -9.87
N TYR A 58 -3.86 -11.85 -9.18
CA TYR A 58 -5.19 -11.31 -8.89
C TYR A 58 -5.11 -9.86 -8.42
N VAL A 59 -4.09 -9.59 -7.62
CA VAL A 59 -3.88 -8.24 -7.09
C VAL A 59 -3.02 -7.45 -8.07
N GLU A 60 -3.20 -6.13 -8.04
CA GLU A 60 -2.45 -5.25 -8.92
C GLU A 60 -1.87 -4.08 -8.12
N LYS A 61 -0.55 -4.03 -8.08
CA LYS A 61 0.13 -2.97 -7.35
C LYS A 61 -0.46 -1.61 -7.76
N MET A 62 -0.87 -0.86 -6.74
CA MET A 62 -1.45 0.45 -6.98
C MET A 62 -0.41 1.55 -6.78
N PRO A 63 -0.73 2.75 -7.35
CA PRO A 63 0.17 3.89 -7.25
C PRO A 63 0.11 4.50 -5.84
N SER A 64 1.18 5.20 -5.50
CA SER A 64 1.28 5.84 -4.19
C SER A 64 0.44 7.12 -4.19
N SER A 65 -0.85 6.95 -4.44
CA SER A 65 -1.76 8.09 -4.45
C SER A 65 -1.20 9.19 -5.34
N GLU A 66 -1.08 8.88 -6.63
CA GLU A 66 -0.56 9.84 -7.58
C GLU A 66 0.64 10.59 -6.99
N ASN A 67 1.75 9.88 -6.89
CA ASN A 67 2.96 10.46 -6.35
C ASN A 67 2.72 10.91 -4.91
N GLU A 68 3.79 10.92 -4.14
CA GLU A 68 3.69 11.33 -2.74
C GLU A 68 4.73 12.41 -2.43
N LYS A 69 4.40 13.23 -1.44
CA LYS A 69 5.29 14.30 -1.04
C LYS A 69 6.24 13.79 0.05
N ALA A 70 7.49 13.58 -0.35
CA ALA A 70 8.50 13.10 0.57
C ALA A 70 8.45 13.92 1.87
N VAL A 71 8.00 13.27 2.92
CA VAL A 71 7.89 13.91 4.22
C VAL A 71 9.00 13.41 5.13
N SER A 72 9.55 14.33 5.91
CA SER A 72 10.61 13.98 6.83
C SER A 72 10.14 14.16 8.28
N PRO A 73 9.63 13.03 8.86
CA PRO A 73 9.13 13.04 10.22
C PRO A 73 10.29 13.08 11.23
N LYS A 74 10.64 14.29 11.64
CA LYS A 74 11.72 14.48 12.59
C LYS A 74 11.50 13.55 13.79
N LYS A 75 12.58 13.31 14.52
CA LYS A 75 12.53 12.46 15.69
C LYS A 75 12.08 13.28 16.89
N ALA A 76 11.26 12.66 17.73
CA ALA A 76 10.78 13.32 18.93
C ALA A 76 11.16 12.50 20.16
N LEU A 77 11.37 13.21 21.26
CA LEU A 77 11.74 12.57 22.51
C LEU A 77 10.49 12.33 23.34
N LEU A 78 10.53 11.25 24.12
CA LEU A 78 9.41 10.90 24.97
C LEU A 78 9.82 11.05 26.44
N PRO A 79 8.79 11.25 27.30
CA PRO A 79 9.04 11.40 28.73
C PRO A 79 9.38 10.05 29.38
N PRO A 80 9.97 10.15 30.59
CA PRO A 80 10.34 8.95 31.33
C PRO A 80 9.12 8.27 31.95
N THR A 81 9.37 7.19 32.67
CA THR A 81 8.30 6.45 33.31
C THR A 81 8.56 6.34 34.81
N VAL A 82 7.50 6.03 35.54
CA VAL A 82 7.59 5.89 36.99
C VAL A 82 6.91 4.59 37.42
N SER A 83 7.57 3.89 38.33
CA SER A 83 7.04 2.63 38.83
C SER A 83 6.24 2.87 40.11
N LEU A 84 5.49 1.85 40.51
CA LEU A 84 4.68 1.94 41.71
C LEU A 84 4.79 0.63 42.49
N SER A 85 4.54 0.73 43.79
CA SER A 85 4.61 -0.44 44.66
C SER A 85 3.55 -1.46 44.24
N ALA A 86 3.66 -2.65 44.82
CA ALA A 86 2.73 -3.72 44.52
C ALA A 86 2.54 -4.59 45.76
N THR A 87 1.74 -5.64 45.60
CA THR A 87 1.47 -6.55 46.70
C THR A 87 1.16 -5.77 47.97
N SER A 88 1.07 -6.51 49.07
CA SER A 88 0.78 -5.90 50.36
C SER A 88 0.80 -6.96 51.45
N GLY A 89 0.64 -6.50 52.68
CA GLY A 89 0.64 -7.40 53.83
C GLY A 89 -0.77 -7.52 54.42
N PRO A 90 -1.44 -8.65 54.07
CA PRO A 90 -2.79 -8.90 54.56
C PRO A 90 -2.76 -9.34 56.02
N SER A 91 -3.95 -9.61 56.55
CA SER A 91 -4.08 -10.04 57.93
C SER A 91 -5.04 -11.22 58.03
N SER A 92 -5.14 -11.77 59.23
CA SER A 92 -6.03 -12.90 59.46
C SER A 92 -6.53 -12.88 60.91
N GLY A 93 -7.47 -11.97 61.16
CA GLY A 93 -8.03 -11.84 62.50
C GLY A 93 -9.50 -11.40 62.42
N GLY A 1 -0.48 3.97 11.49
CA GLY A 1 -0.37 4.60 10.19
C GLY A 1 -0.60 3.57 9.07
N SER A 2 0.37 2.69 8.92
CA SER A 2 0.29 1.65 7.89
C SER A 2 0.59 0.29 8.50
N SER A 3 0.36 -0.74 7.71
CA SER A 3 0.60 -2.11 8.16
C SER A 3 1.54 -2.82 7.19
N GLY A 4 1.13 -2.86 5.93
CA GLY A 4 1.92 -3.51 4.90
C GLY A 4 3.16 -2.68 4.57
N SER A 5 3.84 -3.09 3.50
CA SER A 5 5.03 -2.39 3.06
C SER A 5 4.87 -1.93 1.61
N SER A 6 3.67 -2.10 1.10
CA SER A 6 3.37 -1.71 -0.27
C SER A 6 1.86 -1.51 -0.45
N GLY A 7 1.14 -2.62 -0.34
CA GLY A 7 -0.30 -2.59 -0.49
C GLY A 7 -0.71 -2.89 -1.93
N TYR A 8 -1.70 -3.77 -2.05
CA TYR A 8 -2.19 -4.16 -3.36
C TYR A 8 -3.73 -4.24 -3.37
N ARG A 9 -4.30 -3.88 -4.50
CA ARG A 9 -5.75 -3.91 -4.65
C ARG A 9 -6.18 -5.14 -5.44
N ALA A 10 -7.10 -5.89 -4.86
CA ALA A 10 -7.60 -7.10 -5.49
C ALA A 10 -8.26 -6.72 -6.82
N LEU A 11 -7.83 -7.41 -7.87
CA LEU A 11 -8.38 -7.17 -9.20
C LEU A 11 -9.73 -7.86 -9.33
N TYR A 12 -9.74 -9.14 -9.01
CA TYR A 12 -10.96 -9.93 -9.09
C TYR A 12 -11.30 -10.54 -7.73
N PRO A 13 -12.59 -10.92 -7.58
CA PRO A 13 -13.06 -11.52 -6.34
C PRO A 13 -12.59 -12.97 -6.21
N PHE A 14 -11.58 -13.15 -5.37
CA PHE A 14 -11.02 -14.48 -5.15
C PHE A 14 -11.46 -15.04 -3.79
N GLU A 15 -11.83 -16.31 -3.80
CA GLU A 15 -12.28 -16.97 -2.59
C GLU A 15 -11.18 -17.90 -2.07
N ALA A 16 -11.18 -18.09 -0.76
CA ALA A 16 -10.20 -18.96 -0.12
C ALA A 16 -10.85 -20.29 0.22
N ARG A 17 -10.56 -21.29 -0.59
CA ARG A 17 -11.10 -22.62 -0.37
C ARG A 17 -10.10 -23.69 -0.81
N ASN A 18 -8.82 -23.38 -0.58
CA ASN A 18 -7.76 -24.30 -0.94
C ASN A 18 -6.96 -24.65 0.32
N HIS A 19 -6.30 -23.64 0.86
CA HIS A 19 -5.49 -23.82 2.06
C HIS A 19 -4.81 -22.51 2.43
N ASP A 20 -5.01 -22.11 3.68
CA ASP A 20 -4.43 -20.87 4.17
C ASP A 20 -4.54 -19.79 3.09
N GLU A 21 -5.76 -19.64 2.57
CA GLU A 21 -6.01 -18.65 1.53
C GLU A 21 -6.90 -17.54 2.08
N MET A 22 -6.76 -16.37 1.48
CA MET A 22 -7.55 -15.22 1.89
C MET A 22 -8.75 -15.02 0.96
N SER A 23 -9.76 -14.37 1.50
CA SER A 23 -10.98 -14.11 0.74
C SER A 23 -11.25 -12.60 0.66
N PHE A 24 -11.17 -12.08 -0.54
CA PHE A 24 -11.40 -10.65 -0.76
C PHE A 24 -12.23 -10.42 -2.02
N ASN A 25 -12.67 -9.18 -2.17
CA ASN A 25 -13.49 -8.81 -3.32
C ASN A 25 -12.80 -7.66 -4.06
N SER A 26 -12.93 -7.69 -5.38
CA SER A 26 -12.34 -6.65 -6.22
C SER A 26 -12.70 -5.27 -5.67
N GLY A 27 -11.70 -4.40 -5.66
CA GLY A 27 -11.89 -3.05 -5.17
C GLY A 27 -11.68 -2.98 -3.66
N ASP A 28 -10.65 -3.66 -3.21
CA ASP A 28 -10.32 -3.69 -1.79
C ASP A 28 -8.80 -3.62 -1.62
N ILE A 29 -8.37 -2.62 -0.85
CA ILE A 29 -6.95 -2.43 -0.60
C ILE A 29 -6.45 -3.53 0.33
N ILE A 30 -5.42 -4.23 -0.13
CA ILE A 30 -4.84 -5.31 0.65
C ILE A 30 -3.43 -4.91 1.10
N GLN A 31 -3.22 -5.00 2.40
CA GLN A 31 -1.93 -4.65 2.98
C GLN A 31 -0.95 -5.82 2.84
N VAL A 32 -0.19 -5.79 1.76
CA VAL A 32 0.78 -6.84 1.50
C VAL A 32 2.03 -6.59 2.36
N ASP A 33 2.56 -7.68 2.88
CA ASP A 33 3.74 -7.60 3.72
C ASP A 33 4.94 -8.20 2.97
N GLU A 34 5.44 -7.43 2.02
CA GLU A 34 6.57 -7.86 1.22
C GLU A 34 7.62 -8.55 2.11
N LYS A 35 7.82 -7.97 3.28
CA LYS A 35 8.78 -8.50 4.23
C LYS A 35 8.55 -10.00 4.39
N THR A 36 7.33 -10.34 4.81
CA THR A 36 6.96 -11.72 5.01
C THR A 36 7.32 -12.56 3.78
N VAL A 37 8.11 -13.60 4.01
CA VAL A 37 8.52 -14.47 2.92
C VAL A 37 7.96 -15.87 3.16
N GLY A 38 7.91 -16.65 2.08
CA GLY A 38 7.40 -18.00 2.16
C GLY A 38 7.24 -18.61 0.77
N GLU A 39 6.01 -18.66 0.32
CA GLU A 39 5.70 -19.22 -0.99
C GLU A 39 6.48 -18.47 -2.07
N PRO A 40 6.55 -19.10 -3.27
CA PRO A 40 7.26 -18.51 -4.40
C PRO A 40 6.44 -17.37 -5.01
N GLY A 41 5.51 -17.75 -5.87
CA GLY A 41 4.66 -16.77 -6.53
C GLY A 41 3.37 -16.54 -5.74
N TRP A 42 3.55 -16.04 -4.52
CA TRP A 42 2.42 -15.76 -3.66
C TRP A 42 2.76 -14.55 -2.80
N LEU A 43 1.79 -13.66 -2.66
CA LEU A 43 1.97 -12.45 -1.87
C LEU A 43 1.03 -12.49 -0.67
N TYR A 44 1.63 -12.41 0.51
CA TYR A 44 0.86 -12.43 1.74
C TYR A 44 0.42 -11.02 2.14
N GLY A 45 -0.88 -10.88 2.37
CA GLY A 45 -1.44 -9.60 2.76
C GLY A 45 -2.48 -9.76 3.86
N SER A 46 -2.86 -8.64 4.44
CA SER A 46 -3.85 -8.64 5.50
C SER A 46 -5.02 -7.74 5.14
N PHE A 47 -6.19 -8.35 4.99
CA PHE A 47 -7.38 -7.62 4.64
C PHE A 47 -8.40 -7.65 5.78
N GLN A 48 -9.46 -6.87 5.61
CA GLN A 48 -10.50 -6.79 6.62
C GLN A 48 -10.70 -8.16 7.29
N GLY A 49 -10.29 -8.23 8.55
CA GLY A 49 -10.40 -9.46 9.30
C GLY A 49 -10.18 -10.68 8.41
N ASN A 50 -9.29 -10.50 7.44
CA ASN A 50 -8.98 -11.58 6.51
C ASN A 50 -7.49 -11.60 6.23
N PHE A 51 -6.86 -12.70 6.60
CA PHE A 51 -5.42 -12.85 6.39
C PHE A 51 -5.09 -14.24 5.82
N GLY A 52 -4.53 -14.22 4.63
CA GLY A 52 -4.16 -15.46 3.96
C GLY A 52 -3.18 -15.20 2.82
N TRP A 53 -2.95 -16.24 2.04
CA TRP A 53 -2.02 -16.14 0.92
C TRP A 53 -2.85 -16.13 -0.38
N PHE A 54 -2.31 -15.45 -1.38
CA PHE A 54 -2.99 -15.36 -2.67
C PHE A 54 -1.98 -15.24 -3.80
N PRO A 55 -2.46 -15.57 -5.03
CA PRO A 55 -1.62 -15.50 -6.21
C PRO A 55 -1.39 -14.05 -6.64
N CYS A 56 -0.23 -13.82 -7.26
CA CYS A 56 0.12 -12.49 -7.72
C CYS A 56 -0.37 -12.34 -9.16
N ASN A 57 -1.59 -12.79 -9.39
CA ASN A 57 -2.19 -12.71 -10.71
C ASN A 57 -3.64 -12.25 -10.59
N TYR A 58 -3.98 -11.75 -9.41
CA TYR A 58 -5.32 -11.27 -9.15
C TYR A 58 -5.30 -9.93 -8.41
N VAL A 59 -4.10 -9.36 -8.32
CA VAL A 59 -3.94 -8.09 -7.65
C VAL A 59 -3.19 -7.13 -8.59
N GLU A 60 -3.36 -5.83 -8.31
CA GLU A 60 -2.71 -4.81 -9.11
C GLU A 60 -1.95 -3.84 -8.20
N LYS A 61 -0.65 -3.73 -8.46
CA LYS A 61 0.20 -2.85 -7.68
C LYS A 61 -0.30 -1.41 -7.84
N MET A 62 -1.07 -0.98 -6.85
CA MET A 62 -1.62 0.36 -6.86
C MET A 62 -0.51 1.41 -6.75
N PRO A 63 -0.84 2.64 -7.21
CA PRO A 63 0.12 3.74 -7.17
C PRO A 63 0.29 4.27 -5.74
N SER A 64 1.38 3.85 -5.12
CA SER A 64 1.68 4.27 -3.76
C SER A 64 3.14 4.72 -3.66
N SER A 65 4.01 3.90 -4.23
CA SER A 65 5.44 4.19 -4.21
C SER A 65 6.01 4.13 -5.63
N GLU A 66 6.08 5.30 -6.25
CA GLU A 66 6.61 5.40 -7.60
C GLU A 66 7.19 6.80 -7.84
N ASN A 67 6.44 7.80 -7.41
CA ASN A 67 6.87 9.18 -7.58
C ASN A 67 7.56 9.65 -6.29
N GLU A 68 8.76 10.18 -6.47
CA GLU A 68 9.54 10.66 -5.34
C GLU A 68 10.63 11.61 -5.82
N LYS A 69 10.94 12.58 -4.96
CA LYS A 69 11.97 13.56 -5.29
C LYS A 69 13.35 12.96 -5.00
N ALA A 70 14.30 13.29 -5.87
CA ALA A 70 15.66 12.80 -5.72
C ALA A 70 16.52 13.35 -6.85
N VAL A 71 17.32 14.35 -6.50
CA VAL A 71 18.19 14.98 -7.47
C VAL A 71 19.34 14.02 -7.82
N SER A 72 19.95 14.26 -8.96
CA SER A 72 21.05 13.43 -9.42
C SER A 72 22.37 14.20 -9.31
N PRO A 73 23.47 13.43 -9.08
CA PRO A 73 24.79 14.03 -8.96
C PRO A 73 25.33 14.45 -10.33
N LYS A 74 24.86 15.60 -10.78
CA LYS A 74 25.28 16.13 -12.07
C LYS A 74 26.68 16.74 -11.94
N LYS A 75 27.65 16.05 -12.51
CA LYS A 75 29.03 16.51 -12.45
C LYS A 75 29.68 16.31 -13.82
N ALA A 76 30.90 16.80 -13.94
CA ALA A 76 31.64 16.69 -15.18
C ALA A 76 33.09 16.28 -14.88
N LEU A 77 33.69 15.60 -15.84
CA LEU A 77 35.06 15.14 -15.69
C LEU A 77 35.78 15.26 -17.04
N LEU A 78 36.96 15.88 -16.99
CA LEU A 78 37.75 16.07 -18.19
C LEU A 78 38.99 15.19 -18.12
N PRO A 79 39.46 14.74 -19.31
CA PRO A 79 40.62 13.88 -19.39
C PRO A 79 41.91 14.69 -19.17
N PRO A 80 43.05 13.95 -19.08
CA PRO A 80 44.33 14.59 -18.86
C PRO A 80 44.83 15.27 -20.13
N THR A 81 46.04 15.82 -20.05
CA THR A 81 46.63 16.50 -21.18
C THR A 81 47.89 15.77 -21.64
N VAL A 82 47.90 15.42 -22.92
CA VAL A 82 49.04 14.71 -23.49
C VAL A 82 49.98 15.73 -24.14
N SER A 83 51.27 15.40 -24.08
CA SER A 83 52.29 16.26 -24.65
C SER A 83 52.99 15.56 -25.81
N LEU A 84 53.78 16.33 -26.54
CA LEU A 84 54.51 15.79 -27.68
C LEU A 84 55.95 15.48 -27.25
N SER A 85 56.61 14.66 -28.06
CA SER A 85 57.98 14.28 -27.77
C SER A 85 58.78 14.20 -29.08
N ALA A 86 60.09 14.18 -28.92
CA ALA A 86 60.99 14.11 -30.07
C ALA A 86 61.83 12.85 -29.98
N THR A 87 62.57 12.58 -31.05
CA THR A 87 63.43 11.41 -31.10
C THR A 87 64.57 11.62 -32.10
N SER A 88 65.67 10.94 -31.85
CA SER A 88 66.83 11.05 -32.72
C SER A 88 67.31 9.66 -33.12
N GLY A 89 68.31 9.63 -33.99
CA GLY A 89 68.86 8.38 -34.46
C GLY A 89 70.34 8.54 -34.85
N PRO A 90 71.23 8.02 -33.97
CA PRO A 90 72.66 8.10 -34.21
C PRO A 90 73.09 7.11 -35.29
N SER A 91 74.39 7.11 -35.56
CA SER A 91 74.95 6.22 -36.57
C SER A 91 76.39 5.88 -36.22
N SER A 92 76.96 4.99 -37.01
CA SER A 92 78.34 4.56 -36.80
C SER A 92 78.71 3.48 -37.81
N GLY A 93 80.01 3.17 -37.86
CA GLY A 93 80.51 2.16 -38.77
C GLY A 93 81.32 1.11 -38.01
N GLY A 1 8.18 -3.85 10.59
CA GLY A 1 8.43 -2.52 11.12
C GLY A 1 7.14 -1.87 11.64
N SER A 2 6.99 -0.60 11.33
CA SER A 2 5.81 0.14 11.76
C SER A 2 4.93 0.44 10.54
N SER A 3 5.51 1.13 9.57
CA SER A 3 4.79 1.48 8.37
C SER A 3 5.73 1.51 7.17
N GLY A 4 5.64 0.49 6.34
CA GLY A 4 6.48 0.39 5.16
C GLY A 4 6.05 -0.78 4.28
N SER A 5 4.79 -0.73 3.84
CA SER A 5 4.25 -1.76 2.99
C SER A 5 4.01 -1.22 1.59
N SER A 6 3.36 -2.03 0.77
CA SER A 6 3.06 -1.64 -0.60
C SER A 6 1.55 -1.47 -0.78
N GLY A 7 0.83 -2.55 -0.54
CA GLY A 7 -0.62 -2.53 -0.66
C GLY A 7 -1.05 -2.97 -2.07
N TYR A 8 -1.90 -3.98 -2.10
CA TYR A 8 -2.40 -4.50 -3.37
C TYR A 8 -3.93 -4.46 -3.42
N ARG A 9 -4.44 -4.19 -4.60
CA ARG A 9 -5.88 -4.12 -4.79
C ARG A 9 -6.36 -5.34 -5.58
N ALA A 10 -7.33 -6.04 -5.01
CA ALA A 10 -7.89 -7.21 -5.64
C ALA A 10 -8.55 -6.81 -6.96
N LEU A 11 -8.03 -7.37 -8.04
CA LEU A 11 -8.56 -7.09 -9.37
C LEU A 11 -9.92 -7.75 -9.53
N TYR A 12 -9.99 -8.99 -9.06
CA TYR A 12 -11.22 -9.76 -9.15
C TYR A 12 -11.60 -10.34 -7.79
N PRO A 13 -12.92 -10.65 -7.63
CA PRO A 13 -13.42 -11.21 -6.39
C PRO A 13 -13.03 -12.69 -6.27
N PHE A 14 -12.00 -12.92 -5.47
CA PHE A 14 -11.52 -14.28 -5.26
C PHE A 14 -11.87 -14.77 -3.85
N GLU A 15 -12.07 -16.07 -3.75
CA GLU A 15 -12.41 -16.67 -2.47
C GLU A 15 -11.50 -17.88 -2.19
N ALA A 16 -10.87 -17.84 -1.02
CA ALA A 16 -9.98 -18.91 -0.62
C ALA A 16 -10.67 -20.27 -0.83
N ARG A 17 -10.20 -20.99 -1.83
CA ARG A 17 -10.77 -22.29 -2.14
C ARG A 17 -10.36 -23.32 -1.08
N ASN A 18 -9.14 -23.16 -0.59
CA ASN A 18 -8.61 -24.06 0.43
C ASN A 18 -7.23 -23.58 0.87
N HIS A 19 -6.70 -24.24 1.88
CA HIS A 19 -5.39 -23.89 2.42
C HIS A 19 -5.49 -22.56 3.17
N ASP A 20 -4.34 -21.91 3.30
CA ASP A 20 -4.28 -20.64 4.00
C ASP A 20 -4.46 -19.51 2.99
N GLU A 21 -5.50 -19.64 2.17
CA GLU A 21 -5.80 -18.64 1.16
C GLU A 21 -6.67 -17.53 1.77
N MET A 22 -6.55 -16.35 1.17
CA MET A 22 -7.31 -15.20 1.63
C MET A 22 -8.47 -14.89 0.68
N SER A 23 -9.55 -14.39 1.25
CA SER A 23 -10.73 -14.05 0.46
C SER A 23 -10.94 -12.54 0.47
N PHE A 24 -11.36 -12.03 -0.67
CA PHE A 24 -11.61 -10.60 -0.81
C PHE A 24 -12.43 -10.30 -2.06
N ASN A 25 -12.88 -9.05 -2.14
CA ASN A 25 -13.69 -8.63 -3.28
C ASN A 25 -12.96 -7.51 -4.02
N SER A 26 -13.33 -7.34 -5.28
CA SER A 26 -12.72 -6.30 -6.11
C SER A 26 -12.98 -4.93 -5.50
N GLY A 27 -11.97 -4.08 -5.56
CA GLY A 27 -12.07 -2.74 -5.01
C GLY A 27 -11.56 -2.69 -3.58
N ASP A 28 -10.96 -3.79 -3.16
CA ASP A 28 -10.42 -3.88 -1.81
C ASP A 28 -8.92 -3.57 -1.84
N ILE A 29 -8.50 -2.75 -0.88
CA ILE A 29 -7.11 -2.36 -0.78
C ILE A 29 -6.41 -3.23 0.27
N ILE A 30 -5.80 -4.31 -0.20
CA ILE A 30 -5.10 -5.23 0.68
C ILE A 30 -3.74 -4.64 1.04
N GLN A 31 -3.33 -4.87 2.28
CA GLN A 31 -2.06 -4.38 2.76
C GLN A 31 -1.00 -5.49 2.72
N VAL A 32 -0.33 -5.58 1.57
CA VAL A 32 0.69 -6.59 1.39
C VAL A 32 1.95 -6.19 2.17
N ASP A 33 2.33 -7.06 3.10
CA ASP A 33 3.50 -6.81 3.92
C ASP A 33 4.72 -7.46 3.28
N GLU A 34 5.22 -6.83 2.23
CA GLU A 34 6.37 -7.35 1.51
C GLU A 34 7.42 -7.87 2.50
N LYS A 35 7.42 -7.27 3.68
CA LYS A 35 8.35 -7.66 4.73
C LYS A 35 8.22 -9.16 4.99
N THR A 36 6.99 -9.58 5.26
CA THR A 36 6.71 -10.98 5.53
C THR A 36 7.30 -11.86 4.43
N VAL A 37 8.03 -12.88 4.86
CA VAL A 37 8.66 -13.80 3.92
C VAL A 37 7.69 -14.95 3.64
N GLY A 38 7.89 -15.58 2.49
CA GLY A 38 7.05 -16.70 2.09
C GLY A 38 7.33 -17.09 0.63
N GLU A 39 6.43 -17.92 0.09
CA GLU A 39 6.56 -18.37 -1.27
C GLU A 39 6.85 -17.18 -2.20
N PRO A 40 7.45 -17.50 -3.38
CA PRO A 40 7.76 -16.48 -4.36
C PRO A 40 6.51 -16.00 -5.09
N GLY A 41 5.76 -16.96 -5.62
CA GLY A 41 4.54 -16.64 -6.34
C GLY A 41 3.35 -16.53 -5.38
N TRP A 42 3.59 -15.81 -4.29
CA TRP A 42 2.55 -15.61 -3.29
C TRP A 42 2.85 -14.31 -2.54
N LEU A 43 1.82 -13.52 -2.36
CA LEU A 43 1.97 -12.25 -1.65
C LEU A 43 1.00 -12.22 -0.47
N TYR A 44 1.56 -12.06 0.72
CA TYR A 44 0.77 -12.00 1.93
C TYR A 44 0.22 -10.59 2.17
N GLY A 45 -1.05 -10.53 2.50
CA GLY A 45 -1.70 -9.25 2.75
C GLY A 45 -2.72 -9.37 3.89
N SER A 46 -3.08 -8.22 4.45
CA SER A 46 -4.04 -8.19 5.53
C SER A 46 -5.24 -7.32 5.14
N PHE A 47 -6.39 -7.98 5.07
CA PHE A 47 -7.63 -7.29 4.71
C PHE A 47 -8.72 -7.56 5.74
N GLN A 48 -9.83 -6.84 5.57
CA GLN A 48 -10.96 -6.99 6.47
C GLN A 48 -11.09 -8.44 6.92
N GLY A 49 -10.80 -8.68 8.19
CA GLY A 49 -10.89 -10.02 8.74
C GLY A 49 -10.46 -11.06 7.72
N ASN A 50 -9.50 -10.68 6.89
CA ASN A 50 -8.99 -11.56 5.87
C ASN A 50 -7.46 -11.52 5.87
N PHE A 51 -6.87 -12.65 6.26
CA PHE A 51 -5.42 -12.75 6.32
C PHE A 51 -4.95 -14.12 5.79
N GLY A 52 -4.37 -14.08 4.61
CA GLY A 52 -3.86 -15.30 4.00
C GLY A 52 -2.89 -14.98 2.86
N TRP A 53 -2.55 -16.02 2.11
CA TRP A 53 -1.64 -15.86 0.99
C TRP A 53 -2.44 -16.05 -0.31
N PHE A 54 -2.21 -15.13 -1.23
CA PHE A 54 -2.90 -15.17 -2.51
C PHE A 54 -1.90 -15.20 -3.68
N PRO A 55 -2.40 -15.65 -4.85
CA PRO A 55 -1.57 -15.73 -6.03
C PRO A 55 -1.33 -14.34 -6.63
N CYS A 56 -0.07 -14.07 -6.95
CA CYS A 56 0.31 -12.80 -7.52
C CYS A 56 -0.25 -12.71 -8.94
N ASN A 57 -1.58 -12.63 -9.01
CA ASN A 57 -2.26 -12.55 -10.29
C ASN A 57 -3.56 -11.76 -10.12
N TYR A 58 -4.31 -12.16 -9.10
CA TYR A 58 -5.58 -11.49 -8.82
C TYR A 58 -5.37 -10.26 -7.96
N VAL A 59 -4.40 -9.46 -8.34
CA VAL A 59 -4.09 -8.24 -7.61
C VAL A 59 -3.39 -7.25 -8.55
N GLU A 60 -3.35 -5.99 -8.11
CA GLU A 60 -2.71 -4.95 -8.90
C GLU A 60 -1.92 -4.02 -7.99
N LYS A 61 -0.62 -4.29 -7.89
CA LYS A 61 0.26 -3.49 -7.06
C LYS A 61 0.00 -2.01 -7.35
N MET A 62 -0.63 -1.35 -6.39
CA MET A 62 -0.94 0.05 -6.53
C MET A 62 0.27 0.92 -6.12
N PRO A 63 0.24 2.20 -6.59
CA PRO A 63 1.31 3.13 -6.28
C PRO A 63 1.21 3.62 -4.83
N SER A 64 1.96 4.67 -4.55
CA SER A 64 1.96 5.25 -3.21
C SER A 64 2.41 4.21 -2.20
N SER A 65 3.73 4.04 -2.11
CA SER A 65 4.29 3.08 -1.18
C SER A 65 5.73 3.46 -0.84
N GLU A 66 5.86 4.31 0.18
CA GLU A 66 7.17 4.77 0.60
C GLU A 66 7.89 5.49 -0.54
N ASN A 67 7.61 6.79 -0.64
CA ASN A 67 8.21 7.60 -1.68
C ASN A 67 8.31 9.05 -1.19
N GLU A 68 9.26 9.77 -1.76
CA GLU A 68 9.49 11.15 -1.39
C GLU A 68 10.55 11.78 -2.30
N LYS A 69 10.29 13.02 -2.69
CA LYS A 69 11.22 13.74 -3.55
C LYS A 69 12.60 13.78 -2.89
N ALA A 70 13.56 13.17 -3.57
CA ALA A 70 14.92 13.12 -3.06
C ALA A 70 15.90 13.05 -4.24
N VAL A 71 15.88 14.11 -5.04
CA VAL A 71 16.75 14.18 -6.20
C VAL A 71 17.92 15.12 -5.89
N SER A 72 19.00 14.95 -6.66
CA SER A 72 20.18 15.76 -6.46
C SER A 72 20.36 16.70 -7.67
N PRO A 73 19.96 17.98 -7.46
CA PRO A 73 20.08 18.99 -8.51
C PRO A 73 21.53 19.43 -8.69
N LYS A 74 21.75 20.22 -9.73
CA LYS A 74 23.08 20.72 -10.03
C LYS A 74 23.99 19.54 -10.40
N LYS A 75 24.21 19.39 -11.68
CA LYS A 75 25.06 18.31 -12.17
C LYS A 75 26.46 18.85 -12.45
N ALA A 76 27.42 17.94 -12.45
CA ALA A 76 28.81 18.32 -12.69
C ALA A 76 29.19 17.93 -14.12
N LEU A 77 30.21 18.61 -14.63
CA LEU A 77 30.68 18.35 -15.98
C LEU A 77 32.04 19.03 -16.18
N LEU A 78 32.76 18.56 -17.19
CA LEU A 78 34.06 19.10 -17.49
C LEU A 78 34.19 19.29 -19.01
N PRO A 79 35.12 20.21 -19.38
CA PRO A 79 35.35 20.49 -20.79
C PRO A 79 36.14 19.37 -21.46
N PRO A 80 35.95 19.25 -22.80
CA PRO A 80 36.64 18.24 -23.57
C PRO A 80 38.12 18.59 -23.77
N THR A 81 38.87 17.63 -24.28
CA THR A 81 40.29 17.82 -24.52
C THR A 81 40.84 16.70 -25.40
N VAL A 82 41.36 17.11 -26.56
CA VAL A 82 41.92 16.16 -27.50
C VAL A 82 42.60 16.92 -28.64
N SER A 83 43.32 16.17 -29.47
CA SER A 83 44.01 16.76 -30.60
C SER A 83 44.70 15.67 -31.41
N LEU A 84 44.44 15.68 -32.71
CA LEU A 84 45.03 14.70 -33.60
C LEU A 84 44.97 15.22 -35.03
N SER A 85 46.16 15.36 -35.63
CA SER A 85 46.26 15.85 -36.99
C SER A 85 47.06 14.87 -37.84
N ALA A 86 46.70 14.82 -39.11
CA ALA A 86 47.38 13.92 -40.04
C ALA A 86 47.03 14.32 -41.48
N THR A 87 47.74 13.72 -42.41
CA THR A 87 47.52 14.00 -43.82
C THR A 87 48.31 13.03 -44.70
N SER A 88 47.73 12.71 -45.84
CA SER A 88 48.36 11.80 -46.78
C SER A 88 47.73 11.92 -48.16
N GLY A 89 48.50 11.54 -49.17
CA GLY A 89 48.02 11.61 -50.54
C GLY A 89 49.10 11.16 -51.52
N PRO A 90 49.01 9.86 -51.92
CA PRO A 90 49.98 9.29 -52.85
C PRO A 90 49.71 9.78 -54.27
N SER A 91 50.56 9.31 -55.19
CA SER A 91 50.43 9.69 -56.58
C SER A 91 50.79 8.51 -57.47
N SER A 92 50.56 8.69 -58.77
CA SER A 92 50.85 7.65 -59.74
C SER A 92 51.01 8.27 -61.13
N GLY A 93 51.46 7.44 -62.06
CA GLY A 93 51.66 7.89 -63.42
C GLY A 93 50.35 8.37 -64.04
N GLY A 1 18.75 -0.92 0.05
CA GLY A 1 17.45 -1.00 -0.59
C GLY A 1 16.39 -0.26 0.25
N SER A 2 15.15 -0.39 -0.18
CA SER A 2 14.05 0.25 0.51
C SER A 2 12.88 -0.73 0.66
N SER A 3 12.87 -1.40 1.81
CA SER A 3 11.82 -2.36 2.09
C SER A 3 11.05 -1.95 3.36
N GLY A 4 9.93 -2.61 3.58
CA GLY A 4 9.11 -2.33 4.74
C GLY A 4 7.72 -2.97 4.60
N SER A 5 6.88 -2.31 3.81
CA SER A 5 5.54 -2.79 3.58
C SER A 5 4.97 -2.19 2.29
N SER A 6 3.93 -2.83 1.78
CA SER A 6 3.30 -2.37 0.56
C SER A 6 1.82 -2.77 0.54
N GLY A 7 1.09 -2.18 -0.39
CA GLY A 7 -0.34 -2.47 -0.50
C GLY A 7 -0.69 -2.86 -1.94
N TYR A 8 -1.73 -3.67 -2.07
CA TYR A 8 -2.18 -4.11 -3.38
C TYR A 8 -3.71 -4.12 -3.45
N ARG A 9 -4.22 -3.81 -4.64
CA ARG A 9 -5.65 -3.78 -4.86
C ARG A 9 -6.08 -5.01 -5.66
N ALA A 10 -7.09 -5.69 -5.13
CA ALA A 10 -7.62 -6.87 -5.78
C ALA A 10 -8.39 -6.47 -7.03
N LEU A 11 -8.06 -7.13 -8.14
CA LEU A 11 -8.71 -6.84 -9.40
C LEU A 11 -10.04 -7.60 -9.45
N TYR A 12 -9.97 -8.89 -9.17
CA TYR A 12 -11.15 -9.73 -9.20
C TYR A 12 -11.39 -10.38 -7.83
N PRO A 13 -12.65 -10.80 -7.60
CA PRO A 13 -13.02 -11.44 -6.35
C PRO A 13 -12.50 -12.87 -6.29
N PHE A 14 -11.68 -13.13 -5.27
CA PHE A 14 -11.11 -14.45 -5.09
C PHE A 14 -11.65 -15.11 -3.82
N GLU A 15 -11.74 -16.43 -3.87
CA GLU A 15 -12.24 -17.19 -2.74
C GLU A 15 -11.08 -17.89 -2.01
N ALA A 16 -11.32 -18.21 -0.75
CA ALA A 16 -10.32 -18.88 0.04
C ALA A 16 -10.79 -20.29 0.40
N ARG A 17 -10.05 -21.28 -0.07
CA ARG A 17 -10.39 -22.66 0.19
C ARG A 17 -10.19 -22.99 1.67
N ASN A 18 -9.21 -22.33 2.27
CA ASN A 18 -8.91 -22.54 3.67
C ASN A 18 -8.38 -21.24 4.28
N HIS A 19 -8.30 -21.22 5.60
CA HIS A 19 -7.81 -20.06 6.31
C HIS A 19 -6.49 -19.59 5.69
N ASP A 20 -5.66 -20.56 5.36
CA ASP A 20 -4.37 -20.27 4.76
C ASP A 20 -4.56 -19.32 3.58
N GLU A 21 -5.72 -19.43 2.95
CA GLU A 21 -6.04 -18.60 1.81
C GLU A 21 -6.87 -17.39 2.26
N MET A 22 -6.67 -16.28 1.56
CA MET A 22 -7.39 -15.06 1.88
C MET A 22 -8.55 -14.84 0.89
N SER A 23 -9.64 -14.31 1.42
CA SER A 23 -10.81 -14.04 0.60
C SER A 23 -11.05 -12.54 0.52
N PHE A 24 -11.12 -12.04 -0.70
CA PHE A 24 -11.35 -10.63 -0.93
C PHE A 24 -12.23 -10.40 -2.16
N ASN A 25 -12.68 -9.16 -2.31
CA ASN A 25 -13.53 -8.81 -3.44
C ASN A 25 -12.92 -7.60 -4.17
N SER A 26 -12.94 -7.68 -5.49
CA SER A 26 -12.40 -6.60 -6.30
C SER A 26 -12.78 -5.25 -5.71
N GLY A 27 -11.77 -4.41 -5.56
CA GLY A 27 -11.98 -3.08 -5.00
C GLY A 27 -11.73 -3.06 -3.49
N ASP A 28 -10.61 -3.67 -3.10
CA ASP A 28 -10.24 -3.74 -1.71
C ASP A 28 -8.72 -3.65 -1.58
N ILE A 29 -8.28 -2.71 -0.76
CA ILE A 29 -6.86 -2.50 -0.54
C ILE A 29 -6.32 -3.62 0.36
N ILE A 30 -5.27 -4.26 -0.12
CA ILE A 30 -4.65 -5.36 0.64
C ILE A 30 -3.23 -4.95 1.04
N GLN A 31 -2.95 -5.12 2.32
CA GLN A 31 -1.63 -4.79 2.84
C GLN A 31 -0.67 -5.96 2.67
N VAL A 32 0.05 -5.94 1.56
CA VAL A 32 1.01 -6.99 1.26
C VAL A 32 2.25 -6.81 2.14
N ASP A 33 2.40 -7.73 3.08
CA ASP A 33 3.54 -7.69 4.00
C ASP A 33 4.78 -8.20 3.27
N GLU A 34 5.41 -7.28 2.54
CA GLU A 34 6.61 -7.62 1.79
C GLU A 34 7.59 -8.40 2.68
N LYS A 35 7.73 -7.92 3.91
CA LYS A 35 8.62 -8.55 4.87
C LYS A 35 8.35 -10.05 4.90
N THR A 36 7.09 -10.39 5.18
CA THR A 36 6.69 -11.79 5.24
C THR A 36 6.89 -12.45 3.88
N VAL A 37 7.62 -13.56 3.91
CA VAL A 37 7.89 -14.31 2.69
C VAL A 37 7.72 -15.80 2.96
N GLY A 38 7.43 -16.53 1.90
CA GLY A 38 7.23 -17.97 2.00
C GLY A 38 7.27 -18.63 0.63
N GLU A 39 6.07 -18.92 0.12
CA GLU A 39 5.94 -19.54 -1.19
C GLU A 39 6.58 -18.66 -2.27
N PRO A 40 6.82 -19.29 -3.44
CA PRO A 40 7.41 -18.58 -4.57
C PRO A 40 6.39 -17.65 -5.23
N GLY A 41 5.59 -18.24 -6.09
CA GLY A 41 4.56 -17.48 -6.80
C GLY A 41 3.33 -17.26 -5.92
N TRP A 42 3.57 -16.69 -4.75
CA TRP A 42 2.49 -16.43 -3.81
C TRP A 42 2.82 -15.12 -3.07
N LEU A 43 1.76 -14.38 -2.76
CA LEU A 43 1.93 -13.12 -2.05
C LEU A 43 1.01 -13.11 -0.83
N TYR A 44 1.59 -12.71 0.30
CA TYR A 44 0.85 -12.65 1.54
C TYR A 44 0.42 -11.21 1.86
N GLY A 45 -0.78 -11.10 2.39
CA GLY A 45 -1.32 -9.79 2.74
C GLY A 45 -2.39 -9.90 3.82
N SER A 46 -2.58 -8.81 4.55
CA SER A 46 -3.56 -8.78 5.61
C SER A 46 -4.68 -7.79 5.27
N PHE A 47 -5.87 -8.34 5.09
CA PHE A 47 -7.02 -7.52 4.75
C PHE A 47 -8.06 -7.53 5.89
N GLN A 48 -9.07 -6.69 5.74
CA GLN A 48 -10.12 -6.60 6.73
C GLN A 48 -10.40 -7.97 7.33
N GLY A 49 -10.02 -8.11 8.60
CA GLY A 49 -10.23 -9.37 9.31
C GLY A 49 -10.05 -10.56 8.36
N ASN A 50 -9.09 -10.42 7.45
CA ASN A 50 -8.81 -11.47 6.49
C ASN A 50 -7.31 -11.59 6.29
N PHE A 51 -6.78 -12.77 6.60
CA PHE A 51 -5.37 -13.03 6.46
C PHE A 51 -5.11 -14.39 5.82
N GLY A 52 -4.62 -14.34 4.59
CA GLY A 52 -4.33 -15.56 3.85
C GLY A 52 -3.26 -15.31 2.78
N TRP A 53 -3.05 -16.33 1.96
CA TRP A 53 -2.06 -16.24 0.89
C TRP A 53 -2.81 -16.21 -0.44
N PHE A 54 -2.44 -15.25 -1.27
CA PHE A 54 -3.06 -15.10 -2.58
C PHE A 54 -2.03 -15.23 -3.70
N PRO A 55 -2.54 -15.50 -4.93
CA PRO A 55 -1.67 -15.63 -6.09
C PRO A 55 -1.16 -14.27 -6.56
N CYS A 56 0.09 -14.26 -7.01
CA CYS A 56 0.70 -13.04 -7.50
C CYS A 56 0.33 -12.87 -8.97
N ASN A 57 -0.97 -12.84 -9.23
CA ASN A 57 -1.46 -12.68 -10.58
C ASN A 57 -2.96 -12.35 -10.54
N TYR A 58 -3.35 -11.66 -9.49
CA TYR A 58 -4.75 -11.28 -9.32
C TYR A 58 -4.87 -9.83 -8.88
N VAL A 59 -3.98 -9.44 -7.96
CA VAL A 59 -3.98 -8.08 -7.44
C VAL A 59 -3.34 -7.16 -8.47
N GLU A 60 -3.43 -5.87 -8.19
CA GLU A 60 -2.85 -4.87 -9.08
C GLU A 60 -2.09 -3.81 -8.27
N LYS A 61 -0.78 -3.97 -8.23
CA LYS A 61 0.06 -3.03 -7.51
C LYS A 61 -0.45 -1.61 -7.72
N MET A 62 -1.17 -1.12 -6.72
CA MET A 62 -1.71 0.23 -6.80
C MET A 62 -0.60 1.27 -6.80
N PRO A 63 -0.96 2.49 -7.32
CA PRO A 63 0.00 3.58 -7.38
C PRO A 63 0.24 4.19 -5.99
N SER A 64 1.48 4.61 -5.77
CA SER A 64 1.85 5.21 -4.50
C SER A 64 2.06 6.71 -4.68
N SER A 65 1.09 7.47 -4.19
CA SER A 65 1.16 8.93 -4.29
C SER A 65 -0.05 9.56 -3.60
N GLU A 66 0.02 9.61 -2.28
CA GLU A 66 -1.07 10.18 -1.49
C GLU A 66 -0.50 11.07 -0.38
N ASN A 67 -0.87 12.34 -0.44
CA ASN A 67 -0.41 13.30 0.54
C ASN A 67 -1.61 13.98 1.19
N GLU A 68 -1.55 14.12 2.50
CA GLU A 68 -2.63 14.74 3.25
C GLU A 68 -2.23 16.16 3.65
N LYS A 69 -2.70 17.13 2.87
CA LYS A 69 -2.41 18.52 3.13
C LYS A 69 -3.47 19.39 2.48
N ALA A 70 -4.08 20.25 3.29
CA ALA A 70 -5.11 21.14 2.81
C ALA A 70 -4.58 22.57 2.79
N VAL A 71 -3.91 22.92 1.70
CA VAL A 71 -3.36 24.25 1.55
C VAL A 71 -3.65 24.77 0.14
N SER A 72 -4.04 26.04 0.08
CA SER A 72 -4.36 26.66 -1.19
C SER A 72 -3.37 27.79 -1.47
N PRO A 73 -3.19 28.09 -2.80
CA PRO A 73 -2.27 29.14 -3.21
C PRO A 73 -2.89 30.52 -2.95
N LYS A 74 -2.11 31.36 -2.30
CA LYS A 74 -2.56 32.71 -1.99
C LYS A 74 -3.81 32.64 -1.12
N LYS A 75 -3.66 33.05 0.13
CA LYS A 75 -4.76 33.03 1.07
C LYS A 75 -5.70 34.20 0.75
N ALA A 76 -6.87 33.84 0.23
CA ALA A 76 -7.87 34.85 -0.12
C ALA A 76 -8.22 35.66 1.13
N LEU A 77 -8.11 36.97 0.98
CA LEU A 77 -8.41 37.88 2.08
C LEU A 77 -9.92 38.04 2.21
N LEU A 78 -10.38 38.18 3.44
CA LEU A 78 -11.79 38.34 3.71
C LEU A 78 -12.09 39.82 3.95
N PRO A 79 -13.34 40.22 3.59
CA PRO A 79 -13.77 41.59 3.76
C PRO A 79 -14.07 41.89 5.23
N PRO A 80 -14.26 43.21 5.52
CA PRO A 80 -14.54 43.65 6.88
C PRO A 80 -15.98 43.32 7.26
N THR A 81 -16.25 43.33 8.56
CA THR A 81 -17.58 43.04 9.07
C THR A 81 -17.90 43.93 10.27
N VAL A 82 -19.18 44.21 10.43
CA VAL A 82 -19.63 45.04 11.53
C VAL A 82 -20.95 44.50 12.08
N SER A 83 -21.41 45.12 13.15
CA SER A 83 -22.66 44.70 13.77
C SER A 83 -23.17 45.80 14.71
N LEU A 84 -24.40 45.64 15.14
CA LEU A 84 -25.02 46.60 16.03
C LEU A 84 -26.08 45.91 16.90
N SER A 85 -26.60 46.66 17.86
CA SER A 85 -27.61 46.13 18.75
C SER A 85 -28.52 47.25 19.24
N ALA A 86 -29.65 46.85 19.82
CA ALA A 86 -30.61 47.80 20.33
C ALA A 86 -31.37 47.19 21.51
N THR A 87 -31.65 48.02 22.50
CA THR A 87 -32.36 47.57 23.68
C THR A 87 -33.81 48.07 23.65
N SER A 88 -34.55 47.70 24.68
CA SER A 88 -35.95 48.10 24.79
C SER A 88 -36.43 47.92 26.23
N GLY A 89 -37.33 48.81 26.63
CA GLY A 89 -37.88 48.76 27.97
C GLY A 89 -39.40 48.56 27.93
N PRO A 90 -39.92 47.90 29.00
CA PRO A 90 -41.34 47.64 29.10
C PRO A 90 -42.11 48.91 29.47
N SER A 91 -43.40 48.74 29.70
CA SER A 91 -44.25 49.86 30.06
C SER A 91 -45.30 49.42 31.09
N SER A 92 -45.91 50.40 31.73
CA SER A 92 -46.91 50.13 32.74
C SER A 92 -48.28 50.65 32.27
N GLY A 93 -49.31 50.23 32.98
CA GLY A 93 -50.67 50.65 32.65
C GLY A 93 -51.50 49.46 32.15
N GLY A 1 2.83 2.56 14.05
CA GLY A 1 2.57 2.85 12.65
C GLY A 1 3.86 3.18 11.91
N SER A 2 3.72 3.54 10.65
CA SER A 2 4.87 3.89 9.83
C SER A 2 5.81 2.69 9.72
N SER A 3 6.04 2.27 8.48
CA SER A 3 6.91 1.15 8.22
C SER A 3 7.32 1.12 6.74
N GLY A 4 6.32 0.98 5.89
CA GLY A 4 6.55 0.94 4.45
C GLY A 4 5.40 0.25 3.73
N SER A 5 5.51 -1.06 3.62
CA SER A 5 4.49 -1.85 2.95
C SER A 5 4.31 -1.36 1.52
N SER A 6 3.55 -2.14 0.75
CA SER A 6 3.30 -1.80 -0.65
C SER A 6 1.80 -1.64 -0.88
N GLY A 7 1.05 -2.65 -0.44
CA GLY A 7 -0.40 -2.62 -0.60
C GLY A 7 -0.79 -2.98 -2.03
N TYR A 8 -1.86 -3.76 -2.13
CA TYR A 8 -2.36 -4.18 -3.43
C TYR A 8 -3.90 -4.24 -3.44
N ARG A 9 -4.46 -3.88 -4.59
CA ARG A 9 -5.90 -3.88 -4.73
C ARG A 9 -6.36 -5.12 -5.52
N ALA A 10 -7.31 -5.83 -4.95
CA ALA A 10 -7.82 -7.03 -5.59
C ALA A 10 -8.47 -6.66 -6.93
N LEU A 11 -7.87 -7.17 -8.00
CA LEU A 11 -8.36 -6.90 -9.33
C LEU A 11 -9.74 -7.54 -9.50
N TYR A 12 -9.80 -8.83 -9.17
CA TYR A 12 -11.05 -9.58 -9.28
C TYR A 12 -11.41 -10.23 -7.95
N PRO A 13 -12.71 -10.60 -7.83
CA PRO A 13 -13.20 -11.25 -6.63
C PRO A 13 -12.75 -12.71 -6.56
N PHE A 14 -11.89 -12.99 -5.58
CA PHE A 14 -11.39 -14.34 -5.41
C PHE A 14 -11.64 -14.84 -3.99
N GLU A 15 -12.18 -16.05 -3.91
CA GLU A 15 -12.47 -16.66 -2.63
C GLU A 15 -11.38 -17.64 -2.23
N ALA A 16 -11.04 -17.63 -0.94
CA ALA A 16 -10.01 -18.50 -0.43
C ALA A 16 -10.25 -19.93 -0.94
N ARG A 17 -9.32 -20.39 -1.76
CA ARG A 17 -9.41 -21.72 -2.33
C ARG A 17 -8.92 -22.77 -1.32
N ASN A 18 -7.78 -22.46 -0.72
CA ASN A 18 -7.18 -23.36 0.26
C ASN A 18 -7.73 -23.02 1.65
N HIS A 19 -7.06 -23.56 2.66
CA HIS A 19 -7.46 -23.32 4.04
C HIS A 19 -6.71 -22.11 4.58
N ASP A 20 -5.48 -21.95 4.12
CA ASP A 20 -4.65 -20.84 4.56
C ASP A 20 -4.64 -19.75 3.48
N GLU A 21 -5.80 -19.57 2.86
CA GLU A 21 -5.94 -18.58 1.82
C GLU A 21 -6.74 -17.38 2.33
N MET A 22 -6.88 -16.39 1.47
CA MET A 22 -7.62 -15.19 1.82
C MET A 22 -8.85 -15.02 0.92
N SER A 23 -9.79 -14.21 1.39
CA SER A 23 -11.01 -13.95 0.64
C SER A 23 -11.28 -12.44 0.59
N PHE A 24 -11.38 -11.95 -0.64
CA PHE A 24 -11.63 -10.53 -0.84
C PHE A 24 -12.38 -10.30 -2.16
N ASN A 25 -12.94 -9.10 -2.28
CA ASN A 25 -13.68 -8.73 -3.47
C ASN A 25 -12.93 -7.61 -4.20
N SER A 26 -13.03 -7.64 -5.52
CA SER A 26 -12.38 -6.63 -6.34
C SER A 26 -12.63 -5.23 -5.75
N GLY A 27 -11.57 -4.43 -5.76
CA GLY A 27 -11.66 -3.08 -5.24
C GLY A 27 -11.12 -3.02 -3.81
N ASP A 28 -11.27 -4.12 -3.10
CA ASP A 28 -10.80 -4.20 -1.72
C ASP A 28 -9.29 -3.95 -1.69
N ILE A 29 -8.90 -3.00 -0.84
CA ILE A 29 -7.49 -2.67 -0.72
C ILE A 29 -6.82 -3.65 0.25
N ILE A 30 -5.80 -4.33 -0.27
CA ILE A 30 -5.07 -5.30 0.53
C ILE A 30 -3.71 -4.72 0.90
N GLN A 31 -3.29 -5.04 2.12
CA GLN A 31 -2.00 -4.56 2.61
C GLN A 31 -0.97 -5.69 2.58
N VAL A 32 -0.23 -5.74 1.48
CA VAL A 32 0.79 -6.76 1.30
C VAL A 32 1.99 -6.43 2.19
N ASP A 33 2.70 -7.48 2.58
CA ASP A 33 3.86 -7.31 3.44
C ASP A 33 5.09 -7.85 2.71
N GLU A 34 5.59 -7.06 1.76
CA GLU A 34 6.75 -7.45 1.00
C GLU A 34 7.78 -8.14 1.90
N LYS A 35 7.86 -7.65 3.13
CA LYS A 35 8.80 -8.21 4.10
C LYS A 35 8.57 -9.71 4.20
N THR A 36 7.38 -10.07 4.66
CA THR A 36 7.01 -11.47 4.82
C THR A 36 7.27 -12.23 3.51
N VAL A 37 8.03 -13.30 3.62
CA VAL A 37 8.35 -14.12 2.46
C VAL A 37 8.04 -15.58 2.77
N GLY A 38 7.90 -16.37 1.71
CA GLY A 38 7.60 -17.78 1.86
C GLY A 38 7.43 -18.45 0.50
N GLU A 39 6.17 -18.65 0.12
CA GLU A 39 5.86 -19.27 -1.15
C GLU A 39 6.48 -18.47 -2.30
N PRO A 40 6.53 -19.13 -3.49
CA PRO A 40 7.09 -18.49 -4.67
C PRO A 40 6.13 -17.45 -5.25
N GLY A 41 5.24 -17.92 -6.11
CA GLY A 41 4.25 -17.06 -6.73
C GLY A 41 3.05 -16.83 -5.81
N TRP A 42 3.35 -16.33 -4.62
CA TRP A 42 2.32 -16.06 -3.64
C TRP A 42 2.71 -14.79 -2.87
N LEU A 43 1.71 -13.94 -2.65
CA LEU A 43 1.94 -12.69 -1.93
C LEU A 43 1.03 -12.65 -0.70
N TYR A 44 1.65 -12.44 0.44
CA TYR A 44 0.91 -12.37 1.69
C TYR A 44 0.45 -10.94 1.98
N GLY A 45 -0.81 -10.82 2.36
CA GLY A 45 -1.38 -9.52 2.68
C GLY A 45 -2.44 -9.63 3.76
N SER A 46 -2.72 -8.49 4.40
CA SER A 46 -3.71 -8.46 5.46
C SER A 46 -4.91 -7.62 5.03
N PHE A 47 -6.09 -8.12 5.36
CA PHE A 47 -7.33 -7.44 5.00
C PHE A 47 -8.39 -7.63 6.10
N GLN A 48 -9.49 -6.91 5.93
CA GLN A 48 -10.58 -7.00 6.89
C GLN A 48 -10.71 -8.42 7.43
N GLY A 49 -10.31 -8.59 8.68
CA GLY A 49 -10.37 -9.88 9.32
C GLY A 49 -10.10 -11.01 8.32
N ASN A 50 -9.20 -10.72 7.40
CA ASN A 50 -8.82 -11.68 6.38
C ASN A 50 -7.31 -11.65 6.18
N PHE A 51 -6.66 -12.74 6.59
CA PHE A 51 -5.22 -12.85 6.46
C PHE A 51 -4.83 -14.22 5.90
N GLY A 52 -4.32 -14.20 4.68
CA GLY A 52 -3.89 -15.43 4.02
C GLY A 52 -2.95 -15.12 2.86
N TRP A 53 -2.69 -16.16 2.07
CA TRP A 53 -1.80 -16.02 0.93
C TRP A 53 -2.64 -16.17 -0.34
N PHE A 54 -2.27 -15.38 -1.34
CA PHE A 54 -2.99 -15.42 -2.61
C PHE A 54 -2.01 -15.44 -3.79
N PRO A 55 -2.54 -15.87 -4.96
CA PRO A 55 -1.73 -15.95 -6.16
C PRO A 55 -1.46 -14.56 -6.74
N CYS A 56 -0.18 -14.29 -6.98
CA CYS A 56 0.21 -13.00 -7.53
C CYS A 56 -0.36 -12.89 -8.94
N ASN A 57 -1.62 -12.52 -9.01
CA ASN A 57 -2.30 -12.36 -10.29
C ASN A 57 -3.60 -11.59 -10.09
N TYR A 58 -4.32 -11.97 -9.04
CA TYR A 58 -5.58 -11.32 -8.72
C TYR A 58 -5.36 -10.08 -7.85
N VAL A 59 -4.39 -9.28 -8.25
CA VAL A 59 -4.07 -8.07 -7.51
C VAL A 59 -3.31 -7.11 -8.43
N GLU A 60 -3.35 -5.83 -8.05
CA GLU A 60 -2.68 -4.80 -8.84
C GLU A 60 -1.91 -3.86 -7.92
N LYS A 61 -0.66 -3.63 -8.27
CA LYS A 61 0.19 -2.75 -7.47
C LYS A 61 -0.35 -1.32 -7.57
N MET A 62 -1.09 -0.93 -6.54
CA MET A 62 -1.66 0.41 -6.50
C MET A 62 -0.57 1.47 -6.32
N PRO A 63 -0.92 2.72 -6.73
CA PRO A 63 0.01 3.82 -6.62
C PRO A 63 0.15 4.29 -5.18
N SER A 64 1.38 4.68 -4.83
CA SER A 64 1.66 5.15 -3.48
C SER A 64 2.46 6.45 -3.54
N SER A 65 1.75 7.56 -3.60
CA SER A 65 2.38 8.86 -3.66
C SER A 65 3.16 9.00 -4.96
N GLU A 66 3.12 10.20 -5.53
CA GLU A 66 3.82 10.48 -6.76
C GLU A 66 4.80 11.64 -6.58
N ASN A 67 5.95 11.31 -5.98
CA ASN A 67 6.98 12.31 -5.73
C ASN A 67 7.69 12.63 -7.04
N GLU A 68 8.07 13.89 -7.18
CA GLU A 68 8.77 14.34 -8.38
C GLU A 68 7.89 14.14 -9.61
N LYS A 69 7.61 15.25 -10.30
CA LYS A 69 6.79 15.21 -11.48
C LYS A 69 7.15 16.38 -12.39
N ALA A 70 7.15 16.12 -13.69
CA ALA A 70 7.47 17.15 -14.66
C ALA A 70 6.18 17.68 -15.28
N VAL A 71 6.00 18.99 -15.14
CA VAL A 71 4.81 19.63 -15.68
C VAL A 71 4.90 19.66 -17.22
N SER A 72 3.77 19.35 -17.84
CA SER A 72 3.71 19.34 -19.29
C SER A 72 4.12 20.69 -19.85
N PRO A 73 5.32 20.71 -20.49
CA PRO A 73 5.84 21.94 -21.07
C PRO A 73 5.11 22.28 -22.36
N LYS A 74 5.47 23.43 -22.91
CA LYS A 74 4.85 23.89 -24.15
C LYS A 74 5.82 24.82 -24.89
N LYS A 75 5.96 24.57 -26.18
CA LYS A 75 6.85 25.36 -27.01
C LYS A 75 6.10 25.84 -28.24
N ALA A 76 6.72 26.78 -28.95
CA ALA A 76 6.12 27.33 -30.15
C ALA A 76 7.23 27.79 -31.10
N LEU A 77 6.94 27.69 -32.39
CA LEU A 77 7.90 28.10 -33.41
C LEU A 77 7.23 27.99 -34.79
N LEU A 78 7.30 29.09 -35.52
CA LEU A 78 6.73 29.13 -36.86
C LEU A 78 7.84 29.21 -37.89
N PRO A 79 8.14 28.02 -38.50
CA PRO A 79 9.18 27.95 -39.51
C PRO A 79 8.72 28.55 -40.83
N PRO A 80 9.71 29.01 -41.63
CA PRO A 80 9.42 29.61 -42.92
C PRO A 80 9.04 28.54 -43.95
N THR A 81 8.64 29.02 -45.12
CA THR A 81 8.24 28.12 -46.19
C THR A 81 8.66 28.69 -47.55
N VAL A 82 8.88 27.78 -48.49
CA VAL A 82 9.29 28.18 -49.83
C VAL A 82 9.13 26.98 -50.78
N SER A 83 9.19 27.28 -52.07
CA SER A 83 9.06 26.25 -53.08
C SER A 83 9.41 26.83 -54.47
N LEU A 84 9.90 25.96 -55.33
CA LEU A 84 10.26 26.36 -56.67
C LEU A 84 10.41 25.12 -57.55
N SER A 85 9.91 25.23 -58.77
CA SER A 85 9.98 24.14 -59.72
C SER A 85 10.00 24.67 -61.15
N ALA A 86 10.37 23.79 -62.07
CA ALA A 86 10.44 24.17 -63.48
C ALA A 86 10.60 22.91 -64.33
N THR A 87 10.02 22.97 -65.52
CA THR A 87 10.10 21.84 -66.44
C THR A 87 10.01 22.33 -67.88
N SER A 88 10.91 21.79 -68.71
CA SER A 88 10.94 22.16 -70.11
C SER A 88 11.51 21.01 -70.95
N GLY A 89 11.03 20.92 -72.17
CA GLY A 89 11.48 19.86 -73.07
C GLY A 89 10.78 19.97 -74.43
N PRO A 90 11.50 20.58 -75.41
CA PRO A 90 10.97 20.75 -76.75
C PRO A 90 10.99 19.43 -77.52
N SER A 91 10.47 19.48 -78.74
CA SER A 91 10.42 18.29 -79.58
C SER A 91 10.77 18.67 -81.02
N SER A 92 10.90 17.65 -81.85
CA SER A 92 11.23 17.85 -83.25
C SER A 92 10.33 16.98 -84.13
N GLY A 93 10.37 15.69 -83.88
CA GLY A 93 9.58 14.74 -84.63
C GLY A 93 10.21 13.35 -84.63
N GLY A 1 7.82 2.26 15.98
CA GLY A 1 7.33 3.27 15.06
C GLY A 1 6.54 2.64 13.91
N SER A 2 6.52 3.34 12.79
CA SER A 2 5.81 2.86 11.62
C SER A 2 6.55 1.67 11.01
N SER A 3 5.78 0.64 10.68
CA SER A 3 6.35 -0.56 10.09
C SER A 3 6.19 -0.52 8.58
N GLY A 4 7.23 -0.99 7.89
CA GLY A 4 7.22 -1.01 6.44
C GLY A 4 6.20 -2.04 5.91
N SER A 5 5.56 -1.67 4.82
CA SER A 5 4.57 -2.55 4.22
C SER A 5 4.10 -1.96 2.88
N SER A 6 3.32 -2.76 2.17
CA SER A 6 2.80 -2.34 0.88
C SER A 6 1.31 -2.68 0.77
N GLY A 7 0.64 -2.01 -0.16
CA GLY A 7 -0.78 -2.22 -0.36
C GLY A 7 -1.06 -2.58 -1.83
N TYR A 8 -2.00 -3.49 -2.01
CA TYR A 8 -2.38 -3.93 -3.34
C TYR A 8 -3.90 -3.98 -3.49
N ARG A 9 -4.36 -3.64 -4.68
CA ARG A 9 -5.79 -3.65 -4.97
C ARG A 9 -6.18 -4.95 -5.68
N ALA A 10 -7.12 -5.66 -5.06
CA ALA A 10 -7.58 -6.91 -5.63
C ALA A 10 -8.27 -6.65 -6.97
N LEU A 11 -7.68 -7.20 -8.02
CA LEU A 11 -8.21 -7.03 -9.35
C LEU A 11 -9.61 -7.64 -9.42
N TYR A 12 -9.66 -8.94 -9.20
CA TYR A 12 -10.92 -9.66 -9.23
C TYR A 12 -11.28 -10.23 -7.85
N PRO A 13 -12.59 -10.51 -7.66
CA PRO A 13 -13.06 -11.05 -6.41
C PRO A 13 -12.68 -12.53 -6.26
N PHE A 14 -11.93 -12.82 -5.20
CA PHE A 14 -11.50 -14.18 -4.95
C PHE A 14 -11.92 -14.63 -3.55
N GLU A 15 -12.01 -15.94 -3.40
CA GLU A 15 -12.40 -16.52 -2.12
C GLU A 15 -11.46 -17.66 -1.74
N ALA A 16 -11.17 -17.75 -0.44
CA ALA A 16 -10.30 -18.80 0.06
C ALA A 16 -11.04 -20.13 0.05
N ARG A 17 -10.84 -20.87 -1.03
CA ARG A 17 -11.48 -22.17 -1.17
C ARG A 17 -11.30 -23.00 0.11
N ASN A 18 -10.04 -23.15 0.50
CA ASN A 18 -9.72 -23.91 1.70
C ASN A 18 -8.24 -24.27 1.68
N HIS A 19 -7.43 -23.37 2.22
CA HIS A 19 -5.99 -23.57 2.27
C HIS A 19 -5.31 -22.31 2.80
N ASP A 20 -5.61 -21.98 4.04
CA ASP A 20 -5.03 -20.81 4.67
C ASP A 20 -5.00 -19.66 3.65
N GLU A 21 -5.96 -19.70 2.74
CA GLU A 21 -6.06 -18.67 1.71
C GLU A 21 -6.84 -17.47 2.23
N MET A 22 -6.77 -16.38 1.47
CA MET A 22 -7.47 -15.16 1.84
C MET A 22 -8.74 -14.98 1.01
N SER A 23 -9.63 -14.15 1.52
CA SER A 23 -10.88 -13.88 0.84
C SER A 23 -11.11 -12.37 0.73
N PHE A 24 -11.30 -11.91 -0.49
CA PHE A 24 -11.53 -10.50 -0.74
C PHE A 24 -12.32 -10.29 -2.03
N ASN A 25 -12.78 -9.06 -2.21
CA ASN A 25 -13.55 -8.71 -3.40
C ASN A 25 -12.89 -7.54 -4.11
N SER A 26 -12.99 -7.55 -5.43
CA SER A 26 -12.40 -6.50 -6.24
C SER A 26 -12.80 -5.13 -5.67
N GLY A 27 -11.84 -4.21 -5.72
CA GLY A 27 -12.07 -2.87 -5.21
C GLY A 27 -11.84 -2.80 -3.70
N ASP A 28 -10.79 -3.49 -3.26
CA ASP A 28 -10.45 -3.51 -1.85
C ASP A 28 -8.94 -3.45 -1.69
N ILE A 29 -8.49 -2.53 -0.85
CA ILE A 29 -7.07 -2.36 -0.60
C ILE A 29 -6.57 -3.50 0.28
N ILE A 30 -5.57 -4.19 -0.23
CA ILE A 30 -4.98 -5.30 0.50
C ILE A 30 -3.56 -4.94 0.94
N GLN A 31 -3.36 -4.99 2.24
CA GLN A 31 -2.06 -4.66 2.81
C GLN A 31 -1.10 -5.85 2.67
N VAL A 32 -0.35 -5.83 1.56
CA VAL A 32 0.60 -6.89 1.29
C VAL A 32 1.85 -6.68 2.14
N ASP A 33 2.47 -7.78 2.52
CA ASP A 33 3.69 -7.73 3.32
C ASP A 33 4.87 -8.23 2.49
N GLU A 34 5.70 -7.28 2.07
CA GLU A 34 6.86 -7.62 1.27
C GLU A 34 8.01 -8.08 2.17
N LYS A 35 7.89 -7.74 3.44
CA LYS A 35 8.90 -8.11 4.42
C LYS A 35 8.53 -9.46 5.04
N THR A 36 7.65 -10.17 4.36
CA THR A 36 7.21 -11.47 4.82
C THR A 36 7.66 -12.57 3.86
N VAL A 37 8.24 -13.61 4.43
CA VAL A 37 8.71 -14.73 3.64
C VAL A 37 7.80 -15.94 3.86
N GLY A 38 7.87 -16.87 2.92
CA GLY A 38 7.06 -18.07 3.01
C GLY A 38 7.08 -18.84 1.69
N GLU A 39 6.02 -18.67 0.91
CA GLU A 39 5.91 -19.35 -0.37
C GLU A 39 6.71 -18.58 -1.43
N PRO A 40 6.94 -19.28 -2.57
CA PRO A 40 7.69 -18.69 -3.67
C PRO A 40 6.85 -17.67 -4.43
N GLY A 41 6.07 -18.18 -5.38
CA GLY A 41 5.21 -17.33 -6.18
C GLY A 41 3.87 -17.08 -5.47
N TRP A 42 3.97 -16.52 -4.27
CA TRP A 42 2.79 -16.23 -3.48
C TRP A 42 3.00 -14.88 -2.80
N LEU A 43 1.89 -14.17 -2.60
CA LEU A 43 1.95 -12.87 -1.96
C LEU A 43 1.04 -12.87 -0.73
N TYR A 44 1.62 -12.46 0.39
CA TYR A 44 0.87 -12.42 1.64
C TYR A 44 0.39 -11.00 1.95
N GLY A 45 -0.84 -10.91 2.44
CA GLY A 45 -1.43 -9.63 2.77
C GLY A 45 -2.46 -9.77 3.89
N SER A 46 -2.85 -8.64 4.45
CA SER A 46 -3.82 -8.61 5.52
C SER A 46 -5.02 -7.77 5.13
N PHE A 47 -6.16 -8.43 5.01
CA PHE A 47 -7.39 -7.75 4.64
C PHE A 47 -8.45 -7.88 5.74
N GLN A 48 -9.50 -7.08 5.61
CA GLN A 48 -10.57 -7.09 6.58
C GLN A 48 -10.80 -8.52 7.10
N GLY A 49 -10.48 -8.70 8.37
CA GLY A 49 -10.65 -10.00 9.00
C GLY A 49 -10.34 -11.13 8.01
N ASN A 50 -9.40 -10.87 7.13
CA ASN A 50 -9.00 -11.84 6.13
C ASN A 50 -7.49 -11.79 5.95
N PHE A 51 -6.83 -12.86 6.39
CA PHE A 51 -5.38 -12.93 6.27
C PHE A 51 -4.95 -14.32 5.77
N GLY A 52 -4.36 -14.33 4.59
CA GLY A 52 -3.91 -15.57 3.99
C GLY A 52 -2.93 -15.30 2.85
N TRP A 53 -2.61 -16.37 2.12
CA TRP A 53 -1.69 -16.26 1.00
C TRP A 53 -2.51 -16.38 -0.29
N PHE A 54 -2.29 -15.43 -1.18
CA PHE A 54 -3.00 -15.42 -2.46
C PHE A 54 -2.01 -15.50 -3.62
N PRO A 55 -2.56 -15.92 -4.80
CA PRO A 55 -1.74 -16.04 -6.00
C PRO A 55 -1.41 -14.68 -6.59
N CYS A 56 -0.13 -14.46 -6.86
CA CYS A 56 0.33 -13.21 -7.42
C CYS A 56 -0.23 -13.10 -8.84
N ASN A 57 -1.43 -12.54 -8.93
CA ASN A 57 -2.09 -12.35 -10.22
C ASN A 57 -3.39 -11.57 -10.02
N TYR A 58 -4.09 -11.92 -8.96
CA TYR A 58 -5.35 -11.26 -8.65
C TYR A 58 -5.12 -10.02 -7.79
N VAL A 59 -4.08 -9.28 -8.15
CA VAL A 59 -3.75 -8.07 -7.42
C VAL A 59 -2.93 -7.14 -8.33
N GLU A 60 -3.34 -5.88 -8.36
CA GLU A 60 -2.67 -4.89 -9.18
C GLU A 60 -2.02 -3.83 -8.30
N LYS A 61 -0.69 -3.85 -8.29
CA LYS A 61 0.07 -2.90 -7.49
C LYS A 61 -0.44 -1.48 -7.77
N MET A 62 -1.27 -0.99 -6.87
CA MET A 62 -1.84 0.35 -7.01
C MET A 62 -0.74 1.41 -6.95
N PRO A 63 -1.07 2.61 -7.52
CA PRO A 63 -0.12 3.71 -7.53
C PRO A 63 0.00 4.36 -6.15
N SER A 64 0.57 5.55 -6.13
CA SER A 64 0.74 6.27 -4.89
C SER A 64 1.69 5.50 -3.96
N SER A 65 1.15 4.47 -3.33
CA SER A 65 1.93 3.65 -2.43
C SER A 65 3.34 3.44 -2.99
N GLU A 66 4.32 3.97 -2.28
CA GLU A 66 5.70 3.85 -2.70
C GLU A 66 6.64 4.23 -1.55
N ASN A 67 7.93 4.10 -1.82
CA ASN A 67 8.93 4.42 -0.83
C ASN A 67 9.94 5.41 -1.41
N GLU A 68 10.13 6.52 -0.71
CA GLU A 68 11.05 7.55 -1.15
C GLU A 68 10.54 8.19 -2.45
N LYS A 69 10.91 9.45 -2.62
CA LYS A 69 10.50 10.19 -3.81
C LYS A 69 11.38 11.43 -3.96
N ALA A 70 11.69 11.75 -5.20
CA ALA A 70 12.52 12.90 -5.50
C ALA A 70 11.62 14.09 -5.86
N VAL A 71 11.56 15.05 -4.95
CA VAL A 71 10.75 16.23 -5.17
C VAL A 71 11.44 17.15 -6.17
N SER A 72 10.66 18.05 -6.75
CA SER A 72 11.19 18.99 -7.73
C SER A 72 10.74 20.41 -7.39
N PRO A 73 11.48 21.03 -6.43
CA PRO A 73 11.17 22.38 -6.00
C PRO A 73 11.62 23.40 -7.05
N LYS A 74 11.62 24.65 -6.65
CA LYS A 74 12.01 25.73 -7.54
C LYS A 74 11.04 25.80 -8.72
N LYS A 75 10.99 26.96 -9.35
CA LYS A 75 10.12 27.16 -10.49
C LYS A 75 10.47 28.49 -11.16
N ALA A 76 9.85 28.71 -12.31
CA ALA A 76 10.09 29.93 -13.07
C ALA A 76 8.97 30.93 -12.78
N LEU A 77 9.18 32.16 -13.23
CA LEU A 77 8.21 33.21 -13.02
C LEU A 77 8.71 34.51 -13.66
N LEU A 78 7.89 35.07 -14.53
CA LEU A 78 8.25 36.29 -15.22
C LEU A 78 7.18 37.35 -14.93
N PRO A 79 7.64 38.62 -14.77
CA PRO A 79 6.74 39.72 -14.50
C PRO A 79 5.97 40.13 -15.77
N PRO A 80 4.78 40.73 -15.55
CA PRO A 80 3.95 41.17 -16.67
C PRO A 80 4.52 42.45 -17.29
N THR A 81 3.85 42.89 -18.35
CA THR A 81 4.27 44.09 -19.06
C THR A 81 3.08 45.00 -19.32
N VAL A 82 3.39 46.28 -19.51
CA VAL A 82 2.35 47.27 -19.76
C VAL A 82 2.59 47.91 -21.13
N SER A 83 1.50 48.32 -21.75
CA SER A 83 1.58 48.95 -23.07
C SER A 83 0.27 49.68 -23.37
N LEU A 84 0.37 50.67 -24.25
CA LEU A 84 -0.80 51.45 -24.63
C LEU A 84 -0.56 52.07 -26.02
N SER A 85 -1.59 52.74 -26.51
CA SER A 85 -1.49 53.38 -27.82
C SER A 85 -2.79 54.14 -28.12
N ALA A 86 -2.77 54.87 -29.22
CA ALA A 86 -3.92 55.64 -29.63
C ALA A 86 -4.40 55.15 -31.00
N THR A 87 -5.64 55.51 -31.33
CA THR A 87 -6.22 55.11 -32.60
C THR A 87 -7.36 56.06 -32.97
N SER A 88 -7.24 56.63 -34.16
CA SER A 88 -8.25 57.56 -34.65
C SER A 88 -9.15 56.85 -35.66
N GLY A 89 -10.21 57.55 -36.06
CA GLY A 89 -11.16 57.01 -37.01
C GLY A 89 -11.97 58.12 -37.68
N PRO A 90 -12.50 57.80 -38.89
CA PRO A 90 -13.29 58.75 -39.63
C PRO A 90 -14.69 58.92 -39.02
N SER A 91 -15.52 59.69 -39.70
CA SER A 91 -16.87 59.94 -39.23
C SER A 91 -17.83 59.94 -40.42
N SER A 92 -19.12 59.96 -40.09
CA SER A 92 -20.15 59.97 -41.12
C SER A 92 -20.80 61.35 -41.20
N GLY A 93 -21.55 61.55 -42.27
CA GLY A 93 -22.23 62.82 -42.48
C GLY A 93 -23.43 62.97 -41.53
N GLY A 1 6.79 3.04 15.26
CA GLY A 1 7.82 2.02 15.19
C GLY A 1 7.95 1.48 13.76
N SER A 2 7.30 0.34 13.53
CA SER A 2 7.34 -0.29 12.22
C SER A 2 6.45 0.49 11.24
N SER A 3 6.77 0.35 9.96
CA SER A 3 6.02 1.02 8.93
C SER A 3 6.63 0.73 7.55
N GLY A 4 6.40 -0.48 7.08
CA GLY A 4 6.93 -0.90 5.79
C GLY A 4 5.94 -1.82 5.06
N SER A 5 5.17 -1.22 4.18
CA SER A 5 4.19 -1.97 3.41
C SER A 5 4.11 -1.44 1.98
N SER A 6 3.27 -2.07 1.19
CA SER A 6 3.10 -1.67 -0.19
C SER A 6 1.62 -1.43 -0.49
N GLY A 7 0.81 -2.45 -0.21
CA GLY A 7 -0.61 -2.37 -0.45
C GLY A 7 -0.96 -2.69 -1.90
N TYR A 8 -1.88 -3.62 -2.06
CA TYR A 8 -2.30 -4.03 -3.39
C TYR A 8 -3.82 -4.13 -3.48
N ARG A 9 -4.35 -3.79 -4.65
CA ARG A 9 -5.78 -3.84 -4.87
C ARG A 9 -6.17 -5.16 -5.53
N ALA A 10 -7.38 -5.61 -5.22
CA ALA A 10 -7.88 -6.85 -5.77
C ALA A 10 -8.58 -6.56 -7.10
N LEU A 11 -8.06 -7.17 -8.16
CA LEU A 11 -8.62 -6.98 -9.49
C LEU A 11 -9.98 -7.69 -9.56
N TYR A 12 -9.95 -8.99 -9.23
CA TYR A 12 -11.16 -9.78 -9.26
C TYR A 12 -11.46 -10.37 -7.89
N PRO A 13 -12.76 -10.72 -7.67
CA PRO A 13 -13.19 -11.28 -6.41
C PRO A 13 -12.75 -12.74 -6.28
N PHE A 14 -11.81 -12.96 -5.36
CA PHE A 14 -11.30 -14.30 -5.13
C PHE A 14 -11.53 -14.73 -3.68
N GLU A 15 -12.22 -15.85 -3.53
CA GLU A 15 -12.51 -16.37 -2.21
C GLU A 15 -11.41 -17.34 -1.76
N ALA A 16 -11.16 -17.34 -0.46
CA ALA A 16 -10.14 -18.20 0.10
C ALA A 16 -10.40 -19.64 -0.33
N ARG A 17 -9.48 -20.17 -1.13
CA ARG A 17 -9.60 -21.54 -1.61
C ARG A 17 -8.91 -22.51 -0.65
N ASN A 18 -9.06 -22.23 0.64
CA ASN A 18 -8.46 -23.07 1.66
C ASN A 18 -6.94 -22.94 1.58
N HIS A 19 -6.28 -23.53 2.57
CA HIS A 19 -4.83 -23.50 2.61
C HIS A 19 -4.37 -22.13 3.13
N ASP A 20 -4.84 -21.79 4.31
CA ASP A 20 -4.48 -20.52 4.93
C ASP A 20 -4.62 -19.40 3.89
N GLU A 21 -5.77 -19.41 3.22
CA GLU A 21 -6.05 -18.41 2.21
C GLU A 21 -6.95 -17.31 2.77
N MET A 22 -7.11 -16.26 1.98
CA MET A 22 -7.95 -15.14 2.39
C MET A 22 -9.08 -14.91 1.39
N SER A 23 -9.94 -13.95 1.73
CA SER A 23 -11.06 -13.63 0.87
C SER A 23 -11.14 -12.11 0.66
N PHE A 24 -11.28 -11.73 -0.59
CA PHE A 24 -11.36 -10.31 -0.93
C PHE A 24 -12.10 -10.11 -2.26
N ASN A 25 -12.83 -9.01 -2.34
CA ASN A 25 -13.59 -8.70 -3.54
C ASN A 25 -12.87 -7.59 -4.31
N SER A 26 -13.16 -7.52 -5.60
CA SER A 26 -12.56 -6.52 -6.46
C SER A 26 -12.90 -5.12 -5.95
N GLY A 27 -11.86 -4.31 -5.79
CA GLY A 27 -12.03 -2.95 -5.32
C GLY A 27 -11.82 -2.87 -3.80
N ASP A 28 -10.84 -3.63 -3.33
CA ASP A 28 -10.52 -3.64 -1.91
C ASP A 28 -9.01 -3.54 -1.73
N ILE A 29 -8.60 -2.56 -0.94
CA ILE A 29 -7.19 -2.34 -0.68
C ILE A 29 -6.68 -3.44 0.25
N ILE A 30 -5.70 -4.19 -0.26
CA ILE A 30 -5.11 -5.27 0.52
C ILE A 30 -3.74 -4.84 1.04
N GLN A 31 -3.55 -4.99 2.34
CA GLN A 31 -2.30 -4.62 2.97
C GLN A 31 -1.28 -5.76 2.81
N VAL A 32 -0.57 -5.73 1.70
CA VAL A 32 0.44 -6.73 1.42
C VAL A 32 1.62 -6.56 2.40
N ASP A 33 2.36 -7.64 2.58
CA ASP A 33 3.50 -7.62 3.47
C ASP A 33 4.77 -7.89 2.67
N GLU A 34 5.40 -6.81 2.24
CA GLU A 34 6.63 -6.91 1.47
C GLU A 34 7.72 -7.60 2.29
N LYS A 35 7.47 -7.70 3.58
CA LYS A 35 8.41 -8.34 4.48
C LYS A 35 8.26 -9.86 4.38
N THR A 36 7.10 -10.33 4.82
CA THR A 36 6.82 -11.76 4.78
C THR A 36 6.62 -12.23 3.34
N VAL A 37 7.37 -13.25 2.96
CA VAL A 37 7.28 -13.79 1.62
C VAL A 37 7.48 -15.31 1.68
N GLY A 38 6.87 -15.99 0.72
CA GLY A 38 6.97 -17.44 0.66
C GLY A 38 7.38 -17.89 -0.75
N GLU A 39 6.40 -18.30 -1.52
CA GLU A 39 6.64 -18.76 -2.88
C GLU A 39 7.02 -17.58 -3.78
N PRO A 40 7.67 -17.91 -4.93
CA PRO A 40 8.09 -16.90 -5.87
C PRO A 40 6.90 -16.37 -6.66
N GLY A 41 5.80 -17.10 -6.58
CA GLY A 41 4.59 -16.71 -7.28
C GLY A 41 3.40 -16.61 -6.32
N TRP A 42 3.65 -15.96 -5.21
CA TRP A 42 2.61 -15.78 -4.20
C TRP A 42 2.93 -14.49 -3.41
N LEU A 43 1.89 -13.97 -2.78
CA LEU A 43 2.04 -12.76 -1.98
C LEU A 43 1.18 -12.86 -0.73
N TYR A 44 1.75 -12.45 0.39
CA TYR A 44 1.05 -12.48 1.66
C TYR A 44 0.62 -11.09 2.09
N GLY A 45 -0.59 -11.01 2.62
CA GLY A 45 -1.12 -9.74 3.08
C GLY A 45 -2.15 -9.94 4.18
N SER A 46 -2.76 -8.84 4.61
CA SER A 46 -3.76 -8.89 5.66
C SER A 46 -4.94 -7.99 5.29
N PHE A 47 -6.09 -8.63 5.10
CA PHE A 47 -7.30 -7.91 4.75
C PHE A 47 -8.36 -8.03 5.85
N GLN A 48 -9.43 -7.26 5.69
CA GLN A 48 -10.50 -7.28 6.66
C GLN A 48 -10.69 -8.68 7.24
N GLY A 49 -10.32 -8.81 8.50
CA GLY A 49 -10.44 -10.10 9.19
C GLY A 49 -10.16 -11.25 8.23
N ASN A 50 -9.23 -11.01 7.31
CA ASN A 50 -8.87 -12.02 6.33
C ASN A 50 -7.36 -11.97 6.11
N PHE A 51 -6.70 -13.06 6.50
CA PHE A 51 -5.26 -13.16 6.35
C PHE A 51 -4.85 -14.51 5.77
N GLY A 52 -4.31 -14.47 4.56
CA GLY A 52 -3.88 -15.69 3.89
C GLY A 52 -2.90 -15.37 2.76
N TRP A 53 -2.57 -16.41 2.00
CA TRP A 53 -1.64 -16.26 0.90
C TRP A 53 -2.45 -16.30 -0.41
N PHE A 54 -2.16 -15.34 -1.27
CA PHE A 54 -2.85 -15.26 -2.55
C PHE A 54 -1.87 -15.29 -3.72
N PRO A 55 -2.41 -15.63 -4.92
CA PRO A 55 -1.58 -15.69 -6.12
C PRO A 55 -1.24 -14.29 -6.62
N CYS A 56 0.05 -14.11 -6.91
CA CYS A 56 0.51 -12.82 -7.40
C CYS A 56 0.03 -12.64 -8.83
N ASN A 57 -1.11 -11.97 -8.96
CA ASN A 57 -1.69 -11.72 -10.26
C ASN A 57 -3.10 -11.13 -10.08
N TYR A 58 -3.86 -11.78 -9.20
CA TYR A 58 -5.22 -11.33 -8.93
C TYR A 58 -5.23 -9.90 -8.40
N VAL A 59 -4.08 -9.48 -7.90
CA VAL A 59 -3.95 -8.13 -7.36
C VAL A 59 -3.24 -7.24 -8.37
N GLU A 60 -3.31 -5.95 -8.13
CA GLU A 60 -2.68 -4.98 -9.01
C GLU A 60 -2.02 -3.86 -8.20
N LYS A 61 -0.70 -3.81 -8.30
CA LYS A 61 0.06 -2.80 -7.59
C LYS A 61 -0.50 -1.41 -7.92
N MET A 62 -1.15 -0.82 -6.92
CA MET A 62 -1.73 0.50 -7.10
C MET A 62 -0.68 1.53 -7.49
N PRO A 63 -1.15 2.65 -8.10
CA PRO A 63 -0.26 3.71 -8.53
C PRO A 63 0.25 4.52 -7.33
N SER A 64 1.47 5.01 -7.46
CA SER A 64 2.07 5.79 -6.40
C SER A 64 1.39 7.16 -6.31
N SER A 65 0.36 7.22 -5.49
CA SER A 65 -0.39 8.46 -5.31
C SER A 65 -1.57 8.21 -4.36
N GLU A 66 -1.47 8.82 -3.19
CA GLU A 66 -2.51 8.69 -2.18
C GLU A 66 -3.27 10.01 -2.03
N ASN A 67 -2.55 11.10 -2.26
CA ASN A 67 -3.14 12.42 -2.15
C ASN A 67 -2.05 13.48 -2.36
N GLU A 68 -2.50 14.70 -2.59
CA GLU A 68 -1.58 15.81 -2.81
C GLU A 68 -1.13 16.41 -1.47
N LYS A 69 0.17 16.57 -1.34
CA LYS A 69 0.73 17.13 -0.12
C LYS A 69 0.53 18.65 -0.12
N ALA A 70 -0.73 19.04 -0.02
CA ALA A 70 -1.07 20.46 -0.01
C ALA A 70 -1.23 20.92 1.44
N VAL A 71 -0.38 21.85 1.83
CA VAL A 71 -0.42 22.39 3.19
C VAL A 71 -1.57 23.40 3.30
N SER A 72 -2.36 23.23 4.34
CA SER A 72 -3.49 24.12 4.57
C SER A 72 -3.70 24.32 6.06
N PRO A 73 -3.09 25.41 6.59
CA PRO A 73 -3.20 25.73 8.01
C PRO A 73 -4.57 26.31 8.33
N LYS A 74 -5.15 25.82 9.42
CA LYS A 74 -6.46 26.28 9.85
C LYS A 74 -6.47 26.42 11.38
N LYS A 75 -7.49 27.10 11.86
CA LYS A 75 -7.63 27.32 13.29
C LYS A 75 -6.42 28.10 13.81
N ALA A 76 -6.67 28.88 14.86
CA ALA A 76 -5.61 29.69 15.45
C ALA A 76 -6.17 30.40 16.70
N LEU A 77 -5.25 30.99 17.45
CA LEU A 77 -5.63 31.70 18.65
C LEU A 77 -6.17 30.71 19.68
N LEU A 78 -6.08 31.10 20.94
CA LEU A 78 -6.55 30.26 22.03
C LEU A 78 -7.50 31.06 22.91
N PRO A 79 -8.56 30.36 23.41
CA PRO A 79 -9.54 31.00 24.27
C PRO A 79 -8.98 31.20 25.68
N PRO A 80 -9.54 32.22 26.38
CA PRO A 80 -9.12 32.52 27.74
C PRO A 80 -9.66 31.49 28.73
N THR A 81 -9.22 31.63 29.97
CA THR A 81 -9.64 30.73 31.02
C THR A 81 -10.57 31.45 32.01
N VAL A 82 -11.21 30.65 32.85
CA VAL A 82 -12.12 31.20 33.84
C VAL A 82 -11.53 30.98 35.24
N SER A 83 -11.95 31.84 36.16
CA SER A 83 -11.49 31.75 37.53
C SER A 83 -12.29 30.71 38.30
N LEU A 84 -11.81 30.39 39.50
CA LEU A 84 -12.48 29.42 40.33
C LEU A 84 -13.07 30.12 41.55
N SER A 85 -13.93 29.40 42.25
CA SER A 85 -14.57 29.94 43.44
C SER A 85 -14.18 29.12 44.67
N ALA A 86 -14.48 29.67 45.84
CA ALA A 86 -14.17 29.00 47.09
C ALA A 86 -15.36 28.16 47.54
N THR A 87 -15.16 27.43 48.62
CA THR A 87 -16.21 26.58 49.15
C THR A 87 -16.15 26.57 50.69
N SER A 88 -17.33 26.39 51.28
CA SER A 88 -17.43 26.36 52.73
C SER A 88 -17.79 24.95 53.20
N GLY A 89 -17.76 24.76 54.51
CA GLY A 89 -18.08 23.47 55.10
C GLY A 89 -19.23 23.59 56.10
N PRO A 90 -19.95 22.46 56.28
CA PRO A 90 -21.08 22.43 57.20
C PRO A 90 -20.60 22.41 58.66
N SER A 91 -21.56 22.34 59.56
CA SER A 91 -21.25 22.31 60.99
C SER A 91 -22.39 21.64 61.76
N SER A 92 -22.13 21.39 63.03
CA SER A 92 -23.13 20.76 63.89
C SER A 92 -23.46 21.69 65.06
N GLY A 93 -24.60 21.41 65.68
CA GLY A 93 -25.05 22.20 66.81
C GLY A 93 -24.54 21.61 68.13
N GLY A 1 1.50 -2.11 7.17
CA GLY A 1 1.96 -3.46 6.87
C GLY A 1 3.01 -3.92 7.87
N SER A 2 4.27 -3.74 7.49
CA SER A 2 5.38 -4.14 8.34
C SER A 2 6.69 -3.63 7.76
N SER A 3 7.27 -2.64 8.42
CA SER A 3 8.52 -2.06 7.98
C SER A 3 8.48 -1.82 6.47
N GLY A 4 7.76 -0.77 6.09
CA GLY A 4 7.65 -0.42 4.69
C GLY A 4 6.66 -1.36 3.98
N SER A 5 5.45 -0.85 3.78
CA SER A 5 4.41 -1.63 3.11
C SER A 5 4.30 -1.20 1.65
N SER A 6 3.42 -1.89 0.94
CA SER A 6 3.21 -1.59 -0.47
C SER A 6 1.73 -1.33 -0.73
N GLY A 7 0.92 -2.33 -0.42
CA GLY A 7 -0.52 -2.22 -0.61
C GLY A 7 -0.92 -2.61 -2.04
N TYR A 8 -1.74 -3.65 -2.12
CA TYR A 8 -2.20 -4.12 -3.41
C TYR A 8 -3.73 -4.19 -3.46
N ARG A 9 -4.26 -3.88 -4.63
CA ARG A 9 -5.71 -3.90 -4.83
C ARG A 9 -6.12 -5.16 -5.57
N ALA A 10 -7.21 -5.74 -5.11
CA ALA A 10 -7.74 -6.96 -5.72
C ALA A 10 -8.44 -6.61 -7.04
N LEU A 11 -7.94 -7.19 -8.12
CA LEU A 11 -8.50 -6.94 -9.43
C LEU A 11 -9.88 -7.60 -9.52
N TYR A 12 -9.90 -8.89 -9.24
CA TYR A 12 -11.14 -9.65 -9.28
C TYR A 12 -11.42 -10.33 -7.93
N PRO A 13 -12.71 -10.69 -7.74
CA PRO A 13 -13.13 -11.34 -6.50
C PRO A 13 -12.68 -12.80 -6.47
N PHE A 14 -11.78 -13.09 -5.55
CA PHE A 14 -11.27 -14.45 -5.40
C PHE A 14 -11.68 -15.05 -4.07
N GLU A 15 -11.86 -16.36 -4.07
CA GLU A 15 -12.25 -17.08 -2.87
C GLU A 15 -11.08 -17.89 -2.33
N ALA A 16 -11.14 -18.18 -1.03
CA ALA A 16 -10.10 -18.95 -0.39
C ALA A 16 -10.59 -20.38 -0.14
N ARG A 17 -9.64 -21.26 0.12
CA ARG A 17 -9.97 -22.66 0.38
C ARG A 17 -10.06 -22.91 1.88
N ASN A 18 -10.03 -21.83 2.63
CA ASN A 18 -10.11 -21.92 4.09
C ASN A 18 -8.93 -22.76 4.60
N HIS A 19 -7.80 -22.09 4.77
CA HIS A 19 -6.60 -22.76 5.25
C HIS A 19 -5.45 -21.75 5.33
N ASP A 20 -4.90 -21.45 4.16
CA ASP A 20 -3.81 -20.50 4.08
C ASP A 20 -4.06 -19.52 2.94
N GLU A 21 -5.33 -19.38 2.59
CA GLU A 21 -5.73 -18.48 1.52
C GLU A 21 -6.63 -17.38 2.07
N MET A 22 -6.67 -16.26 1.34
CA MET A 22 -7.49 -15.13 1.74
C MET A 22 -8.61 -14.88 0.72
N SER A 23 -9.70 -14.32 1.22
CA SER A 23 -10.84 -14.03 0.38
C SER A 23 -11.09 -12.52 0.35
N PHE A 24 -11.27 -12.00 -0.85
CA PHE A 24 -11.52 -10.58 -1.03
C PHE A 24 -12.35 -10.33 -2.28
N ASN A 25 -12.75 -9.07 -2.44
CA ASN A 25 -13.55 -8.68 -3.59
C ASN A 25 -12.87 -7.50 -4.31
N SER A 26 -13.04 -7.47 -5.62
CA SER A 26 -12.45 -6.41 -6.42
C SER A 26 -12.83 -5.04 -5.85
N GLY A 27 -11.84 -4.19 -5.71
CA GLY A 27 -12.06 -2.86 -5.19
C GLY A 27 -11.81 -2.81 -3.67
N ASP A 28 -10.75 -3.49 -3.26
CA ASP A 28 -10.39 -3.54 -1.86
C ASP A 28 -8.86 -3.44 -1.72
N ILE A 29 -8.44 -2.50 -0.89
CA ILE A 29 -7.02 -2.29 -0.67
C ILE A 29 -6.49 -3.40 0.25
N ILE A 30 -5.53 -4.15 -0.27
CA ILE A 30 -4.94 -5.23 0.49
C ILE A 30 -3.52 -4.84 0.91
N GLN A 31 -3.22 -5.09 2.17
CA GLN A 31 -1.91 -4.76 2.71
C GLN A 31 -0.96 -5.95 2.57
N VAL A 32 -0.22 -5.93 1.48
CA VAL A 32 0.73 -7.00 1.19
C VAL A 32 1.99 -6.80 2.04
N ASP A 33 2.66 -7.90 2.33
CA ASP A 33 3.87 -7.86 3.14
C ASP A 33 5.01 -8.51 2.36
N GLU A 34 5.73 -7.69 1.62
CA GLU A 34 6.86 -8.17 0.83
C GLU A 34 8.08 -8.38 1.72
N LYS A 35 7.90 -9.19 2.76
CA LYS A 35 8.97 -9.49 3.68
C LYS A 35 8.79 -10.89 4.24
N THR A 36 7.56 -11.18 4.66
CA THR A 36 7.25 -12.48 5.22
C THR A 36 7.60 -13.58 4.23
N VAL A 37 8.43 -14.51 4.69
CA VAL A 37 8.86 -15.62 3.86
C VAL A 37 7.65 -16.46 3.47
N GLY A 38 7.72 -17.04 2.28
CA GLY A 38 6.64 -17.87 1.78
C GLY A 38 6.83 -18.16 0.28
N GLU A 39 5.89 -18.94 -0.25
CA GLU A 39 5.93 -19.30 -1.65
C GLU A 39 6.35 -18.10 -2.50
N PRO A 40 6.83 -18.40 -3.73
CA PRO A 40 7.26 -17.35 -4.65
C PRO A 40 6.06 -16.63 -5.25
N GLY A 41 5.26 -17.38 -5.99
CA GLY A 41 4.09 -16.82 -6.63
C GLY A 41 2.91 -16.73 -5.65
N TRP A 42 3.20 -16.15 -4.49
CA TRP A 42 2.19 -15.99 -3.46
C TRP A 42 2.57 -14.79 -2.59
N LEU A 43 1.66 -13.83 -2.52
CA LEU A 43 1.89 -12.63 -1.74
C LEU A 43 0.97 -12.65 -0.52
N TYR A 44 1.58 -12.65 0.65
CA TYR A 44 0.83 -12.66 1.89
C TYR A 44 0.38 -11.24 2.27
N GLY A 45 -0.93 -11.06 2.27
CA GLY A 45 -1.51 -9.77 2.61
C GLY A 45 -2.51 -9.89 3.75
N SER A 46 -2.73 -8.78 4.44
CA SER A 46 -3.66 -8.75 5.56
C SER A 46 -4.83 -7.82 5.24
N PHE A 47 -6.02 -8.42 5.14
CA PHE A 47 -7.22 -7.66 4.84
C PHE A 47 -8.22 -7.74 5.99
N GLN A 48 -9.28 -6.94 5.88
CA GLN A 48 -10.31 -6.93 6.89
C GLN A 48 -10.52 -8.33 7.47
N GLY A 49 -10.15 -8.47 8.74
CA GLY A 49 -10.30 -9.75 9.41
C GLY A 49 -10.02 -10.91 8.46
N ASN A 50 -9.10 -10.67 7.54
CA ASN A 50 -8.74 -11.68 6.56
C ASN A 50 -7.22 -11.70 6.39
N PHE A 51 -6.63 -12.84 6.73
CA PHE A 51 -5.19 -13.00 6.62
C PHE A 51 -4.84 -14.35 6.01
N GLY A 52 -4.28 -14.29 4.80
CA GLY A 52 -3.89 -15.50 4.10
C GLY A 52 -2.94 -15.18 2.94
N TRP A 53 -2.69 -16.18 2.12
CA TRP A 53 -1.81 -16.01 0.98
C TRP A 53 -2.65 -16.14 -0.30
N PHE A 54 -2.37 -15.27 -1.25
CA PHE A 54 -3.08 -15.27 -2.51
C PHE A 54 -2.11 -15.31 -3.70
N PRO A 55 -2.65 -15.73 -4.87
CA PRO A 55 -1.85 -15.81 -6.08
C PRO A 55 -1.58 -14.42 -6.66
N CYS A 56 -0.32 -14.19 -6.97
CA CYS A 56 0.09 -12.91 -7.53
C CYS A 56 -0.40 -12.84 -8.98
N ASN A 57 -1.57 -12.24 -9.15
CA ASN A 57 -2.15 -12.11 -10.48
C ASN A 57 -3.53 -11.45 -10.36
N TYR A 58 -4.24 -11.82 -9.31
CA TYR A 58 -5.57 -11.27 -9.07
C TYR A 58 -5.47 -9.92 -8.34
N VAL A 59 -4.25 -9.48 -8.15
CA VAL A 59 -4.01 -8.21 -7.48
C VAL A 59 -3.32 -7.24 -8.44
N GLU A 60 -3.43 -5.96 -8.13
CA GLU A 60 -2.83 -4.93 -8.96
C GLU A 60 -2.15 -3.88 -8.08
N LYS A 61 -0.84 -3.99 -7.97
CA LYS A 61 -0.06 -3.06 -7.18
C LYS A 61 -0.49 -1.63 -7.52
N MET A 62 -0.92 -0.91 -6.49
CA MET A 62 -1.35 0.47 -6.67
C MET A 62 -0.21 1.44 -6.40
N PRO A 63 -0.37 2.68 -6.93
CA PRO A 63 0.64 3.70 -6.77
C PRO A 63 0.62 4.27 -5.34
N SER A 64 1.81 4.48 -4.80
CA SER A 64 1.95 5.00 -3.46
C SER A 64 3.10 6.00 -3.40
N SER A 65 2.76 7.23 -3.05
CA SER A 65 3.75 8.29 -2.95
C SER A 65 3.15 9.50 -2.25
N GLU A 66 3.80 9.89 -1.15
CA GLU A 66 3.36 11.04 -0.38
C GLU A 66 1.95 10.77 0.17
N ASN A 67 1.80 11.05 1.47
CA ASN A 67 0.52 10.85 2.13
C ASN A 67 0.43 11.81 3.31
N GLU A 68 -0.64 12.62 3.29
CA GLU A 68 -0.86 13.58 4.36
C GLU A 68 0.30 14.57 4.43
N LYS A 69 0.07 15.74 3.86
CA LYS A 69 1.08 16.78 3.85
C LYS A 69 1.27 17.31 5.27
N ALA A 70 2.50 17.16 5.76
CA ALA A 70 2.82 17.61 7.10
C ALA A 70 4.33 17.82 7.21
N VAL A 71 4.76 19.02 6.88
CA VAL A 71 6.18 19.36 6.94
C VAL A 71 6.44 20.29 8.13
N SER A 72 7.68 20.30 8.57
CA SER A 72 8.06 21.14 9.70
C SER A 72 9.01 22.23 9.23
N PRO A 73 8.76 23.48 9.74
CA PRO A 73 9.59 24.62 9.37
C PRO A 73 10.93 24.56 10.10
N LYS A 74 11.73 25.60 9.87
CA LYS A 74 13.04 25.68 10.49
C LYS A 74 12.91 26.31 11.88
N LYS A 75 14.03 26.35 12.59
CA LYS A 75 14.05 26.91 13.93
C LYS A 75 15.48 26.92 14.45
N ALA A 76 15.69 27.67 15.53
CA ALA A 76 17.00 27.76 16.13
C ALA A 76 17.03 26.96 17.43
N LEU A 77 18.18 26.95 18.06
CA LEU A 77 18.35 26.22 19.31
C LEU A 77 19.02 27.13 20.34
N LEU A 78 18.97 26.70 21.59
CA LEU A 78 19.57 27.46 22.67
C LEU A 78 20.37 26.52 23.57
N PRO A 79 21.38 27.11 24.25
CA PRO A 79 22.24 26.34 25.15
C PRO A 79 21.51 26.01 26.45
N PRO A 80 21.88 24.83 27.02
CA PRO A 80 21.27 24.38 28.26
C PRO A 80 21.80 25.17 29.46
N THR A 81 21.25 24.88 30.62
CA THR A 81 21.65 25.55 31.84
C THR A 81 22.07 24.53 32.90
N VAL A 82 22.49 25.05 34.05
CA VAL A 82 22.92 24.21 35.15
C VAL A 82 22.90 25.01 36.45
N SER A 83 22.24 24.44 37.45
CA SER A 83 22.15 25.09 38.75
C SER A 83 22.35 24.06 39.86
N LEU A 84 22.97 24.53 40.94
CA LEU A 84 23.23 23.67 42.08
C LEU A 84 22.82 24.38 43.36
N SER A 85 23.25 23.82 44.48
CA SER A 85 22.92 24.40 45.78
C SER A 85 23.55 23.56 46.90
N ALA A 86 23.35 24.03 48.12
CA ALA A 86 23.89 23.33 49.28
C ALA A 86 23.07 23.69 50.51
N THR A 87 23.30 22.93 51.58
CA THR A 87 22.58 23.17 52.83
C THR A 87 23.54 23.03 54.02
N SER A 88 22.96 23.11 55.21
CA SER A 88 23.74 22.99 56.43
C SER A 88 22.89 22.36 57.54
N GLY A 89 23.56 22.04 58.63
CA GLY A 89 22.88 21.42 59.76
C GLY A 89 23.38 22.01 61.09
N PRO A 90 22.48 22.77 61.76
CA PRO A 90 22.82 23.39 63.02
C PRO A 90 22.84 22.36 64.15
N SER A 91 23.11 22.85 65.35
CA SER A 91 23.17 21.99 66.52
C SER A 91 22.41 22.63 67.68
N SER A 92 22.29 21.87 68.76
CA SER A 92 21.60 22.35 69.94
C SER A 92 22.47 22.17 71.18
N GLY A 93 22.02 22.73 72.28
CA GLY A 93 22.75 22.63 73.53
C GLY A 93 22.83 21.19 74.02
N GLY A 1 -3.06 -4.96 14.18
CA GLY A 1 -1.85 -5.70 13.88
C GLY A 1 -1.89 -6.27 12.46
N SER A 2 -2.00 -5.36 11.50
CA SER A 2 -2.04 -5.76 10.10
C SER A 2 -1.68 -4.56 9.21
N SER A 3 -0.40 -4.42 8.94
CA SER A 3 0.08 -3.33 8.11
C SER A 3 1.47 -3.66 7.56
N GLY A 4 1.46 -4.29 6.39
CA GLY A 4 2.71 -4.67 5.75
C GLY A 4 3.53 -3.44 5.37
N SER A 5 4.08 -3.47 4.16
CA SER A 5 4.89 -2.37 3.67
C SER A 5 4.42 -1.97 2.27
N SER A 6 3.33 -2.57 1.84
CA SER A 6 2.78 -2.29 0.53
C SER A 6 1.30 -2.68 0.48
N GLY A 7 0.54 -1.91 -0.27
CA GLY A 7 -0.89 -2.17 -0.42
C GLY A 7 -1.24 -2.49 -1.86
N TYR A 8 -1.93 -3.62 -2.03
CA TYR A 8 -2.34 -4.05 -3.35
C TYR A 8 -3.87 -4.11 -3.46
N ARG A 9 -4.35 -3.83 -4.67
CA ARG A 9 -5.78 -3.84 -4.92
C ARG A 9 -6.17 -5.13 -5.64
N ALA A 10 -7.24 -5.75 -5.14
CA ALA A 10 -7.73 -6.99 -5.72
C ALA A 10 -8.45 -6.68 -7.03
N LEU A 11 -7.94 -7.28 -8.10
CA LEU A 11 -8.53 -7.07 -9.42
C LEU A 11 -9.91 -7.75 -9.47
N TYR A 12 -9.92 -9.01 -9.09
CA TYR A 12 -11.15 -9.79 -9.08
C TYR A 12 -11.40 -10.41 -7.71
N PRO A 13 -12.68 -10.82 -7.49
CA PRO A 13 -13.06 -11.44 -6.24
C PRO A 13 -12.55 -12.89 -6.16
N PHE A 14 -11.87 -13.17 -5.05
CA PHE A 14 -11.33 -14.50 -4.84
C PHE A 14 -11.79 -15.07 -3.49
N GLU A 15 -11.79 -16.40 -3.43
CA GLU A 15 -12.20 -17.08 -2.21
C GLU A 15 -11.12 -18.06 -1.76
N ALA A 16 -11.07 -18.27 -0.45
CA ALA A 16 -10.09 -19.17 0.12
C ALA A 16 -10.42 -20.60 -0.30
N ARG A 17 -9.60 -21.12 -1.21
CA ARG A 17 -9.80 -22.48 -1.70
C ARG A 17 -9.34 -23.49 -0.66
N ASN A 18 -8.25 -23.14 0.02
CA ASN A 18 -7.70 -24.02 1.05
C ASN A 18 -8.11 -23.49 2.43
N HIS A 19 -7.50 -24.08 3.45
CA HIS A 19 -7.80 -23.69 4.81
C HIS A 19 -6.69 -22.79 5.34
N ASP A 20 -6.22 -21.92 4.47
CA ASP A 20 -5.16 -20.99 4.82
C ASP A 20 -5.01 -19.93 3.73
N GLU A 21 -6.15 -19.58 3.13
CA GLU A 21 -6.16 -18.59 2.08
C GLU A 21 -6.99 -17.37 2.50
N MET A 22 -6.89 -16.32 1.71
CA MET A 22 -7.61 -15.09 2.00
C MET A 22 -8.75 -14.88 0.98
N SER A 23 -9.84 -14.32 1.47
CA SER A 23 -11.00 -14.07 0.63
C SER A 23 -11.26 -12.56 0.56
N PHE A 24 -11.08 -12.00 -0.63
CA PHE A 24 -11.29 -10.59 -0.84
C PHE A 24 -12.17 -10.34 -2.08
N ASN A 25 -12.62 -9.11 -2.21
CA ASN A 25 -13.46 -8.73 -3.33
C ASN A 25 -12.79 -7.59 -4.10
N SER A 26 -13.01 -7.60 -5.41
CA SER A 26 -12.44 -6.58 -6.28
C SER A 26 -12.75 -5.19 -5.70
N GLY A 27 -11.73 -4.34 -5.73
CA GLY A 27 -11.87 -2.99 -5.22
C GLY A 27 -11.66 -2.95 -3.70
N ASP A 28 -10.61 -3.60 -3.27
CA ASP A 28 -10.29 -3.65 -1.85
C ASP A 28 -8.77 -3.58 -1.67
N ILE A 29 -8.35 -2.66 -0.81
CA ILE A 29 -6.93 -2.48 -0.54
C ILE A 29 -6.44 -3.63 0.35
N ILE A 30 -5.43 -4.33 -0.15
CA ILE A 30 -4.87 -5.44 0.58
C ILE A 30 -3.46 -5.08 1.04
N GLN A 31 -3.30 -5.02 2.36
CA GLN A 31 -2.02 -4.68 2.94
C GLN A 31 -1.06 -5.86 2.83
N VAL A 32 -0.36 -5.92 1.71
CA VAL A 32 0.59 -6.99 1.46
C VAL A 32 1.75 -6.86 2.45
N ASP A 33 2.16 -8.01 2.98
CA ASP A 33 3.26 -8.04 3.93
C ASP A 33 4.54 -8.51 3.23
N GLU A 34 5.36 -7.53 2.86
CA GLU A 34 6.61 -7.82 2.19
C GLU A 34 7.70 -8.17 3.20
N LYS A 35 7.34 -9.08 4.10
CA LYS A 35 8.29 -9.52 5.12
C LYS A 35 8.17 -11.03 5.30
N THR A 36 6.94 -11.49 5.49
CA THR A 36 6.68 -12.90 5.67
C THR A 36 7.23 -13.70 4.48
N VAL A 37 8.01 -14.72 4.81
CA VAL A 37 8.59 -15.57 3.79
C VAL A 37 7.58 -16.64 3.38
N GLY A 38 7.76 -17.14 2.16
CA GLY A 38 6.88 -18.16 1.63
C GLY A 38 7.16 -18.42 0.15
N GLU A 39 6.25 -19.17 -0.46
CA GLU A 39 6.39 -19.49 -1.87
C GLU A 39 6.80 -18.25 -2.67
N PRO A 40 7.52 -18.50 -3.80
CA PRO A 40 7.98 -17.41 -4.65
C PRO A 40 6.82 -16.84 -5.47
N GLY A 41 5.96 -17.74 -5.93
CA GLY A 41 4.82 -17.33 -6.73
C GLY A 41 3.57 -17.17 -5.86
N TRP A 42 3.74 -16.42 -4.78
CA TRP A 42 2.64 -16.18 -3.86
C TRP A 42 2.93 -14.88 -3.11
N LEU A 43 1.86 -14.23 -2.67
CA LEU A 43 1.99 -12.98 -1.94
C LEU A 43 1.07 -13.02 -0.71
N TYR A 44 1.66 -12.75 0.43
CA TYR A 44 0.91 -12.75 1.68
C TYR A 44 0.58 -11.31 2.12
N GLY A 45 -0.69 -11.10 2.40
CA GLY A 45 -1.15 -9.79 2.83
C GLY A 45 -2.24 -9.91 3.89
N SER A 46 -2.43 -8.82 4.63
CA SER A 46 -3.44 -8.79 5.67
C SER A 46 -4.57 -7.83 5.29
N PHE A 47 -5.75 -8.40 5.12
CA PHE A 47 -6.91 -7.60 4.76
C PHE A 47 -7.94 -7.59 5.89
N GLN A 48 -8.96 -6.76 5.71
CA GLN A 48 -10.01 -6.64 6.70
C GLN A 48 -10.28 -8.00 7.36
N GLY A 49 -9.87 -8.11 8.62
CA GLY A 49 -10.06 -9.33 9.37
C GLY A 49 -9.91 -10.56 8.45
N ASN A 50 -9.02 -10.43 7.49
CA ASN A 50 -8.78 -11.51 6.55
C ASN A 50 -7.27 -11.62 6.28
N PHE A 51 -6.74 -12.80 6.57
CA PHE A 51 -5.32 -13.04 6.37
C PHE A 51 -5.09 -14.41 5.73
N GLY A 52 -4.52 -14.38 4.53
CA GLY A 52 -4.25 -15.60 3.80
C GLY A 52 -3.17 -15.38 2.74
N TRP A 53 -2.97 -16.41 1.92
CA TRP A 53 -1.98 -16.32 0.86
C TRP A 53 -2.71 -16.31 -0.48
N PHE A 54 -2.43 -15.28 -1.27
CA PHE A 54 -3.06 -15.14 -2.57
C PHE A 54 -2.02 -15.26 -3.69
N PRO A 55 -2.53 -15.51 -4.93
CA PRO A 55 -1.67 -15.66 -6.08
C PRO A 55 -1.16 -14.29 -6.54
N CYS A 56 0.13 -14.24 -6.84
CA CYS A 56 0.76 -13.01 -7.29
C CYS A 56 0.42 -12.82 -8.77
N ASN A 57 -0.67 -12.11 -9.01
CA ASN A 57 -1.10 -11.85 -10.38
C ASN A 57 -2.55 -11.36 -10.35
N TYR A 58 -3.29 -11.83 -9.35
CA TYR A 58 -4.69 -11.46 -9.22
C TYR A 58 -4.81 -10.05 -8.64
N VAL A 59 -3.71 -9.57 -8.07
CA VAL A 59 -3.70 -8.24 -7.48
C VAL A 59 -3.07 -7.26 -8.47
N GLU A 60 -3.26 -5.98 -8.19
CA GLU A 60 -2.73 -4.94 -9.04
C GLU A 60 -2.12 -3.82 -8.20
N LYS A 61 -0.80 -3.72 -8.27
CA LYS A 61 -0.07 -2.71 -7.52
C LYS A 61 -0.67 -1.33 -7.83
N MET A 62 -1.49 -0.85 -6.90
CA MET A 62 -2.12 0.45 -7.08
C MET A 62 -1.07 1.55 -7.26
N PRO A 63 -1.53 2.68 -7.87
CA PRO A 63 -0.64 3.81 -8.12
C PRO A 63 -0.37 4.58 -6.83
N SER A 64 0.88 4.49 -6.38
CA SER A 64 1.29 5.17 -5.17
C SER A 64 2.59 5.93 -5.41
N SER A 65 3.55 5.23 -5.97
CA SER A 65 4.85 5.82 -6.26
C SER A 65 4.74 6.75 -7.46
N GLU A 66 5.19 7.98 -7.27
CA GLU A 66 5.14 8.98 -8.32
C GLU A 66 6.43 9.81 -8.31
N ASN A 67 6.81 10.24 -7.12
CA ASN A 67 8.02 11.03 -6.96
C ASN A 67 8.13 11.49 -5.51
N GLU A 68 9.37 11.66 -5.07
CA GLU A 68 9.64 12.09 -3.71
C GLU A 68 9.65 13.61 -3.62
N LYS A 69 8.57 14.16 -3.10
CA LYS A 69 8.45 15.60 -2.96
C LYS A 69 8.44 16.24 -4.35
N ALA A 70 7.42 17.06 -4.58
CA ALA A 70 7.30 17.74 -5.85
C ALA A 70 8.17 18.99 -5.86
N VAL A 71 8.69 19.32 -7.03
CA VAL A 71 9.54 20.49 -7.17
C VAL A 71 8.71 21.65 -7.73
N SER A 72 8.89 22.81 -7.11
CA SER A 72 8.17 24.01 -7.52
C SER A 72 9.16 25.12 -7.87
N PRO A 73 9.57 25.15 -9.16
CA PRO A 73 10.51 26.16 -9.62
C PRO A 73 9.82 27.52 -9.78
N LYS A 74 10.53 28.44 -10.41
CA LYS A 74 10.01 29.78 -10.63
C LYS A 74 9.25 30.23 -9.37
N LYS A 75 9.84 29.92 -8.22
CA LYS A 75 9.24 30.29 -6.95
C LYS A 75 9.98 31.48 -6.38
N ALA A 76 9.52 32.68 -6.75
CA ALA A 76 10.13 33.90 -6.28
C ALA A 76 10.46 33.76 -4.79
N LEU A 77 11.36 34.63 -4.33
CA LEU A 77 11.76 34.61 -2.94
C LEU A 77 11.91 33.16 -2.47
N LEU A 78 12.99 32.53 -2.93
CA LEU A 78 13.25 31.15 -2.56
C LEU A 78 13.57 31.07 -1.08
N PRO A 79 13.14 29.94 -0.46
CA PRO A 79 13.37 29.73 0.96
C PRO A 79 14.83 29.36 1.24
N PRO A 80 15.18 29.31 2.55
CA PRO A 80 16.53 28.97 2.95
C PRO A 80 16.80 27.47 2.78
N THR A 81 17.88 27.17 2.08
CA THR A 81 18.26 25.79 1.84
C THR A 81 19.72 25.56 2.20
N VAL A 82 19.99 24.39 2.78
CA VAL A 82 21.34 24.05 3.17
C VAL A 82 21.37 22.58 3.61
N SER A 83 22.53 21.96 3.42
CA SER A 83 22.71 20.57 3.79
C SER A 83 23.91 20.43 4.73
N LEU A 84 23.66 19.77 5.85
CA LEU A 84 24.70 19.55 6.84
C LEU A 84 25.52 18.31 6.45
N SER A 85 26.75 18.29 6.94
CA SER A 85 27.64 17.17 6.65
C SER A 85 29.00 17.39 7.35
N ALA A 86 29.54 16.29 7.86
CA ALA A 86 30.81 16.35 8.55
C ALA A 86 31.39 14.94 8.65
N THR A 87 32.66 14.88 9.05
CA THR A 87 33.34 13.61 9.20
C THR A 87 34.49 13.73 10.19
N SER A 88 34.89 12.57 10.72
CA SER A 88 35.98 12.54 11.68
C SER A 88 37.15 11.75 11.11
N GLY A 89 38.29 11.87 11.79
CA GLY A 89 39.49 11.17 11.36
C GLY A 89 40.39 10.84 12.55
N PRO A 90 40.27 9.58 13.03
CA PRO A 90 41.07 9.13 14.17
C PRO A 90 42.51 8.86 13.75
N SER A 91 43.32 8.52 14.74
CA SER A 91 44.73 8.25 14.50
C SER A 91 45.37 7.62 15.74
N SER A 92 46.62 7.20 15.58
CA SER A 92 47.35 6.59 16.68
C SER A 92 48.81 6.38 16.28
N GLY A 93 49.62 6.07 17.28
CA GLY A 93 51.04 5.84 17.05
C GLY A 93 51.88 6.52 18.13
N GLY A 1 -0.24 -3.12 12.94
CA GLY A 1 1.14 -3.01 12.49
C GLY A 1 1.27 -3.32 11.00
N SER A 2 2.19 -2.62 10.36
CA SER A 2 2.42 -2.82 8.93
C SER A 2 3.92 -2.74 8.63
N SER A 3 4.50 -1.60 8.97
CA SER A 3 5.92 -1.39 8.74
C SER A 3 6.26 -1.63 7.27
N GLY A 4 6.24 -0.55 6.50
CA GLY A 4 6.54 -0.64 5.08
C GLY A 4 5.30 -1.05 4.29
N SER A 5 5.24 -2.34 3.96
CA SER A 5 4.12 -2.85 3.20
C SER A 5 4.03 -2.15 1.84
N SER A 6 3.23 -2.72 0.96
CA SER A 6 3.05 -2.17 -0.36
C SER A 6 1.58 -1.80 -0.58
N GLY A 7 0.71 -2.78 -0.35
CA GLY A 7 -0.72 -2.55 -0.51
C GLY A 7 -1.13 -2.67 -1.99
N TYR A 8 -1.91 -3.71 -2.27
CA TYR A 8 -2.37 -3.94 -3.63
C TYR A 8 -3.90 -3.94 -3.70
N ARG A 9 -4.41 -3.51 -4.83
CA ARG A 9 -5.85 -3.46 -5.04
C ARG A 9 -6.34 -4.75 -5.72
N ALA A 10 -7.23 -5.44 -5.04
CA ALA A 10 -7.78 -6.67 -5.56
C ALA A 10 -8.38 -6.41 -6.95
N LEU A 11 -7.91 -7.19 -7.92
CA LEU A 11 -8.38 -7.05 -9.28
C LEU A 11 -9.70 -7.81 -9.43
N TYR A 12 -9.73 -9.01 -8.86
CA TYR A 12 -10.92 -9.83 -8.92
C TYR A 12 -11.25 -10.43 -7.56
N PRO A 13 -12.55 -10.78 -7.38
CA PRO A 13 -13.01 -11.36 -6.12
C PRO A 13 -12.58 -12.81 -6.00
N PHE A 14 -11.58 -13.04 -5.16
CA PHE A 14 -11.06 -14.37 -4.95
C PHE A 14 -11.51 -14.93 -3.59
N GLU A 15 -11.65 -16.24 -3.54
CA GLU A 15 -12.07 -16.91 -2.33
C GLU A 15 -11.07 -18.00 -1.94
N ALA A 16 -10.92 -18.19 -0.63
CA ALA A 16 -10.00 -19.19 -0.12
C ALA A 16 -10.64 -20.57 -0.25
N ARG A 17 -9.93 -21.47 -0.92
CA ARG A 17 -10.41 -22.82 -1.12
C ARG A 17 -9.63 -23.80 -0.25
N ASN A 18 -8.56 -23.29 0.36
CA ASN A 18 -7.73 -24.09 1.21
C ASN A 18 -7.83 -23.59 2.65
N HIS A 19 -7.21 -24.33 3.56
CA HIS A 19 -7.22 -23.97 4.97
C HIS A 19 -6.02 -23.08 5.28
N ASP A 20 -5.72 -22.20 4.34
CA ASP A 20 -4.61 -21.28 4.51
C ASP A 20 -4.59 -20.28 3.35
N GLU A 21 -5.77 -19.76 3.05
CA GLU A 21 -5.91 -18.81 1.96
C GLU A 21 -6.80 -17.64 2.40
N MET A 22 -6.69 -16.54 1.66
CA MET A 22 -7.48 -15.36 1.97
C MET A 22 -8.65 -15.22 0.98
N SER A 23 -9.63 -14.43 1.40
CA SER A 23 -10.81 -14.20 0.57
C SER A 23 -11.18 -12.72 0.59
N PHE A 24 -11.02 -12.09 -0.56
CA PHE A 24 -11.34 -10.68 -0.69
C PHE A 24 -12.15 -10.41 -1.96
N ASN A 25 -12.56 -9.17 -2.12
CA ASN A 25 -13.34 -8.76 -3.27
C ASN A 25 -12.67 -7.58 -3.96
N SER A 26 -12.84 -7.52 -5.27
CA SER A 26 -12.25 -6.44 -6.05
C SER A 26 -12.58 -5.09 -5.42
N GLY A 27 -11.74 -4.11 -5.72
CA GLY A 27 -11.94 -2.77 -5.19
C GLY A 27 -11.72 -2.75 -3.67
N ASP A 28 -10.72 -3.50 -3.23
CA ASP A 28 -10.41 -3.58 -1.82
C ASP A 28 -8.88 -3.62 -1.64
N ILE A 29 -8.37 -2.65 -0.91
CA ILE A 29 -6.95 -2.57 -0.65
C ILE A 29 -6.51 -3.79 0.15
N ILE A 30 -5.43 -4.41 -0.32
CA ILE A 30 -4.90 -5.59 0.35
C ILE A 30 -3.56 -5.25 0.99
N GLN A 31 -3.57 -5.16 2.30
CA GLN A 31 -2.37 -4.83 3.05
C GLN A 31 -1.35 -5.97 2.93
N VAL A 32 -0.74 -6.06 1.76
CA VAL A 32 0.25 -7.10 1.50
C VAL A 32 1.55 -6.74 2.23
N ASP A 33 2.15 -7.75 2.85
CA ASP A 33 3.39 -7.56 3.57
C ASP A 33 4.55 -8.09 2.72
N GLU A 34 5.36 -7.15 2.25
CA GLU A 34 6.51 -7.51 1.43
C GLU A 34 7.73 -7.79 2.32
N LYS A 35 7.49 -8.58 3.36
CA LYS A 35 8.56 -8.92 4.28
C LYS A 35 8.45 -10.40 4.65
N THR A 36 7.27 -10.77 5.14
CA THR A 36 7.02 -12.15 5.53
C THR A 36 7.34 -13.10 4.37
N VAL A 37 8.20 -14.07 4.67
CA VAL A 37 8.59 -15.04 3.65
C VAL A 37 7.85 -16.36 3.90
N GLY A 38 7.79 -17.17 2.86
CA GLY A 38 7.12 -18.45 2.95
C GLY A 38 7.03 -19.12 1.57
N GLU A 39 5.86 -19.01 0.97
CA GLU A 39 5.62 -19.60 -0.34
C GLU A 39 6.39 -18.81 -1.41
N PRO A 40 6.53 -19.46 -2.60
CA PRO A 40 7.23 -18.84 -3.70
C PRO A 40 6.37 -17.74 -4.35
N GLY A 41 5.53 -18.18 -5.29
CA GLY A 41 4.66 -17.25 -5.98
C GLY A 41 3.37 -17.01 -5.20
N TRP A 42 3.54 -16.51 -3.98
CA TRP A 42 2.40 -16.24 -3.13
C TRP A 42 2.70 -14.96 -2.34
N LEU A 43 1.69 -14.12 -2.23
CA LEU A 43 1.82 -12.87 -1.50
C LEU A 43 0.92 -12.89 -0.26
N TYR A 44 1.54 -12.67 0.88
CA TYR A 44 0.81 -12.67 2.15
C TYR A 44 0.45 -11.24 2.56
N GLY A 45 -0.80 -11.07 2.94
CA GLY A 45 -1.29 -9.77 3.36
C GLY A 45 -2.37 -9.91 4.43
N SER A 46 -2.87 -8.76 4.88
CA SER A 46 -3.91 -8.74 5.90
C SER A 46 -5.05 -7.83 5.47
N PHE A 47 -6.23 -8.43 5.32
CA PHE A 47 -7.40 -7.69 4.91
C PHE A 47 -8.52 -7.82 5.94
N GLN A 48 -9.58 -7.05 5.73
CA GLN A 48 -10.71 -7.08 6.63
C GLN A 48 -10.94 -8.48 7.17
N GLY A 49 -10.64 -8.66 8.44
CA GLY A 49 -10.81 -9.94 9.10
C GLY A 49 -10.48 -11.09 8.12
N ASN A 50 -9.51 -10.83 7.27
CA ASN A 50 -9.10 -11.82 6.29
C ASN A 50 -7.57 -11.82 6.19
N PHE A 51 -6.98 -12.93 6.63
CA PHE A 51 -5.54 -13.07 6.60
C PHE A 51 -5.13 -14.45 6.06
N GLY A 52 -4.56 -14.43 4.87
CA GLY A 52 -4.13 -15.66 4.23
C GLY A 52 -3.15 -15.37 3.08
N TRP A 53 -2.87 -16.41 2.31
CA TRP A 53 -1.96 -16.29 1.19
C TRP A 53 -2.79 -16.34 -0.10
N PHE A 54 -2.30 -15.66 -1.11
CA PHE A 54 -2.98 -15.62 -2.39
C PHE A 54 -1.98 -15.60 -3.55
N PRO A 55 -2.49 -15.96 -4.76
CA PRO A 55 -1.64 -15.98 -5.94
C PRO A 55 -1.37 -14.57 -6.45
N CYS A 56 -0.12 -14.33 -6.82
CA CYS A 56 0.28 -13.03 -7.32
C CYS A 56 -0.17 -12.91 -8.78
N ASN A 57 -1.38 -12.40 -8.95
CA ASN A 57 -1.94 -12.23 -10.28
C ASN A 57 -3.25 -11.45 -10.19
N TYR A 58 -4.04 -11.79 -9.18
CA TYR A 58 -5.31 -11.14 -8.96
C TYR A 58 -5.13 -9.85 -8.15
N VAL A 59 -4.17 -9.04 -8.58
CA VAL A 59 -3.90 -7.79 -7.90
C VAL A 59 -3.26 -6.81 -8.89
N GLU A 60 -3.32 -5.54 -8.54
CA GLU A 60 -2.74 -4.50 -9.38
C GLU A 60 -1.97 -3.49 -8.53
N LYS A 61 -0.65 -3.61 -8.60
CA LYS A 61 0.22 -2.72 -7.84
C LYS A 61 -0.24 -1.27 -8.03
N MET A 62 -0.92 -0.75 -7.02
CA MET A 62 -1.41 0.61 -7.07
C MET A 62 -0.29 1.59 -7.40
N PRO A 63 -0.71 2.78 -7.90
CA PRO A 63 0.24 3.81 -8.28
C PRO A 63 0.83 4.50 -7.03
N SER A 64 2.14 4.37 -6.89
CA SER A 64 2.83 4.97 -5.76
C SER A 64 4.09 5.70 -6.23
N SER A 65 4.92 4.97 -6.97
CA SER A 65 6.16 5.53 -7.49
C SER A 65 5.84 6.75 -8.36
N GLU A 66 6.06 7.93 -7.77
CA GLU A 66 5.82 9.17 -8.47
C GLU A 66 6.70 10.28 -7.91
N ASN A 67 6.66 10.42 -6.59
CA ASN A 67 7.45 11.43 -5.92
C ASN A 67 7.22 12.79 -6.59
N GLU A 68 6.33 13.57 -5.99
CA GLU A 68 6.00 14.88 -6.51
C GLU A 68 5.73 15.85 -5.36
N LYS A 69 6.77 16.61 -5.01
CA LYS A 69 6.66 17.58 -3.94
C LYS A 69 7.15 18.94 -4.44
N ALA A 70 6.50 19.41 -5.49
CA ALA A 70 6.87 20.70 -6.07
C ALA A 70 8.29 20.61 -6.64
N VAL A 71 8.43 21.08 -7.86
CA VAL A 71 9.73 21.06 -8.52
C VAL A 71 10.52 22.29 -8.10
N SER A 72 11.57 22.04 -7.31
CA SER A 72 12.42 23.11 -6.83
C SER A 72 13.88 22.67 -6.82
N PRO A 73 14.60 23.00 -7.92
CA PRO A 73 15.99 22.63 -8.04
C PRO A 73 16.87 23.52 -7.16
N LYS A 74 16.67 23.38 -5.86
CA LYS A 74 17.44 24.17 -4.90
C LYS A 74 17.52 25.61 -5.37
N LYS A 75 16.41 26.31 -5.28
CA LYS A 75 16.34 27.70 -5.69
C LYS A 75 16.86 27.81 -7.12
N ALA A 76 16.78 29.03 -7.65
CA ALA A 76 17.24 29.29 -9.01
C ALA A 76 18.74 29.56 -8.99
N LEU A 77 19.36 29.43 -10.16
CA LEU A 77 20.78 29.66 -10.29
C LEU A 77 21.54 28.64 -9.43
N LEU A 78 22.59 28.08 -10.01
CA LEU A 78 23.40 27.10 -9.32
C LEU A 78 24.88 27.36 -9.60
N PRO A 79 25.74 26.91 -8.66
CA PRO A 79 27.17 27.10 -8.81
C PRO A 79 27.75 26.12 -9.84
N PRO A 80 29.05 26.33 -10.16
CA PRO A 80 29.73 25.49 -11.13
C PRO A 80 30.06 24.12 -10.53
N THR A 81 30.06 23.11 -11.38
CA THR A 81 30.35 21.76 -10.95
C THR A 81 31.73 21.33 -11.47
N VAL A 82 32.46 20.61 -10.62
CA VAL A 82 33.77 20.13 -10.99
C VAL A 82 33.68 19.34 -12.30
N SER A 83 34.82 18.85 -12.74
CA SER A 83 34.89 18.08 -13.96
C SER A 83 35.45 16.68 -13.67
N LEU A 84 35.37 15.81 -14.68
CA LEU A 84 35.86 14.46 -14.55
C LEU A 84 36.55 14.04 -15.85
N SER A 85 37.77 13.55 -15.69
CA SER A 85 38.54 13.11 -16.85
C SER A 85 38.80 11.60 -16.76
N ALA A 86 39.31 11.06 -17.84
CA ALA A 86 39.60 9.63 -17.91
C ALA A 86 40.81 9.40 -18.83
N THR A 87 41.20 8.14 -18.92
CA THR A 87 42.34 7.77 -19.76
C THR A 87 42.38 6.26 -19.96
N SER A 88 43.20 5.85 -20.92
CA SER A 88 43.34 4.43 -21.23
C SER A 88 44.72 4.17 -21.82
N GLY A 89 45.01 2.88 -22.03
CA GLY A 89 46.29 2.49 -22.59
C GLY A 89 46.18 1.11 -23.26
N PRO A 90 47.06 0.90 -24.27
CA PRO A 90 47.08 -0.36 -24.99
C PRO A 90 47.72 -1.47 -24.16
N SER A 91 47.91 -2.61 -24.80
CA SER A 91 48.52 -3.75 -24.13
C SER A 91 49.29 -4.61 -25.13
N SER A 92 50.17 -5.43 -24.60
CA SER A 92 50.98 -6.31 -25.45
C SER A 92 50.94 -7.73 -24.90
N GLY A 93 51.45 -8.66 -25.72
CA GLY A 93 51.47 -10.06 -25.33
C GLY A 93 52.66 -10.78 -25.97
N GLY A 1 6.82 5.35 8.08
CA GLY A 1 6.97 6.35 7.05
C GLY A 1 7.49 5.72 5.74
N SER A 2 8.80 5.70 5.62
CA SER A 2 9.43 5.12 4.44
C SER A 2 9.62 3.62 4.63
N SER A 3 9.64 2.91 3.49
CA SER A 3 9.81 1.48 3.52
C SER A 3 8.69 0.82 4.33
N GLY A 4 8.45 -0.45 4.05
CA GLY A 4 7.42 -1.20 4.75
C GLY A 4 6.51 -1.91 3.76
N SER A 5 5.22 -1.92 4.08
CA SER A 5 4.23 -2.56 3.23
C SER A 5 4.14 -1.84 1.89
N SER A 6 3.49 -2.49 0.94
CA SER A 6 3.34 -1.93 -0.38
C SER A 6 1.86 -1.63 -0.64
N GLY A 7 1.02 -2.63 -0.41
CA GLY A 7 -0.41 -2.48 -0.61
C GLY A 7 -0.80 -2.85 -2.05
N TYR A 8 -1.76 -3.75 -2.15
CA TYR A 8 -2.23 -4.21 -3.44
C TYR A 8 -3.77 -4.24 -3.49
N ARG A 9 -4.30 -3.91 -4.65
CA ARG A 9 -5.74 -3.90 -4.84
C ARG A 9 -6.17 -5.13 -5.64
N ALA A 10 -7.23 -5.77 -5.15
CA ALA A 10 -7.75 -6.96 -5.81
C ALA A 10 -8.53 -6.53 -7.06
N LEU A 11 -8.11 -7.09 -8.19
CA LEU A 11 -8.74 -6.78 -9.46
C LEU A 11 -10.09 -7.50 -9.54
N TYR A 12 -10.06 -8.79 -9.20
CA TYR A 12 -11.26 -9.60 -9.23
C TYR A 12 -11.53 -10.23 -7.86
N PRO A 13 -12.81 -10.64 -7.65
CA PRO A 13 -13.20 -11.26 -6.40
C PRO A 13 -12.69 -12.70 -6.32
N PHE A 14 -11.89 -12.96 -5.29
CA PHE A 14 -11.34 -14.28 -5.10
C PHE A 14 -11.88 -14.93 -3.83
N GLU A 15 -11.63 -16.21 -3.69
CA GLU A 15 -12.09 -16.95 -2.53
C GLU A 15 -11.07 -18.02 -2.13
N ALA A 16 -11.11 -18.38 -0.85
CA ALA A 16 -10.18 -19.38 -0.33
C ALA A 16 -10.79 -20.77 -0.54
N ARG A 17 -9.99 -21.78 -0.21
CA ARG A 17 -10.43 -23.16 -0.36
C ARG A 17 -9.28 -24.12 -0.06
N ASN A 18 -8.09 -23.70 -0.45
CA ASN A 18 -6.91 -24.51 -0.23
C ASN A 18 -6.77 -24.82 1.27
N HIS A 19 -6.48 -23.77 2.03
CA HIS A 19 -6.33 -23.90 3.46
C HIS A 19 -6.13 -22.52 4.09
N ASP A 20 -4.94 -21.98 3.89
CA ASP A 20 -4.62 -20.67 4.43
C ASP A 20 -4.67 -19.63 3.31
N GLU A 21 -5.78 -19.64 2.58
CA GLU A 21 -5.96 -18.71 1.48
C GLU A 21 -6.82 -17.52 1.93
N MET A 22 -6.56 -16.38 1.32
CA MET A 22 -7.30 -15.17 1.64
C MET A 22 -8.36 -14.88 0.58
N SER A 23 -9.52 -14.45 1.05
CA SER A 23 -10.63 -14.14 0.15
C SER A 23 -10.93 -12.64 0.21
N PHE A 24 -11.10 -12.05 -0.96
CA PHE A 24 -11.40 -10.64 -1.05
C PHE A 24 -12.25 -10.34 -2.29
N ASN A 25 -12.73 -9.11 -2.36
CA ASN A 25 -13.55 -8.68 -3.48
C ASN A 25 -12.85 -7.53 -4.21
N SER A 26 -13.07 -7.47 -5.51
CA SER A 26 -12.47 -6.43 -6.32
C SER A 26 -12.82 -5.06 -5.75
N GLY A 27 -11.79 -4.24 -5.58
CA GLY A 27 -11.96 -2.91 -5.05
C GLY A 27 -11.70 -2.88 -3.54
N ASP A 28 -10.62 -3.56 -3.15
CA ASP A 28 -10.25 -3.63 -1.75
C ASP A 28 -8.73 -3.52 -1.62
N ILE A 29 -8.30 -2.60 -0.77
CA ILE A 29 -6.89 -2.38 -0.54
C ILE A 29 -6.34 -3.48 0.37
N ILE A 30 -5.40 -4.24 -0.17
CA ILE A 30 -4.79 -5.32 0.60
C ILE A 30 -3.37 -4.92 0.99
N GLN A 31 -3.14 -4.89 2.30
CA GLN A 31 -1.84 -4.52 2.83
C GLN A 31 -0.87 -5.69 2.70
N VAL A 32 -0.24 -5.77 1.54
CA VAL A 32 0.71 -6.85 1.28
C VAL A 32 1.95 -6.65 2.16
N ASP A 33 2.46 -7.76 2.67
CA ASP A 33 3.63 -7.72 3.53
C ASP A 33 4.81 -8.38 2.80
N GLU A 34 5.60 -7.55 2.14
CA GLU A 34 6.76 -8.05 1.41
C GLU A 34 7.75 -8.70 2.37
N LYS A 35 7.75 -8.21 3.60
CA LYS A 35 8.65 -8.74 4.61
C LYS A 35 8.43 -10.25 4.74
N THR A 36 7.18 -10.62 4.97
CA THR A 36 6.83 -12.02 5.12
C THR A 36 7.28 -12.81 3.90
N VAL A 37 8.01 -13.89 4.16
CA VAL A 37 8.52 -14.73 3.09
C VAL A 37 7.47 -15.80 2.77
N GLY A 38 7.57 -16.34 1.55
CA GLY A 38 6.65 -17.36 1.11
C GLY A 38 6.89 -17.71 -0.36
N GLU A 39 5.99 -18.54 -0.89
CA GLU A 39 6.09 -18.95 -2.28
C GLU A 39 6.44 -17.76 -3.17
N PRO A 40 6.88 -18.09 -4.42
CA PRO A 40 7.24 -17.06 -5.37
C PRO A 40 6.01 -16.36 -5.94
N GLY A 41 5.18 -17.16 -6.61
CA GLY A 41 3.97 -16.64 -7.22
C GLY A 41 2.83 -16.58 -6.19
N TRP A 42 3.16 -16.03 -5.03
CA TRP A 42 2.19 -15.90 -3.96
C TRP A 42 2.63 -14.76 -3.05
N LEU A 43 1.72 -13.83 -2.82
CA LEU A 43 2.01 -12.69 -1.96
C LEU A 43 1.03 -12.69 -0.78
N TYR A 44 1.60 -12.48 0.40
CA TYR A 44 0.80 -12.46 1.62
C TYR A 44 0.30 -11.04 1.92
N GLY A 45 -0.99 -10.95 2.20
CA GLY A 45 -1.60 -9.66 2.50
C GLY A 45 -2.66 -9.80 3.60
N SER A 46 -2.80 -8.74 4.37
CA SER A 46 -3.78 -8.73 5.45
C SER A 46 -4.96 -7.83 5.09
N PHE A 47 -6.16 -8.40 5.19
CA PHE A 47 -7.37 -7.67 4.88
C PHE A 47 -8.39 -7.78 6.00
N GLN A 48 -9.46 -7.01 5.88
CA GLN A 48 -10.52 -7.03 6.88
C GLN A 48 -10.70 -8.43 7.44
N GLY A 49 -10.34 -8.58 8.70
CA GLY A 49 -10.45 -9.87 9.37
C GLY A 49 -10.16 -11.01 8.41
N ASN A 50 -9.24 -10.76 7.49
CA ASN A 50 -8.86 -11.75 6.50
C ASN A 50 -7.34 -11.74 6.33
N PHE A 51 -6.72 -12.86 6.70
CA PHE A 51 -5.28 -12.98 6.59
C PHE A 51 -4.89 -14.34 5.99
N GLY A 52 -4.37 -14.29 4.78
CA GLY A 52 -3.95 -15.50 4.09
C GLY A 52 -3.03 -15.17 2.91
N TRP A 53 -2.72 -16.20 2.14
CA TRP A 53 -1.86 -16.04 0.99
C TRP A 53 -2.74 -16.03 -0.27
N PHE A 54 -2.47 -15.07 -1.14
CA PHE A 54 -3.23 -14.93 -2.36
C PHE A 54 -2.30 -14.95 -3.58
N PRO A 55 -2.91 -15.25 -4.76
CA PRO A 55 -2.15 -15.30 -6.01
C PRO A 55 -1.81 -13.90 -6.49
N CYS A 56 -0.53 -13.70 -6.76
CA CYS A 56 -0.05 -12.42 -7.24
C CYS A 56 -0.69 -12.14 -8.60
N ASN A 57 -1.09 -13.21 -9.26
CA ASN A 57 -1.70 -13.11 -10.57
C ASN A 57 -3.20 -12.83 -10.40
N TYR A 58 -3.49 -11.78 -9.64
CA TYR A 58 -4.87 -11.40 -9.39
C TYR A 58 -4.97 -9.97 -8.87
N VAL A 59 -4.06 -9.64 -7.95
CA VAL A 59 -4.02 -8.32 -7.37
C VAL A 59 -3.28 -7.37 -8.31
N GLU A 60 -3.50 -6.08 -8.09
CA GLU A 60 -2.85 -5.07 -8.91
C GLU A 60 -2.03 -4.12 -8.04
N LYS A 61 -0.75 -4.04 -8.32
CA LYS A 61 0.14 -3.17 -7.57
C LYS A 61 -0.30 -1.73 -7.74
N MET A 62 -1.03 -1.23 -6.75
CA MET A 62 -1.52 0.13 -6.78
C MET A 62 -0.36 1.12 -6.81
N PRO A 63 -0.67 2.36 -7.29
CA PRO A 63 0.34 3.40 -7.38
C PRO A 63 0.64 3.99 -6.00
N SER A 64 1.78 3.59 -5.46
CA SER A 64 2.19 4.07 -4.15
C SER A 64 3.72 4.16 -4.09
N SER A 65 4.20 5.39 -3.98
CA SER A 65 5.63 5.63 -3.91
C SER A 65 5.90 7.08 -3.48
N GLU A 66 6.99 7.25 -2.74
CA GLU A 66 7.36 8.57 -2.26
C GLU A 66 8.83 8.85 -2.58
N ASN A 67 9.14 10.12 -2.78
CA ASN A 67 10.49 10.53 -3.09
C ASN A 67 10.56 12.06 -3.13
N GLU A 68 9.53 12.65 -3.70
CA GLU A 68 9.47 14.10 -3.81
C GLU A 68 10.66 14.63 -4.61
N LYS A 69 10.43 15.75 -5.28
CA LYS A 69 11.47 16.36 -6.08
C LYS A 69 12.53 16.98 -5.17
N ALA A 70 13.74 17.07 -5.70
CA ALA A 70 14.84 17.63 -4.94
C ALA A 70 15.23 18.99 -5.53
N VAL A 71 16.17 19.65 -4.87
CA VAL A 71 16.63 20.94 -5.32
C VAL A 71 17.02 20.86 -6.79
N SER A 72 16.81 21.97 -7.49
CA SER A 72 17.12 22.03 -8.90
C SER A 72 18.00 23.25 -9.20
N PRO A 73 18.83 23.13 -10.27
CA PRO A 73 19.72 24.20 -10.65
C PRO A 73 18.95 25.33 -11.34
N LYS A 74 19.67 26.41 -11.63
CA LYS A 74 19.07 27.56 -12.28
C LYS A 74 18.01 28.16 -11.36
N LYS A 75 18.06 29.48 -11.23
CA LYS A 75 17.12 30.20 -10.39
C LYS A 75 16.50 31.34 -11.19
N ALA A 76 15.56 32.02 -10.54
CA ALA A 76 14.87 33.13 -11.18
C ALA A 76 13.91 33.78 -10.19
N LEU A 77 14.46 34.67 -9.37
CA LEU A 77 13.66 35.36 -8.37
C LEU A 77 13.07 36.63 -8.98
N LEU A 78 11.74 36.66 -9.02
CA LEU A 78 11.05 37.81 -9.56
C LEU A 78 10.51 38.68 -8.42
N PRO A 79 10.63 40.02 -8.62
CA PRO A 79 10.17 40.96 -7.61
C PRO A 79 8.64 41.07 -7.62
N PRO A 80 8.02 40.60 -6.50
CA PRO A 80 6.59 40.64 -6.38
C PRO A 80 6.09 42.06 -6.09
N THR A 81 4.77 42.21 -6.11
CA THR A 81 4.17 43.51 -5.85
C THR A 81 3.07 43.39 -4.80
N VAL A 82 2.96 44.44 -3.99
CA VAL A 82 1.95 44.46 -2.95
C VAL A 82 1.39 45.87 -2.81
N SER A 83 0.07 45.97 -2.91
CA SER A 83 -0.59 47.26 -2.79
C SER A 83 -1.80 47.15 -1.86
N LEU A 84 -2.38 48.30 -1.55
CA LEU A 84 -3.53 48.35 -0.67
C LEU A 84 -4.40 49.55 -1.04
N SER A 85 -5.64 49.51 -0.56
CA SER A 85 -6.56 50.59 -0.82
C SER A 85 -7.42 50.87 0.41
N ALA A 86 -8.33 51.81 0.27
CA ALA A 86 -9.22 52.18 1.37
C ALA A 86 -10.62 52.42 0.83
N THR A 87 -11.55 52.63 1.75
CA THR A 87 -12.93 52.87 1.38
C THR A 87 -13.55 53.93 2.30
N SER A 88 -14.21 54.89 1.68
CA SER A 88 -14.85 55.97 2.43
C SER A 88 -16.36 55.90 2.25
N GLY A 89 -17.06 56.73 3.01
CA GLY A 89 -18.51 56.77 2.95
C GLY A 89 -19.02 58.21 3.01
N PRO A 90 -19.40 58.73 1.81
CA PRO A 90 -19.91 60.10 1.71
C PRO A 90 -21.34 60.19 2.24
N SER A 91 -21.86 61.40 2.25
CA SER A 91 -23.22 61.64 2.73
C SER A 91 -23.69 63.03 2.30
N SER A 92 -24.96 63.27 2.55
CA SER A 92 -25.55 64.56 2.19
C SER A 92 -26.21 65.19 3.41
N GLY A 93 -26.57 66.46 3.27
CA GLY A 93 -27.20 67.19 4.36
C GLY A 93 -28.72 67.26 4.14
N GLY A 1 5.50 3.93 15.58
CA GLY A 1 4.77 3.31 14.50
C GLY A 1 5.70 2.44 13.64
N SER A 2 6.29 3.07 12.64
CA SER A 2 7.20 2.37 11.74
C SER A 2 6.55 1.08 11.24
N SER A 3 6.00 1.17 10.04
CA SER A 3 5.33 0.02 9.43
C SER A 3 5.76 -0.11 7.97
N GLY A 4 5.46 -1.28 7.41
CA GLY A 4 5.80 -1.54 6.01
C GLY A 4 4.56 -1.49 5.12
N SER A 5 4.06 -2.68 4.81
CA SER A 5 2.88 -2.79 3.96
C SER A 5 3.15 -2.16 2.60
N SER A 6 2.40 -2.61 1.60
CA SER A 6 2.55 -2.10 0.25
C SER A 6 1.26 -1.38 -0.18
N GLY A 7 0.19 -2.15 -0.26
CA GLY A 7 -1.09 -1.62 -0.66
C GLY A 7 -1.45 -2.03 -2.09
N TYR A 8 -2.38 -2.96 -2.19
CA TYR A 8 -2.82 -3.45 -3.48
C TYR A 8 -4.33 -3.25 -3.67
N ARG A 9 -4.77 -3.49 -4.89
CA ARG A 9 -6.18 -3.34 -5.21
C ARG A 9 -6.71 -4.61 -5.88
N ALA A 10 -7.48 -5.37 -5.11
CA ALA A 10 -8.05 -6.61 -5.62
C ALA A 10 -8.75 -6.34 -6.96
N LEU A 11 -8.30 -7.07 -7.98
CA LEU A 11 -8.88 -6.91 -9.30
C LEU A 11 -10.18 -7.70 -9.39
N TYR A 12 -10.11 -8.95 -8.95
CA TYR A 12 -11.27 -9.82 -8.97
C TYR A 12 -11.54 -10.42 -7.59
N PRO A 13 -12.83 -10.78 -7.35
CA PRO A 13 -13.22 -11.37 -6.08
C PRO A 13 -12.76 -12.82 -5.98
N PHE A 14 -11.76 -13.02 -5.13
CA PHE A 14 -11.22 -14.36 -4.93
C PHE A 14 -11.86 -15.04 -3.72
N GLU A 15 -11.61 -16.34 -3.61
CA GLU A 15 -12.16 -17.11 -2.50
C GLU A 15 -11.05 -17.88 -1.80
N ALA A 16 -11.36 -18.34 -0.60
CA ALA A 16 -10.40 -19.10 0.20
C ALA A 16 -11.04 -20.41 0.64
N ARG A 17 -10.71 -21.47 -0.09
CA ARG A 17 -11.25 -22.79 0.22
C ARG A 17 -10.14 -23.84 0.11
N ASN A 18 -8.98 -23.49 0.63
CA ASN A 18 -7.84 -24.39 0.59
C ASN A 18 -7.41 -24.72 2.03
N HIS A 19 -7.05 -23.67 2.75
CA HIS A 19 -6.61 -23.83 4.13
C HIS A 19 -6.17 -22.47 4.69
N ASP A 20 -5.05 -21.99 4.17
CA ASP A 20 -4.50 -20.72 4.61
C ASP A 20 -4.68 -19.69 3.49
N GLU A 21 -5.91 -19.56 3.02
CA GLU A 21 -6.22 -18.62 1.96
C GLU A 21 -7.19 -17.55 2.46
N MET A 22 -7.11 -16.39 1.83
CA MET A 22 -7.98 -15.27 2.20
C MET A 22 -8.99 -14.97 1.10
N SER A 23 -10.03 -14.23 1.47
CA SER A 23 -11.08 -13.88 0.53
C SER A 23 -11.21 -12.35 0.46
N PHE A 24 -11.13 -11.84 -0.76
CA PHE A 24 -11.25 -10.42 -0.97
C PHE A 24 -12.02 -10.11 -2.26
N ASN A 25 -12.78 -9.03 -2.21
CA ASN A 25 -13.58 -8.62 -3.35
C ASN A 25 -12.85 -7.50 -4.10
N SER A 26 -12.92 -7.56 -5.42
CA SER A 26 -12.29 -6.56 -6.26
C SER A 26 -12.48 -5.17 -5.65
N GLY A 27 -11.52 -4.29 -5.92
CA GLY A 27 -11.59 -2.94 -5.41
C GLY A 27 -10.99 -2.85 -4.01
N ASP A 28 -11.49 -3.69 -3.13
CA ASP A 28 -11.01 -3.73 -1.75
C ASP A 28 -9.48 -3.66 -1.75
N ILE A 29 -8.96 -2.70 -1.01
CA ILE A 29 -7.52 -2.52 -0.91
C ILE A 29 -6.92 -3.66 -0.09
N ILE A 30 -5.94 -4.33 -0.68
CA ILE A 30 -5.29 -5.43 -0.01
C ILE A 30 -3.95 -4.95 0.57
N GLN A 31 -3.93 -4.82 1.89
CA GLN A 31 -2.73 -4.37 2.57
C GLN A 31 -1.66 -5.46 2.53
N VAL A 32 -1.07 -5.62 1.36
CA VAL A 32 -0.04 -6.62 1.18
C VAL A 32 1.24 -6.16 1.88
N ASP A 33 1.91 -7.12 2.51
CA ASP A 33 3.14 -6.83 3.23
C ASP A 33 4.32 -7.35 2.43
N GLU A 34 4.85 -6.48 1.58
CA GLU A 34 5.99 -6.83 0.75
C GLU A 34 7.12 -7.41 1.60
N LYS A 35 7.13 -6.99 2.86
CA LYS A 35 8.14 -7.45 3.80
C LYS A 35 8.10 -8.99 3.87
N THR A 36 6.93 -9.49 4.21
CA THR A 36 6.74 -10.94 4.33
C THR A 36 6.96 -11.60 2.97
N VAL A 37 7.85 -12.59 2.97
CA VAL A 37 8.16 -13.31 1.76
C VAL A 37 8.20 -14.81 2.06
N GLY A 38 7.99 -15.61 1.01
CA GLY A 38 8.00 -17.05 1.16
C GLY A 38 7.80 -17.74 -0.19
N GLU A 39 6.58 -18.21 -0.40
CA GLU A 39 6.25 -18.88 -1.65
C GLU A 39 6.79 -18.09 -2.85
N PRO A 40 6.86 -18.79 -4.01
CA PRO A 40 7.34 -18.17 -5.23
C PRO A 40 6.31 -17.21 -5.81
N GLY A 41 5.45 -17.76 -6.66
CA GLY A 41 4.40 -16.98 -7.30
C GLY A 41 3.21 -16.80 -6.35
N TRP A 42 3.51 -16.22 -5.19
CA TRP A 42 2.46 -15.98 -4.19
C TRP A 42 2.84 -14.71 -3.43
N LEU A 43 1.82 -14.06 -2.89
CA LEU A 43 2.01 -12.84 -2.13
C LEU A 43 1.12 -12.87 -0.89
N TYR A 44 1.73 -12.55 0.24
CA TYR A 44 1.01 -12.54 1.50
C TYR A 44 0.61 -11.11 1.88
N GLY A 45 -0.63 -10.98 2.32
CA GLY A 45 -1.15 -9.68 2.72
C GLY A 45 -2.12 -9.81 3.90
N SER A 46 -2.68 -8.67 4.28
CA SER A 46 -3.62 -8.65 5.39
C SER A 46 -4.85 -7.81 5.02
N PHE A 47 -5.99 -8.49 4.95
CA PHE A 47 -7.24 -7.84 4.61
C PHE A 47 -8.25 -7.96 5.74
N GLN A 48 -9.32 -7.19 5.63
CA GLN A 48 -10.37 -7.19 6.63
C GLN A 48 -10.56 -8.61 7.19
N GLY A 49 -10.17 -8.76 8.45
CA GLY A 49 -10.28 -10.05 9.11
C GLY A 49 -10.02 -11.20 8.13
N ASN A 50 -9.11 -10.94 7.20
CA ASN A 50 -8.75 -11.94 6.21
C ASN A 50 -7.25 -11.87 5.94
N PHE A 51 -6.55 -12.92 6.36
CA PHE A 51 -5.12 -12.99 6.18
C PHE A 51 -4.69 -14.38 5.72
N GLY A 52 -4.16 -14.44 4.51
CA GLY A 52 -3.70 -15.71 3.95
C GLY A 52 -2.77 -15.48 2.76
N TRP A 53 -2.46 -16.57 2.08
CA TRP A 53 -1.58 -16.50 0.92
C TRP A 53 -2.46 -16.49 -0.33
N PHE A 54 -2.26 -15.46 -1.15
CA PHE A 54 -3.02 -15.32 -2.37
C PHE A 54 -2.10 -15.28 -3.59
N PRO A 55 -2.70 -15.56 -4.77
CA PRO A 55 -1.94 -15.55 -6.02
C PRO A 55 -1.64 -14.12 -6.47
N CYS A 56 -0.41 -13.92 -6.92
CA CYS A 56 0.01 -12.60 -7.37
C CYS A 56 -0.74 -12.28 -8.67
N ASN A 57 -1.07 -13.34 -9.39
CA ASN A 57 -1.79 -13.18 -10.66
C ASN A 57 -3.27 -12.96 -10.36
N TYR A 58 -3.54 -11.95 -9.55
CA TYR A 58 -4.91 -11.62 -9.19
C TYR A 58 -5.01 -10.18 -8.69
N VAL A 59 -4.05 -9.80 -7.86
CA VAL A 59 -4.02 -8.45 -7.31
C VAL A 59 -3.24 -7.54 -8.26
N GLU A 60 -3.28 -6.25 -7.96
CA GLU A 60 -2.59 -5.27 -8.77
C GLU A 60 -1.99 -4.17 -7.88
N LYS A 61 -0.68 -4.02 -7.99
CA LYS A 61 0.02 -3.02 -7.20
C LYS A 61 -0.41 -1.62 -7.65
N MET A 62 -1.36 -1.07 -6.90
CA MET A 62 -1.87 0.26 -7.21
C MET A 62 -0.79 1.33 -7.04
N PRO A 63 -0.99 2.48 -7.73
CA PRO A 63 -0.04 3.58 -7.66
C PRO A 63 -0.15 4.32 -6.33
N SER A 64 0.82 5.17 -6.08
CA SER A 64 0.85 5.95 -4.85
C SER A 64 -0.14 7.10 -4.94
N SER A 65 0.19 8.07 -5.78
CA SER A 65 -0.66 9.23 -5.96
C SER A 65 -0.13 10.09 -7.11
N GLU A 66 1.19 10.21 -7.16
CA GLU A 66 1.83 11.00 -8.20
C GLU A 66 3.06 10.26 -8.74
N ASN A 67 3.01 9.97 -10.02
CA ASN A 67 4.12 9.27 -10.68
C ASN A 67 4.27 9.78 -12.10
N GLU A 68 5.20 10.72 -12.26
CA GLU A 68 5.45 11.30 -13.57
C GLU A 68 6.91 11.74 -13.68
N LYS A 69 7.35 11.92 -14.91
CA LYS A 69 8.72 12.33 -15.16
C LYS A 69 9.11 13.45 -14.20
N ALA A 70 10.40 13.55 -13.94
CA ALA A 70 10.91 14.57 -13.03
C ALA A 70 11.40 15.77 -13.84
N VAL A 71 10.52 16.76 -13.95
CA VAL A 71 10.85 17.96 -14.69
C VAL A 71 11.31 17.58 -16.10
N SER A 72 11.49 18.61 -16.93
CA SER A 72 11.93 18.39 -18.29
C SER A 72 13.30 19.02 -18.51
N PRO A 73 14.08 18.40 -19.42
CA PRO A 73 15.42 18.90 -19.73
C PRO A 73 15.35 20.16 -20.60
N LYS A 74 15.86 21.25 -20.04
CA LYS A 74 15.86 22.52 -20.75
C LYS A 74 17.19 22.69 -21.48
N LYS A 75 17.18 23.56 -22.48
CA LYS A 75 18.38 23.82 -23.26
C LYS A 75 18.12 24.99 -24.20
N ALA A 76 19.17 25.77 -24.44
CA ALA A 76 19.06 26.93 -25.31
C ALA A 76 19.71 26.60 -26.65
N LEU A 77 19.01 26.96 -27.72
CA LEU A 77 19.50 26.71 -29.06
C LEU A 77 19.28 27.95 -29.92
N LEU A 78 19.90 27.95 -31.09
CA LEU A 78 19.78 29.06 -32.02
C LEU A 78 18.89 28.66 -33.19
N PRO A 79 18.34 29.69 -33.89
CA PRO A 79 17.48 29.45 -35.03
C PRO A 79 18.29 29.01 -36.25
N PRO A 80 17.62 28.24 -37.14
CA PRO A 80 18.27 27.76 -38.36
C PRO A 80 18.41 28.87 -39.38
N THR A 81 19.17 28.58 -40.43
CA THR A 81 19.40 29.55 -41.48
C THR A 81 18.78 29.07 -42.79
N VAL A 82 18.39 30.02 -43.61
CA VAL A 82 17.77 29.71 -44.90
C VAL A 82 18.87 29.45 -45.93
N SER A 83 18.50 28.72 -46.97
CA SER A 83 19.44 28.40 -48.03
C SER A 83 18.78 28.61 -49.39
N LEU A 84 19.61 28.55 -50.43
CA LEU A 84 19.13 28.73 -51.79
C LEU A 84 19.46 27.49 -52.62
N SER A 85 18.90 27.46 -53.82
CA SER A 85 19.13 26.34 -54.72
C SER A 85 19.47 26.86 -56.12
N ALA A 86 19.94 25.94 -56.95
CA ALA A 86 20.32 26.28 -58.31
C ALA A 86 19.84 25.17 -59.26
N THR A 87 20.04 25.42 -60.54
CA THR A 87 19.65 24.45 -61.56
C THR A 87 20.68 24.42 -62.69
N SER A 88 20.42 23.55 -63.65
CA SER A 88 21.32 23.40 -64.79
C SER A 88 20.53 22.88 -66.00
N GLY A 89 21.22 22.87 -67.14
CA GLY A 89 20.60 22.41 -68.38
C GLY A 89 21.60 21.59 -69.21
N PRO A 90 21.05 20.67 -70.04
CA PRO A 90 21.87 19.84 -70.89
C PRO A 90 22.40 20.63 -72.08
N SER A 91 23.12 19.92 -72.95
CA SER A 91 23.69 20.55 -74.13
C SER A 91 23.85 19.51 -75.24
N SER A 92 24.08 20.00 -76.44
CA SER A 92 24.27 19.13 -77.59
C SER A 92 25.69 19.29 -78.14
N GLY A 93 26.04 18.37 -79.03
CA GLY A 93 27.36 18.39 -79.64
C GLY A 93 27.41 17.49 -80.88
N GLY A 1 5.86 5.12 13.06
CA GLY A 1 5.89 4.90 11.62
C GLY A 1 6.60 3.60 11.28
N SER A 2 6.25 3.05 10.12
CA SER A 2 6.84 1.81 9.67
C SER A 2 7.33 1.96 8.23
N SER A 3 8.65 2.05 8.09
CA SER A 3 9.25 2.20 6.78
C SER A 3 9.34 0.83 6.09
N GLY A 4 8.43 0.61 5.15
CA GLY A 4 8.40 -0.64 4.41
C GLY A 4 6.96 -1.06 4.11
N SER A 5 6.77 -2.37 4.03
CA SER A 5 5.46 -2.92 3.73
C SER A 5 4.93 -2.36 2.41
N SER A 6 3.91 -3.02 1.88
CA SER A 6 3.31 -2.60 0.63
C SER A 6 1.82 -2.93 0.63
N GLY A 7 1.11 -2.34 -0.34
CA GLY A 7 -0.31 -2.55 -0.45
C GLY A 7 -0.69 -2.92 -1.89
N TYR A 8 -1.65 -3.82 -2.00
CA TYR A 8 -2.11 -4.27 -3.30
C TYR A 8 -3.64 -4.31 -3.36
N ARG A 9 -4.17 -3.96 -4.53
CA ARG A 9 -5.61 -3.94 -4.73
C ARG A 9 -6.06 -5.23 -5.41
N ALA A 10 -7.23 -5.71 -5.01
CA ALA A 10 -7.78 -6.91 -5.58
C ALA A 10 -8.45 -6.59 -6.92
N LEU A 11 -7.97 -7.26 -7.96
CA LEU A 11 -8.50 -7.05 -9.29
C LEU A 11 -9.85 -7.76 -9.41
N TYR A 12 -9.87 -9.01 -8.98
CA TYR A 12 -11.08 -9.80 -9.04
C TYR A 12 -11.39 -10.43 -7.67
N PRO A 13 -12.67 -10.86 -7.51
CA PRO A 13 -13.10 -11.48 -6.27
C PRO A 13 -12.57 -12.91 -6.16
N PHE A 14 -11.79 -13.14 -5.10
CA PHE A 14 -11.23 -14.45 -4.86
C PHE A 14 -12.04 -15.22 -3.82
N GLU A 15 -11.74 -16.51 -3.73
CA GLU A 15 -12.43 -17.37 -2.78
C GLU A 15 -11.43 -18.23 -2.02
N ALA A 16 -11.62 -18.29 -0.71
CA ALA A 16 -10.74 -19.08 0.14
C ALA A 16 -11.60 -19.94 1.09
N ARG A 17 -11.50 -21.25 0.90
CA ARG A 17 -12.24 -22.18 1.72
C ARG A 17 -11.29 -23.02 2.57
N ASN A 18 -10.12 -22.44 2.84
CA ASN A 18 -9.13 -23.12 3.64
C ASN A 18 -8.53 -22.14 4.65
N HIS A 19 -7.93 -22.70 5.69
CA HIS A 19 -7.32 -21.88 6.73
C HIS A 19 -5.89 -21.51 6.31
N ASP A 20 -5.82 -20.61 5.34
CA ASP A 20 -4.52 -20.16 4.85
C ASP A 20 -4.73 -19.15 3.72
N GLU A 21 -5.75 -19.40 2.92
CA GLU A 21 -6.07 -18.53 1.80
C GLU A 21 -6.99 -17.40 2.27
N MET A 22 -6.79 -16.24 1.65
CA MET A 22 -7.59 -15.07 2.00
C MET A 22 -8.68 -14.82 0.96
N SER A 23 -9.78 -14.25 1.41
CA SER A 23 -10.90 -13.95 0.54
C SER A 23 -11.11 -12.43 0.45
N PHE A 24 -11.25 -11.96 -0.78
CA PHE A 24 -11.46 -10.54 -1.01
C PHE A 24 -12.25 -10.31 -2.30
N ASN A 25 -12.90 -9.16 -2.37
CA ASN A 25 -13.69 -8.80 -3.53
C ASN A 25 -13.06 -7.60 -4.23
N SER A 26 -13.05 -7.67 -5.55
CA SER A 26 -12.47 -6.60 -6.35
C SER A 26 -12.84 -5.23 -5.74
N GLY A 27 -11.80 -4.45 -5.47
CA GLY A 27 -12.00 -3.13 -4.89
C GLY A 27 -11.74 -3.15 -3.39
N ASP A 28 -10.66 -3.81 -3.01
CA ASP A 28 -10.30 -3.91 -1.61
C ASP A 28 -8.78 -3.79 -1.47
N ILE A 29 -8.36 -2.79 -0.72
CA ILE A 29 -6.94 -2.55 -0.50
C ILE A 29 -6.39 -3.64 0.42
N ILE A 30 -5.35 -4.32 -0.07
CA ILE A 30 -4.73 -5.38 0.71
C ILE A 30 -3.32 -4.95 1.12
N GLN A 31 -3.00 -5.19 2.38
CA GLN A 31 -1.70 -4.82 2.91
C GLN A 31 -0.73 -6.01 2.78
N VAL A 32 0.00 -6.01 1.68
CA VAL A 32 0.96 -7.08 1.43
C VAL A 32 2.19 -6.87 2.31
N ASP A 33 2.51 -7.91 3.08
CA ASP A 33 3.66 -7.85 3.97
C ASP A 33 4.87 -8.48 3.29
N GLU A 34 5.48 -7.71 2.40
CA GLU A 34 6.64 -8.19 1.68
C GLU A 34 7.64 -8.85 2.63
N LYS A 35 7.67 -8.33 3.86
CA LYS A 35 8.56 -8.85 4.87
C LYS A 35 8.31 -10.36 5.04
N THR A 36 7.09 -10.68 5.42
CA THR A 36 6.71 -12.07 5.62
C THR A 36 7.09 -12.90 4.40
N VAL A 37 7.86 -13.94 4.66
CA VAL A 37 8.31 -14.83 3.60
C VAL A 37 7.69 -16.22 3.80
N GLY A 38 7.72 -17.01 2.73
CA GLY A 38 7.17 -18.35 2.79
C GLY A 38 7.12 -18.98 1.40
N GLU A 39 5.94 -18.95 0.80
CA GLU A 39 5.75 -19.50 -0.53
C GLU A 39 6.48 -18.66 -1.57
N PRO A 40 6.64 -19.25 -2.78
CA PRO A 40 7.31 -18.56 -3.87
C PRO A 40 6.41 -17.48 -4.47
N GLY A 41 5.58 -17.90 -5.41
CA GLY A 41 4.66 -16.99 -6.07
C GLY A 41 3.39 -16.80 -5.24
N TRP A 42 3.58 -16.36 -4.02
CA TRP A 42 2.45 -16.13 -3.12
C TRP A 42 2.77 -14.90 -2.27
N LEU A 43 1.85 -13.94 -2.29
CA LEU A 43 2.03 -12.72 -1.53
C LEU A 43 1.03 -12.71 -0.36
N TYR A 44 1.59 -12.71 0.84
CA TYR A 44 0.78 -12.69 2.03
C TYR A 44 0.34 -11.27 2.40
N GLY A 45 -0.96 -11.05 2.35
CA GLY A 45 -1.51 -9.74 2.67
C GLY A 45 -2.52 -9.83 3.81
N SER A 46 -2.73 -8.70 4.46
CA SER A 46 -3.67 -8.64 5.58
C SER A 46 -4.81 -7.68 5.24
N PHE A 47 -6.01 -8.25 5.16
CA PHE A 47 -7.19 -7.46 4.86
C PHE A 47 -8.20 -7.53 6.00
N GLN A 48 -9.24 -6.71 5.87
CA GLN A 48 -10.28 -6.67 6.88
C GLN A 48 -10.52 -8.07 7.47
N GLY A 49 -10.13 -8.21 8.73
CA GLY A 49 -10.29 -9.49 9.41
C GLY A 49 -10.07 -10.66 8.45
N ASN A 50 -9.13 -10.47 7.54
CA ASN A 50 -8.81 -11.49 6.56
C ASN A 50 -7.30 -11.56 6.38
N PHE A 51 -6.75 -12.73 6.68
CA PHE A 51 -5.32 -12.95 6.56
C PHE A 51 -5.02 -14.31 5.92
N GLY A 52 -4.45 -14.26 4.74
CA GLY A 52 -4.11 -15.48 4.02
C GLY A 52 -3.11 -15.19 2.88
N TRP A 53 -2.91 -16.19 2.05
CA TRP A 53 -1.99 -16.06 0.93
C TRP A 53 -2.82 -16.09 -0.36
N PHE A 54 -2.28 -15.44 -1.38
CA PHE A 54 -2.95 -15.38 -2.67
C PHE A 54 -1.95 -15.39 -3.82
N PRO A 55 -2.44 -15.75 -5.03
CA PRO A 55 -1.61 -15.80 -6.21
C PRO A 55 -1.29 -14.39 -6.72
N CYS A 56 -0.01 -14.14 -6.95
CA CYS A 56 0.43 -12.85 -7.43
C CYS A 56 0.00 -12.72 -8.90
N ASN A 57 -1.28 -12.43 -9.09
CA ASN A 57 -1.83 -12.28 -10.42
C ASN A 57 -3.14 -11.50 -10.34
N TYR A 58 -3.97 -11.88 -9.38
CA TYR A 58 -5.25 -11.22 -9.19
C TYR A 58 -5.10 -9.99 -8.29
N VAL A 59 -4.06 -9.23 -8.55
CA VAL A 59 -3.80 -8.03 -7.77
C VAL A 59 -3.05 -7.01 -8.65
N GLU A 60 -3.44 -5.76 -8.48
CA GLU A 60 -2.81 -4.68 -9.25
C GLU A 60 -2.12 -3.69 -8.31
N LYS A 61 -0.83 -3.91 -8.11
CA LYS A 61 -0.05 -3.04 -7.24
C LYS A 61 -0.45 -1.58 -7.49
N MET A 62 -0.69 -0.88 -6.40
CA MET A 62 -1.07 0.51 -6.48
C MET A 62 0.10 1.43 -6.13
N PRO A 63 -0.03 2.72 -6.55
CA PRO A 63 1.00 3.71 -6.30
C PRO A 63 1.00 4.13 -4.83
N SER A 64 2.15 4.62 -4.39
CA SER A 64 2.30 5.07 -3.02
C SER A 64 3.22 6.28 -2.95
N SER A 65 2.62 7.45 -2.84
CA SER A 65 3.37 8.70 -2.78
C SER A 65 2.43 9.86 -2.43
N GLU A 66 2.74 10.50 -1.31
CA GLU A 66 1.93 11.63 -0.86
C GLU A 66 2.75 12.92 -0.91
N ASN A 67 2.83 13.47 -2.12
CA ASN A 67 3.59 14.69 -2.32
C ASN A 67 2.90 15.84 -1.57
N GLU A 68 3.70 16.56 -0.79
CA GLU A 68 3.18 17.68 -0.01
C GLU A 68 3.78 18.99 -0.51
N LYS A 69 2.96 20.04 -0.45
CA LYS A 69 3.39 21.35 -0.90
C LYS A 69 4.33 21.95 0.15
N ALA A 70 5.49 21.33 0.28
CA ALA A 70 6.48 21.80 1.24
C ALA A 70 6.54 23.33 1.21
N VAL A 71 6.47 23.92 2.39
CA VAL A 71 6.52 25.37 2.51
C VAL A 71 7.57 25.92 1.55
N SER A 72 7.16 26.94 0.80
CA SER A 72 8.06 27.56 -0.16
C SER A 72 9.14 28.35 0.58
N PRO A 73 10.42 28.15 0.13
CA PRO A 73 11.55 28.83 0.74
C PRO A 73 11.59 30.30 0.31
N LYS A 74 10.74 31.10 0.94
CA LYS A 74 10.67 32.52 0.63
C LYS A 74 9.97 33.25 1.79
N LYS A 75 10.60 34.35 2.21
CA LYS A 75 10.05 35.14 3.29
C LYS A 75 9.02 36.12 2.73
N ALA A 76 7.85 36.13 3.38
CA ALA A 76 6.78 37.00 2.95
C ALA A 76 5.68 37.01 4.02
N LEU A 77 4.69 37.87 3.80
CA LEU A 77 3.58 37.98 4.74
C LEU A 77 4.10 38.52 6.08
N LEU A 78 3.49 39.62 6.51
CA LEU A 78 3.87 40.24 7.76
C LEU A 78 2.96 39.73 8.88
N PRO A 79 3.39 40.00 10.14
CA PRO A 79 2.62 39.58 11.31
C PRO A 79 1.40 40.47 11.50
N PRO A 80 0.21 39.82 11.55
CA PRO A 80 -1.04 40.54 11.73
C PRO A 80 -1.19 41.00 13.18
N THR A 81 -2.21 41.82 13.40
CA THR A 81 -2.48 42.34 14.73
C THR A 81 -3.53 41.47 15.44
N VAL A 82 -3.76 41.80 16.71
CA VAL A 82 -4.73 41.05 17.50
C VAL A 82 -5.63 42.05 18.24
N SER A 83 -6.70 41.51 18.80
CA SER A 83 -7.64 42.33 19.54
C SER A 83 -8.49 41.45 20.48
N LEU A 84 -9.10 42.10 21.44
CA LEU A 84 -9.94 41.40 22.41
C LEU A 84 -11.18 42.23 22.71
N SER A 85 -12.04 41.67 23.55
CA SER A 85 -13.26 42.35 23.93
C SER A 85 -13.82 41.74 25.22
N ALA A 86 -14.84 42.40 25.76
CA ALA A 86 -15.47 41.94 26.98
C ALA A 86 -16.99 42.01 26.83
N THR A 87 -17.67 41.32 27.72
CA THR A 87 -19.12 41.29 27.71
C THR A 87 -19.68 41.15 29.12
N SER A 88 -20.54 42.08 29.48
CA SER A 88 -21.16 42.07 30.81
C SER A 88 -22.53 41.38 30.74
N GLY A 89 -23.12 41.23 31.91
CA GLY A 89 -24.44 40.60 31.99
C GLY A 89 -25.19 41.07 33.24
N PRO A 90 -26.54 41.01 33.16
CA PRO A 90 -27.39 41.43 34.26
C PRO A 90 -27.37 40.38 35.39
N SER A 91 -28.24 40.60 36.36
CA SER A 91 -28.34 39.69 37.49
C SER A 91 -29.80 39.60 37.96
N SER A 92 -30.05 38.60 38.80
CA SER A 92 -31.39 38.40 39.33
C SER A 92 -31.30 37.89 40.77
N GLY A 93 -32.46 37.87 41.43
CA GLY A 93 -32.53 37.43 42.80
C GLY A 93 -33.83 36.65 43.05
N GLY A 1 5.55 2.38 9.97
CA GLY A 1 5.98 3.55 9.21
C GLY A 1 5.86 3.30 7.71
N SER A 2 6.37 4.25 6.95
CA SER A 2 6.32 4.15 5.50
C SER A 2 6.89 2.80 5.05
N SER A 3 8.14 2.56 5.44
CA SER A 3 8.80 1.32 5.09
C SER A 3 8.16 0.15 5.84
N GLY A 4 7.38 -0.63 5.11
CA GLY A 4 6.71 -1.78 5.71
C GLY A 4 5.86 -2.50 4.67
N SER A 5 4.56 -2.30 4.76
CA SER A 5 3.62 -2.92 3.84
C SER A 5 3.64 -2.19 2.50
N SER A 6 3.11 -2.86 1.49
CA SER A 6 3.07 -2.29 0.15
C SER A 6 1.65 -1.80 -0.15
N GLY A 7 0.69 -2.69 0.02
CA GLY A 7 -0.70 -2.35 -0.23
C GLY A 7 -1.06 -2.56 -1.69
N TYR A 8 -1.99 -3.46 -1.92
CA TYR A 8 -2.43 -3.77 -3.28
C TYR A 8 -3.95 -3.62 -3.41
N ARG A 9 -4.41 -3.60 -4.65
CA ARG A 9 -5.82 -3.46 -4.93
C ARG A 9 -6.36 -4.71 -5.63
N ALA A 10 -7.29 -5.38 -4.97
CA ALA A 10 -7.88 -6.58 -5.52
C ALA A 10 -8.37 -6.30 -6.94
N LEU A 11 -8.02 -7.21 -7.84
CA LEU A 11 -8.41 -7.07 -9.24
C LEU A 11 -9.78 -7.72 -9.44
N TYR A 12 -9.94 -8.90 -8.87
CA TYR A 12 -11.19 -9.62 -8.97
C TYR A 12 -11.51 -10.36 -7.67
N PRO A 13 -12.83 -10.64 -7.48
CA PRO A 13 -13.29 -11.34 -6.29
C PRO A 13 -12.95 -12.82 -6.36
N PHE A 14 -11.89 -13.19 -5.65
CA PHE A 14 -11.45 -14.58 -5.63
C PHE A 14 -11.83 -15.25 -4.30
N GLU A 15 -12.29 -16.49 -4.42
CA GLU A 15 -12.68 -17.25 -3.25
C GLU A 15 -11.49 -18.06 -2.71
N ALA A 16 -11.42 -18.12 -1.39
CA ALA A 16 -10.34 -18.86 -0.74
C ALA A 16 -10.64 -20.35 -0.81
N ARG A 17 -10.23 -20.96 -1.91
CA ARG A 17 -10.44 -22.39 -2.11
C ARG A 17 -9.14 -23.16 -1.90
N ASN A 18 -8.48 -22.87 -0.79
CA ASN A 18 -7.22 -23.52 -0.46
C ASN A 18 -7.20 -23.85 1.03
N HIS A 19 -5.98 -23.97 1.56
CA HIS A 19 -5.81 -24.28 2.96
C HIS A 19 -5.87 -22.99 3.78
N ASP A 20 -4.85 -22.16 3.60
CA ASP A 20 -4.77 -20.90 4.32
C ASP A 20 -4.81 -19.75 3.31
N GLU A 21 -5.84 -19.76 2.49
CA GLU A 21 -6.00 -18.73 1.48
C GLU A 21 -6.88 -17.59 2.02
N MET A 22 -6.71 -16.42 1.41
CA MET A 22 -7.48 -15.25 1.82
C MET A 22 -8.67 -15.03 0.88
N SER A 23 -9.65 -14.31 1.40
CA SER A 23 -10.85 -14.01 0.62
C SER A 23 -11.07 -12.49 0.56
N PHE A 24 -11.30 -12.02 -0.66
CA PHE A 24 -11.53 -10.61 -0.88
C PHE A 24 -12.35 -10.37 -2.14
N ASN A 25 -12.71 -9.12 -2.35
CA ASN A 25 -13.49 -8.74 -3.52
C ASN A 25 -12.83 -7.55 -4.21
N SER A 26 -12.92 -7.53 -5.53
CA SER A 26 -12.34 -6.46 -6.31
C SER A 26 -12.57 -5.12 -5.62
N GLY A 27 -11.74 -4.15 -5.97
CA GLY A 27 -11.83 -2.82 -5.39
C GLY A 27 -11.61 -2.87 -3.88
N ASP A 28 -10.60 -3.62 -3.49
CA ASP A 28 -10.27 -3.77 -2.08
C ASP A 28 -8.76 -3.62 -1.89
N ILE A 29 -8.39 -2.91 -0.83
CA ILE A 29 -6.98 -2.68 -0.53
C ILE A 29 -6.45 -3.86 0.29
N ILE A 30 -5.50 -4.57 -0.30
CA ILE A 30 -4.91 -5.71 0.37
C ILE A 30 -3.55 -5.31 0.95
N GLN A 31 -3.50 -5.25 2.27
CA GLN A 31 -2.27 -4.88 2.95
C GLN A 31 -1.23 -5.99 2.82
N VAL A 32 -0.67 -6.09 1.61
CA VAL A 32 0.34 -7.10 1.33
C VAL A 32 1.66 -6.70 2.00
N ASP A 33 2.35 -7.70 2.53
CA ASP A 33 3.62 -7.45 3.20
C ASP A 33 4.75 -7.95 2.30
N GLU A 34 5.45 -7.00 1.68
CA GLU A 34 6.55 -7.33 0.81
C GLU A 34 7.81 -7.58 1.62
N LYS A 35 7.69 -8.46 2.59
CA LYS A 35 8.82 -8.79 3.45
C LYS A 35 8.74 -10.28 3.83
N THR A 36 7.58 -10.67 4.33
CA THR A 36 7.36 -12.04 4.73
C THR A 36 7.76 -13.00 3.61
N VAL A 37 8.59 -13.97 3.97
CA VAL A 37 9.06 -14.96 3.00
C VAL A 37 8.36 -16.29 3.26
N GLY A 38 8.11 -17.01 2.18
CA GLY A 38 7.44 -18.30 2.27
C GLY A 38 7.29 -18.94 0.89
N GLU A 39 6.08 -18.82 0.35
CA GLU A 39 5.79 -19.38 -0.96
C GLU A 39 6.51 -18.58 -2.05
N PRO A 40 6.63 -19.21 -3.25
CA PRO A 40 7.28 -18.58 -4.37
C PRO A 40 6.38 -17.50 -4.99
N GLY A 41 5.40 -17.97 -5.76
CA GLY A 41 4.47 -17.07 -6.42
C GLY A 41 3.22 -16.87 -5.57
N TRP A 42 3.43 -16.30 -4.38
CA TRP A 42 2.33 -16.04 -3.47
C TRP A 42 2.66 -14.77 -2.68
N LEU A 43 1.62 -13.97 -2.46
CA LEU A 43 1.79 -12.72 -1.74
C LEU A 43 0.92 -12.76 -0.48
N TYR A 44 1.58 -12.65 0.66
CA TYR A 44 0.89 -12.67 1.93
C TYR A 44 0.55 -11.25 2.40
N GLY A 45 -0.73 -11.04 2.70
CA GLY A 45 -1.20 -9.74 3.15
C GLY A 45 -2.16 -9.88 4.33
N SER A 46 -2.81 -8.78 4.66
CA SER A 46 -3.76 -8.77 5.76
C SER A 46 -4.93 -7.85 5.43
N PHE A 47 -6.11 -8.45 5.32
CA PHE A 47 -7.31 -7.69 5.01
C PHE A 47 -8.36 -7.85 6.11
N GLN A 48 -9.42 -7.07 5.99
CA GLN A 48 -10.49 -7.11 6.97
C GLN A 48 -10.69 -8.55 7.48
N GLY A 49 -10.35 -8.75 8.74
CA GLY A 49 -10.48 -10.06 9.36
C GLY A 49 -10.17 -11.17 8.35
N ASN A 50 -9.24 -10.86 7.45
CA ASN A 50 -8.85 -11.83 6.43
C ASN A 50 -7.32 -11.81 6.30
N PHE A 51 -6.71 -12.92 6.67
CA PHE A 51 -5.26 -13.04 6.58
C PHE A 51 -4.86 -14.40 6.01
N GLY A 52 -4.36 -14.35 4.78
CA GLY A 52 -3.92 -15.57 4.11
C GLY A 52 -2.99 -15.24 2.94
N TRP A 53 -2.72 -16.27 2.15
CA TRP A 53 -1.84 -16.11 0.99
C TRP A 53 -2.70 -16.19 -0.26
N PHE A 54 -2.28 -15.42 -1.27
CA PHE A 54 -3.00 -15.39 -2.54
C PHE A 54 -2.04 -15.35 -3.71
N PRO A 55 -2.57 -15.73 -4.91
CA PRO A 55 -1.76 -15.74 -6.12
C PRO A 55 -1.53 -14.30 -6.63
N CYS A 56 -0.27 -14.02 -6.93
CA CYS A 56 0.09 -12.71 -7.43
C CYS A 56 -0.45 -12.56 -8.86
N ASN A 57 -1.77 -12.59 -8.95
CA ASN A 57 -2.42 -12.46 -10.24
C ASN A 57 -3.71 -11.65 -10.09
N TYR A 58 -4.49 -12.02 -9.08
CA TYR A 58 -5.74 -11.32 -8.80
C TYR A 58 -5.50 -10.10 -7.92
N VAL A 59 -4.45 -9.36 -8.24
CA VAL A 59 -4.11 -8.17 -7.48
C VAL A 59 -3.24 -7.26 -8.33
N GLU A 60 -3.54 -5.97 -8.28
CA GLU A 60 -2.79 -4.98 -9.05
C GLU A 60 -2.02 -4.06 -8.10
N LYS A 61 -0.71 -4.01 -8.31
CA LYS A 61 0.15 -3.18 -7.48
C LYS A 61 -0.13 -1.71 -7.81
N MET A 62 -0.81 -1.04 -6.89
CA MET A 62 -1.14 0.36 -7.06
C MET A 62 0.13 1.19 -7.25
N PRO A 63 -0.08 2.41 -7.85
CA PRO A 63 1.04 3.31 -8.10
C PRO A 63 1.49 3.98 -6.80
N SER A 64 2.55 3.44 -6.22
CA SER A 64 3.09 3.98 -4.99
C SER A 64 4.03 5.15 -5.29
N SER A 65 3.48 6.35 -5.22
CA SER A 65 4.26 7.55 -5.49
C SER A 65 3.78 8.69 -4.59
N GLU A 66 4.72 9.26 -3.85
CA GLU A 66 4.40 10.36 -2.95
C GLU A 66 5.33 11.54 -3.22
N ASN A 67 4.97 12.68 -2.64
CA ASN A 67 5.76 13.89 -2.81
C ASN A 67 6.43 14.25 -1.47
N GLU A 68 7.43 15.11 -1.57
CA GLU A 68 8.16 15.55 -0.39
C GLU A 68 8.20 17.07 -0.32
N LYS A 69 7.59 17.59 0.75
CA LYS A 69 7.56 19.03 0.94
C LYS A 69 6.92 19.69 -0.29
N ALA A 70 5.60 19.79 -0.25
CA ALA A 70 4.87 20.40 -1.35
C ALA A 70 4.52 21.84 -0.99
N VAL A 71 5.49 22.72 -1.22
CA VAL A 71 5.29 24.13 -0.92
C VAL A 71 5.35 24.94 -2.23
N SER A 72 4.25 25.62 -2.49
CA SER A 72 4.16 26.44 -3.70
C SER A 72 3.74 27.86 -3.35
N PRO A 73 4.75 28.70 -3.02
CA PRO A 73 4.50 30.09 -2.67
C PRO A 73 4.16 30.92 -3.90
N LYS A 74 2.98 30.66 -4.44
CA LYS A 74 2.53 31.38 -5.62
C LYS A 74 1.20 32.09 -5.31
N LYS A 75 1.33 33.33 -4.88
CA LYS A 75 0.15 34.11 -4.54
C LYS A 75 -0.60 34.48 -5.83
N ALA A 76 -1.54 33.61 -6.18
CA ALA A 76 -2.33 33.83 -7.38
C ALA A 76 -3.65 34.50 -7.01
N LEU A 77 -4.36 34.96 -8.03
CA LEU A 77 -5.63 35.62 -7.82
C LEU A 77 -6.67 35.03 -8.76
N LEU A 78 -7.82 34.70 -8.20
CA LEU A 78 -8.91 34.13 -8.98
C LEU A 78 -10.06 35.13 -9.07
N PRO A 79 -10.72 35.14 -10.26
CA PRO A 79 -11.84 36.05 -10.49
C PRO A 79 -13.09 35.57 -9.75
N PRO A 80 -13.99 36.54 -9.46
CA PRO A 80 -15.22 36.24 -8.77
C PRO A 80 -16.22 35.54 -9.69
N THR A 81 -17.36 35.17 -9.12
CA THR A 81 -18.39 34.50 -9.88
C THR A 81 -19.74 34.59 -9.16
N VAL A 82 -20.69 35.21 -9.83
CA VAL A 82 -22.02 35.37 -9.26
C VAL A 82 -23.06 34.81 -10.24
N SER A 83 -24.31 34.87 -9.81
CA SER A 83 -25.41 34.38 -10.63
C SER A 83 -26.64 35.26 -10.45
N LEU A 84 -27.64 35.02 -11.29
CA LEU A 84 -28.87 35.79 -11.23
C LEU A 84 -29.99 34.99 -11.90
N SER A 85 -31.21 35.24 -11.44
CA SER A 85 -32.37 34.55 -11.98
C SER A 85 -33.64 35.37 -11.70
N ALA A 86 -34.69 35.02 -12.42
CA ALA A 86 -35.95 35.71 -12.27
C ALA A 86 -37.07 34.88 -12.94
N THR A 87 -38.30 35.36 -12.77
CA THR A 87 -39.44 34.69 -13.35
C THR A 87 -40.70 35.53 -13.16
N SER A 88 -41.49 35.61 -14.22
CA SER A 88 -42.73 36.36 -14.18
C SER A 88 -43.89 35.50 -14.67
N GLY A 89 -45.09 36.05 -14.55
CA GLY A 89 -46.29 35.34 -14.97
C GLY A 89 -47.41 36.33 -15.31
N PRO A 90 -47.83 36.31 -16.61
CA PRO A 90 -48.89 37.19 -17.06
C PRO A 90 -50.26 36.69 -16.59
N SER A 91 -51.28 37.46 -16.92
CA SER A 91 -52.63 37.11 -16.53
C SER A 91 -53.60 37.36 -17.70
N SER A 92 -54.83 36.92 -17.51
CA SER A 92 -55.85 37.09 -18.54
C SER A 92 -57.21 37.31 -17.89
N GLY A 93 -58.18 37.67 -18.72
CA GLY A 93 -59.52 37.91 -18.24
C GLY A 93 -60.53 37.90 -19.39
N GLY A 1 4.30 -5.14 11.49
CA GLY A 1 5.51 -4.68 10.83
C GLY A 1 5.93 -3.31 11.37
N SER A 2 6.38 -2.47 10.46
CA SER A 2 6.83 -1.13 10.83
C SER A 2 6.97 -0.26 9.58
N SER A 3 7.87 -0.67 8.71
CA SER A 3 8.11 0.05 7.46
C SER A 3 8.52 -0.91 6.36
N GLY A 4 7.51 -1.43 5.66
CA GLY A 4 7.75 -2.36 4.58
C GLY A 4 6.47 -3.08 4.17
N SER A 5 5.46 -2.28 3.88
CA SER A 5 4.16 -2.82 3.47
C SER A 5 3.68 -2.13 2.20
N SER A 6 2.84 -2.84 1.45
CA SER A 6 2.30 -2.30 0.22
C SER A 6 0.77 -2.34 0.25
N GLY A 7 0.17 -1.59 -0.66
CA GLY A 7 -1.28 -1.54 -0.74
C GLY A 7 -1.76 -1.88 -2.15
N TYR A 8 -2.08 -3.15 -2.35
CA TYR A 8 -2.55 -3.61 -3.64
C TYR A 8 -4.07 -3.46 -3.76
N ARG A 9 -4.56 -3.66 -4.97
CA ARG A 9 -5.99 -3.54 -5.23
C ARG A 9 -6.50 -4.78 -5.95
N ALA A 10 -7.36 -5.52 -5.26
CA ALA A 10 -7.93 -6.74 -5.83
C ALA A 10 -8.56 -6.42 -7.18
N LEU A 11 -8.05 -7.08 -8.21
CA LEU A 11 -8.55 -6.87 -9.56
C LEU A 11 -9.86 -7.63 -9.72
N TYR A 12 -9.85 -8.88 -9.27
CA TYR A 12 -11.03 -9.73 -9.37
C TYR A 12 -11.38 -10.33 -8.01
N PRO A 13 -12.69 -10.65 -7.84
CA PRO A 13 -13.17 -11.23 -6.59
C PRO A 13 -12.76 -12.69 -6.47
N PHE A 14 -11.77 -12.93 -5.63
CA PHE A 14 -11.27 -14.28 -5.41
C PHE A 14 -11.55 -14.75 -3.98
N GLU A 15 -12.22 -15.89 -3.88
CA GLU A 15 -12.55 -16.45 -2.58
C GLU A 15 -11.56 -17.56 -2.22
N ALA A 16 -11.46 -17.81 -0.92
CA ALA A 16 -10.56 -18.84 -0.43
C ALA A 16 -11.21 -20.21 -0.59
N ARG A 17 -11.02 -20.79 -1.76
CA ARG A 17 -11.58 -22.10 -2.05
C ARG A 17 -11.39 -23.04 -0.86
N ASN A 18 -10.23 -22.91 -0.23
CA ASN A 18 -9.91 -23.74 0.92
C ASN A 18 -8.56 -23.33 1.48
N HIS A 19 -7.99 -24.21 2.29
CA HIS A 19 -6.69 -23.95 2.90
C HIS A 19 -6.71 -22.58 3.59
N ASP A 20 -5.54 -22.15 4.02
CA ASP A 20 -5.41 -20.87 4.70
C ASP A 20 -5.25 -19.75 3.66
N GLU A 21 -6.15 -19.78 2.68
CA GLU A 21 -6.12 -18.79 1.61
C GLU A 21 -6.89 -17.54 2.04
N MET A 22 -6.55 -16.43 1.40
CA MET A 22 -7.20 -15.16 1.71
C MET A 22 -8.41 -14.94 0.80
N SER A 23 -9.37 -14.19 1.32
CA SER A 23 -10.58 -13.89 0.57
C SER A 23 -10.79 -12.38 0.50
N PHE A 24 -11.09 -11.92 -0.71
CA PHE A 24 -11.32 -10.50 -0.93
C PHE A 24 -12.04 -10.26 -2.25
N ASN A 25 -12.67 -9.10 -2.34
CA ASN A 25 -13.40 -8.74 -3.55
C ASN A 25 -12.75 -7.52 -4.19
N SER A 26 -12.87 -7.44 -5.50
CA SER A 26 -12.29 -6.33 -6.25
C SER A 26 -12.71 -5.01 -5.63
N GLY A 27 -11.95 -3.98 -5.93
CA GLY A 27 -12.24 -2.65 -5.41
C GLY A 27 -11.97 -2.58 -3.91
N ASP A 28 -11.06 -3.45 -3.46
CA ASP A 28 -10.71 -3.49 -2.05
C ASP A 28 -9.19 -3.54 -1.91
N ILE A 29 -8.66 -2.55 -1.21
CA ILE A 29 -7.23 -2.46 -1.00
C ILE A 29 -6.76 -3.67 -0.20
N ILE A 30 -5.62 -4.21 -0.61
CA ILE A 30 -5.06 -5.37 0.05
C ILE A 30 -3.70 -5.00 0.67
N GLN A 31 -3.69 -4.91 1.99
CA GLN A 31 -2.48 -4.56 2.70
C GLN A 31 -1.47 -5.70 2.62
N VAL A 32 -0.88 -5.85 1.44
CA VAL A 32 0.11 -6.89 1.22
C VAL A 32 1.39 -6.57 2.00
N ASP A 33 1.96 -7.60 2.58
CA ASP A 33 3.18 -7.44 3.35
C ASP A 33 4.38 -7.88 2.51
N GLU A 34 5.13 -6.90 2.04
CA GLU A 34 6.30 -7.17 1.23
C GLU A 34 7.50 -7.50 2.12
N LYS A 35 7.29 -8.42 3.03
CA LYS A 35 8.35 -8.83 3.94
C LYS A 35 8.24 -10.34 4.21
N THR A 36 7.02 -10.77 4.50
CA THR A 36 6.78 -12.18 4.76
C THR A 36 7.08 -13.02 3.52
N VAL A 37 7.81 -14.10 3.74
CA VAL A 37 8.18 -14.99 2.66
C VAL A 37 7.62 -16.38 2.93
N GLY A 38 7.28 -17.07 1.85
CA GLY A 38 6.72 -18.41 1.96
C GLY A 38 6.72 -19.12 0.61
N GLU A 39 5.55 -19.14 -0.02
CA GLU A 39 5.39 -19.77 -1.31
C GLU A 39 6.01 -18.90 -2.40
N PRO A 40 6.24 -19.54 -3.59
CA PRO A 40 6.82 -18.83 -4.72
C PRO A 40 5.80 -17.91 -5.37
N GLY A 41 4.97 -18.50 -6.22
CA GLY A 41 3.94 -17.75 -6.92
C GLY A 41 2.74 -17.48 -6.01
N TRP A 42 3.03 -16.87 -4.87
CA TRP A 42 2.00 -16.55 -3.90
C TRP A 42 2.38 -15.24 -3.22
N LEU A 43 1.35 -14.53 -2.75
CA LEU A 43 1.56 -13.26 -2.08
C LEU A 43 0.74 -13.22 -0.79
N TYR A 44 1.43 -12.99 0.31
CA TYR A 44 0.79 -12.93 1.61
C TYR A 44 0.47 -11.48 2.00
N GLY A 45 -0.80 -11.25 2.33
CA GLY A 45 -1.25 -9.93 2.71
C GLY A 45 -2.24 -10.01 3.88
N SER A 46 -2.77 -8.85 4.24
CA SER A 46 -3.73 -8.77 5.33
C SER A 46 -4.92 -7.91 4.91
N PHE A 47 -6.08 -8.54 4.84
CA PHE A 47 -7.30 -7.85 4.46
C PHE A 47 -8.34 -7.92 5.57
N GLN A 48 -9.43 -7.19 5.38
CA GLN A 48 -10.50 -7.15 6.35
C GLN A 48 -10.66 -8.53 7.01
N GLY A 49 -10.27 -8.59 8.27
CA GLY A 49 -10.36 -9.84 9.02
C GLY A 49 -10.06 -11.04 8.12
N ASN A 50 -9.18 -10.82 7.16
CA ASN A 50 -8.80 -11.88 6.24
C ASN A 50 -7.28 -11.86 6.04
N PHE A 51 -6.65 -12.94 6.50
CA PHE A 51 -5.21 -13.06 6.38
C PHE A 51 -4.82 -14.46 5.89
N GLY A 52 -4.34 -14.50 4.66
CA GLY A 52 -3.92 -15.76 4.07
C GLY A 52 -2.97 -15.52 2.89
N TRP A 53 -2.71 -16.60 2.16
CA TRP A 53 -1.83 -16.52 1.01
C TRP A 53 -2.70 -16.48 -0.25
N PHE A 54 -2.47 -15.45 -1.06
CA PHE A 54 -3.22 -15.28 -2.29
C PHE A 54 -2.30 -15.26 -3.50
N PRO A 55 -2.90 -15.52 -4.69
CA PRO A 55 -2.14 -15.54 -5.93
C PRO A 55 -1.79 -14.11 -6.38
N CYS A 56 -0.52 -13.93 -6.70
CA CYS A 56 -0.04 -12.62 -7.14
C CYS A 56 -0.71 -12.29 -8.48
N ASN A 57 -1.13 -13.35 -9.16
CA ASN A 57 -1.79 -13.19 -10.45
C ASN A 57 -3.28 -12.91 -10.24
N TYR A 58 -3.54 -11.89 -9.43
CA TYR A 58 -4.92 -11.51 -9.13
C TYR A 58 -4.98 -10.06 -8.62
N VAL A 59 -4.04 -9.74 -7.73
CA VAL A 59 -3.98 -8.41 -7.16
C VAL A 59 -3.14 -7.50 -8.06
N GLU A 60 -3.39 -6.22 -7.94
CA GLU A 60 -2.66 -5.23 -8.74
C GLU A 60 -2.00 -4.20 -7.82
N LYS A 61 -0.72 -3.99 -8.07
CA LYS A 61 0.05 -3.03 -7.29
C LYS A 61 -0.42 -1.61 -7.62
N MET A 62 -1.00 -0.96 -6.61
CA MET A 62 -1.49 0.39 -6.78
C MET A 62 -0.47 1.42 -6.29
N PRO A 63 -0.65 2.67 -6.77
CA PRO A 63 0.26 3.75 -6.39
C PRO A 63 -0.02 4.22 -4.97
N SER A 64 1.05 4.47 -4.23
CA SER A 64 0.93 4.93 -2.86
C SER A 64 1.08 6.45 -2.80
N SER A 65 -0.06 7.13 -2.87
CA SER A 65 -0.08 8.58 -2.83
C SER A 65 -1.22 9.06 -1.92
N GLU A 66 -0.97 9.03 -0.63
CA GLU A 66 -1.95 9.45 0.34
C GLU A 66 -1.74 10.92 0.69
N ASN A 67 -2.22 11.79 -0.19
CA ASN A 67 -2.10 13.22 0.02
C ASN A 67 -0.61 13.59 0.18
N GLU A 68 -0.35 14.88 0.16
CA GLU A 68 1.01 15.36 0.29
C GLU A 68 1.31 15.72 1.75
N LYS A 69 2.57 16.01 2.02
CA LYS A 69 3.00 16.37 3.36
C LYS A 69 3.18 17.89 3.45
N ALA A 70 2.98 18.40 4.66
CA ALA A 70 3.12 19.82 4.89
C ALA A 70 4.36 20.08 5.77
N VAL A 71 4.89 21.28 5.64
CA VAL A 71 6.07 21.66 6.40
C VAL A 71 5.82 21.38 7.89
N SER A 72 6.73 20.61 8.47
CA SER A 72 6.62 20.26 9.88
C SER A 72 7.01 21.45 10.75
N PRO A 73 6.08 21.83 11.66
CA PRO A 73 6.33 22.96 12.55
C PRO A 73 7.29 22.57 13.67
N LYS A 74 8.52 23.06 13.54
CA LYS A 74 9.56 22.77 14.53
C LYS A 74 9.43 23.76 15.69
N LYS A 75 10.07 23.40 16.80
CA LYS A 75 10.04 24.24 17.98
C LYS A 75 11.13 23.78 18.95
N ALA A 76 11.92 24.75 19.40
CA ALA A 76 13.00 24.47 20.33
C ALA A 76 13.10 25.61 21.35
N LEU A 77 13.89 25.36 22.38
CA LEU A 77 14.08 26.34 23.43
C LEU A 77 15.30 25.95 24.27
N LEU A 78 16.23 26.89 24.37
CA LEU A 78 17.44 26.66 25.13
C LEU A 78 17.08 26.53 26.61
N PRO A 79 17.58 25.42 27.23
CA PRO A 79 17.32 25.17 28.64
C PRO A 79 18.16 26.08 29.53
N PRO A 80 17.63 26.36 30.75
CA PRO A 80 18.32 27.21 31.69
C PRO A 80 19.50 26.46 32.34
N THR A 81 20.01 27.04 33.42
CA THR A 81 21.12 26.45 34.13
C THR A 81 20.91 26.58 35.65
N VAL A 82 21.31 25.54 36.35
CA VAL A 82 21.17 25.50 37.79
C VAL A 82 22.47 24.99 38.42
N SER A 83 22.85 25.62 39.52
CA SER A 83 24.06 25.23 40.22
C SER A 83 23.74 24.88 41.67
N LEU A 84 24.69 24.20 42.30
CA LEU A 84 24.51 23.80 43.69
C LEU A 84 25.87 23.88 44.42
N SER A 85 26.04 24.96 45.16
CA SER A 85 27.27 25.16 45.90
C SER A 85 27.33 24.20 47.09
N ALA A 86 28.49 24.21 47.75
CA ALA A 86 28.68 23.35 48.90
C ALA A 86 29.68 24.00 49.86
N THR A 87 29.64 23.57 51.11
CA THR A 87 30.52 24.11 52.13
C THR A 87 31.40 22.99 52.70
N SER A 88 32.43 23.41 53.42
CA SER A 88 33.35 22.48 54.02
C SER A 88 34.26 23.19 55.03
N GLY A 89 35.02 22.40 55.78
CA GLY A 89 35.92 22.95 56.76
C GLY A 89 37.32 22.35 56.62
N PRO A 90 38.33 23.11 57.13
CA PRO A 90 39.71 22.67 57.06
C PRO A 90 39.98 21.56 58.09
N SER A 91 41.24 21.17 58.17
CA SER A 91 41.65 20.13 59.10
C SER A 91 43.16 20.19 59.33
N SER A 92 43.59 19.50 60.38
CA SER A 92 45.00 19.48 60.73
C SER A 92 45.62 18.14 60.32
N GLY A 93 46.94 18.10 60.33
CA GLY A 93 47.66 16.89 59.96
C GLY A 93 48.72 16.56 61.00
N GLY A 1 9.79 1.19 15.13
CA GLY A 1 9.79 -0.16 14.58
C GLY A 1 9.65 -0.14 13.06
N SER A 2 10.54 -0.84 12.39
CA SER A 2 10.52 -0.92 10.94
C SER A 2 9.10 -1.20 10.46
N SER A 3 8.76 -0.61 9.32
CA SER A 3 7.44 -0.81 8.75
C SER A 3 7.43 -0.30 7.30
N GLY A 4 7.55 -1.24 6.38
CA GLY A 4 7.54 -0.92 4.97
C GLY A 4 6.58 -1.83 4.19
N SER A 5 5.39 -1.29 3.94
CA SER A 5 4.39 -2.03 3.21
C SER A 5 4.19 -1.43 1.82
N SER A 6 3.55 -2.20 0.96
CA SER A 6 3.31 -1.76 -0.40
C SER A 6 1.79 -1.58 -0.62
N GLY A 7 1.06 -2.65 -0.36
CA GLY A 7 -0.38 -2.63 -0.52
C GLY A 7 -0.77 -2.95 -1.97
N TYR A 8 -1.72 -3.86 -2.11
CA TYR A 8 -2.20 -4.26 -3.42
C TYR A 8 -3.73 -4.28 -3.48
N ARG A 9 -4.25 -3.88 -4.62
CA ARG A 9 -5.69 -3.86 -4.82
C ARG A 9 -6.16 -5.11 -5.56
N ALA A 10 -7.25 -5.68 -5.09
CA ALA A 10 -7.80 -6.87 -5.71
C ALA A 10 -8.44 -6.50 -7.05
N LEU A 11 -7.92 -7.10 -8.10
CA LEU A 11 -8.42 -6.85 -9.45
C LEU A 11 -9.81 -7.49 -9.60
N TYR A 12 -9.86 -8.78 -9.34
CA TYR A 12 -11.11 -9.52 -9.44
C TYR A 12 -11.41 -10.27 -8.13
N PRO A 13 -12.72 -10.59 -7.96
CA PRO A 13 -13.15 -11.30 -6.77
C PRO A 13 -12.76 -12.78 -6.84
N PHE A 14 -12.12 -13.24 -5.77
CA PHE A 14 -11.69 -14.63 -5.70
C PHE A 14 -11.92 -15.20 -4.30
N GLU A 15 -12.35 -16.46 -4.27
CA GLU A 15 -12.62 -17.13 -3.01
C GLU A 15 -11.47 -18.09 -2.67
N ALA A 16 -11.16 -18.16 -1.39
CA ALA A 16 -10.09 -19.04 -0.92
C ALA A 16 -10.41 -20.48 -1.32
N ARG A 17 -9.35 -21.23 -1.55
CA ARG A 17 -9.49 -22.63 -1.95
C ARG A 17 -8.44 -23.49 -1.25
N ASN A 18 -7.22 -22.97 -1.22
CA ASN A 18 -6.12 -23.67 -0.59
C ASN A 18 -6.43 -23.88 0.89
N HIS A 19 -5.41 -24.31 1.62
CA HIS A 19 -5.56 -24.54 3.05
C HIS A 19 -5.54 -23.21 3.80
N ASP A 20 -4.60 -22.36 3.40
CA ASP A 20 -4.47 -21.05 4.02
C ASP A 20 -4.57 -19.96 2.95
N GLU A 21 -5.72 -19.93 2.29
CA GLU A 21 -5.95 -18.95 1.24
C GLU A 21 -6.77 -17.78 1.78
N MET A 22 -6.66 -16.65 1.10
CA MET A 22 -7.37 -15.45 1.49
C MET A 22 -8.52 -15.15 0.52
N SER A 23 -9.63 -14.67 1.09
CA SER A 23 -10.80 -14.34 0.30
C SER A 23 -11.03 -12.84 0.32
N PHE A 24 -11.30 -12.30 -0.86
CA PHE A 24 -11.55 -10.87 -0.99
C PHE A 24 -12.38 -10.58 -2.24
N ASN A 25 -12.65 -9.29 -2.44
CA ASN A 25 -13.44 -8.86 -3.59
C ASN A 25 -12.78 -7.63 -4.21
N SER A 26 -12.92 -7.53 -5.53
CA SER A 26 -12.35 -6.42 -6.26
C SER A 26 -12.80 -5.09 -5.64
N GLY A 27 -11.83 -4.20 -5.47
CA GLY A 27 -12.12 -2.90 -4.88
C GLY A 27 -11.81 -2.90 -3.38
N ASP A 28 -10.77 -3.63 -3.01
CA ASP A 28 -10.38 -3.72 -1.61
C ASP A 28 -8.85 -3.63 -1.53
N ILE A 29 -8.40 -2.65 -0.75
CA ILE A 29 -6.97 -2.45 -0.57
C ILE A 29 -6.42 -3.54 0.34
N ILE A 30 -5.48 -4.30 -0.19
CA ILE A 30 -4.85 -5.38 0.56
C ILE A 30 -3.44 -4.96 0.97
N GLN A 31 -3.23 -4.93 2.28
CA GLN A 31 -1.93 -4.55 2.81
C GLN A 31 -0.96 -5.73 2.71
N VAL A 32 -0.24 -5.77 1.60
CA VAL A 32 0.73 -6.83 1.38
C VAL A 32 1.99 -6.55 2.19
N ASP A 33 2.67 -7.63 2.58
CA ASP A 33 3.88 -7.51 3.36
C ASP A 33 5.05 -8.08 2.57
N GLU A 34 5.59 -7.26 1.68
CA GLU A 34 6.71 -7.66 0.86
C GLU A 34 7.74 -8.42 1.69
N LYS A 35 8.04 -7.87 2.85
CA LYS A 35 8.99 -8.49 3.76
C LYS A 35 8.75 -10.00 3.79
N THR A 36 7.56 -10.36 4.25
CA THR A 36 7.19 -11.77 4.35
C THR A 36 7.40 -12.46 3.01
N VAL A 37 8.14 -13.56 3.06
CA VAL A 37 8.42 -14.33 1.85
C VAL A 37 8.05 -15.80 2.09
N GLY A 38 7.89 -16.51 1.00
CA GLY A 38 7.54 -17.93 1.07
C GLY A 38 7.36 -18.52 -0.33
N GLU A 39 6.10 -18.63 -0.73
CA GLU A 39 5.77 -19.17 -2.04
C GLU A 39 6.24 -18.22 -3.14
N PRO A 40 6.28 -18.77 -4.39
CA PRO A 40 6.70 -17.97 -5.53
C PRO A 40 5.62 -16.99 -5.95
N GLY A 41 4.63 -17.52 -6.67
CA GLY A 41 3.51 -16.71 -7.14
C GLY A 41 2.42 -16.61 -6.08
N TRP A 42 2.80 -16.10 -4.92
CA TRP A 42 1.86 -15.95 -3.82
C TRP A 42 2.34 -14.79 -2.93
N LEU A 43 1.45 -13.83 -2.73
CA LEU A 43 1.78 -12.67 -1.91
C LEU A 43 0.91 -12.70 -0.65
N TYR A 44 1.56 -12.42 0.48
CA TYR A 44 0.87 -12.39 1.75
C TYR A 44 0.53 -10.97 2.17
N GLY A 45 -0.68 -10.81 2.69
CA GLY A 45 -1.14 -9.50 3.14
C GLY A 45 -2.18 -9.63 4.25
N SER A 46 -2.66 -8.49 4.70
CA SER A 46 -3.66 -8.46 5.77
C SER A 46 -4.83 -7.57 5.35
N PHE A 47 -5.99 -8.19 5.22
CA PHE A 47 -7.19 -7.48 4.83
C PHE A 47 -8.22 -7.50 5.95
N GLN A 48 -9.29 -6.74 5.75
CA GLN A 48 -10.36 -6.66 6.74
C GLN A 48 -10.55 -8.03 7.41
N GLY A 49 -10.15 -8.08 8.68
CA GLY A 49 -10.28 -9.30 9.45
C GLY A 49 -10.03 -10.53 8.56
N ASN A 50 -9.10 -10.37 7.63
CA ASN A 50 -8.77 -11.45 6.72
C ASN A 50 -7.24 -11.48 6.51
N PHE A 51 -6.64 -12.60 6.87
CA PHE A 51 -5.21 -12.77 6.72
C PHE A 51 -4.87 -14.13 6.11
N GLY A 52 -4.40 -14.08 4.88
CA GLY A 52 -4.04 -15.31 4.18
C GLY A 52 -3.12 -15.00 2.99
N TRP A 53 -2.89 -16.02 2.18
CA TRP A 53 -2.04 -15.88 1.01
C TRP A 53 -2.91 -15.97 -0.23
N PHE A 54 -2.50 -15.23 -1.25
CA PHE A 54 -3.23 -15.22 -2.51
C PHE A 54 -2.29 -15.29 -3.70
N PRO A 55 -2.85 -15.69 -4.87
CA PRO A 55 -2.07 -15.81 -6.09
C PRO A 55 -1.76 -14.43 -6.68
N CYS A 56 -0.50 -14.28 -7.08
CA CYS A 56 -0.06 -13.01 -7.65
C CYS A 56 -0.53 -12.96 -9.12
N ASN A 57 -1.68 -12.34 -9.30
CA ASN A 57 -2.24 -12.22 -10.64
C ASN A 57 -3.55 -11.44 -10.57
N TYR A 58 -4.32 -11.72 -9.52
CA TYR A 58 -5.59 -11.06 -9.32
C TYR A 58 -5.42 -9.79 -8.48
N VAL A 59 -4.21 -9.25 -8.50
CA VAL A 59 -3.89 -8.05 -7.76
C VAL A 59 -3.17 -7.06 -8.67
N GLU A 60 -3.30 -5.79 -8.33
CA GLU A 60 -2.66 -4.73 -9.10
C GLU A 60 -1.95 -3.75 -8.17
N LYS A 61 -0.63 -3.88 -8.12
CA LYS A 61 0.18 -3.01 -7.29
C LYS A 61 -0.19 -1.56 -7.56
N MET A 62 -0.75 -0.91 -6.55
CA MET A 62 -1.14 0.48 -6.67
C MET A 62 0.01 1.41 -6.31
N PRO A 63 -0.11 2.69 -6.78
CA PRO A 63 0.91 3.69 -6.52
C PRO A 63 0.84 4.18 -5.07
N SER A 64 2.00 4.21 -4.43
CA SER A 64 2.08 4.67 -3.06
C SER A 64 2.35 6.17 -3.01
N SER A 65 1.27 6.94 -3.01
CA SER A 65 1.39 8.39 -2.96
C SER A 65 0.10 9.00 -2.42
N GLU A 66 -0.05 8.90 -1.10
CA GLU A 66 -1.23 9.44 -0.44
C GLU A 66 -0.83 10.18 0.84
N ASN A 67 -0.92 11.50 0.77
CA ASN A 67 -0.57 12.34 1.91
C ASN A 67 -0.63 13.80 1.50
N GLU A 68 -1.75 14.44 1.78
CA GLU A 68 -1.94 15.83 1.45
C GLU A 68 -3.06 16.43 2.29
N LYS A 69 -3.00 17.75 2.43
CA LYS A 69 -4.01 18.47 3.21
C LYS A 69 -3.94 19.96 2.88
N ALA A 70 -5.01 20.66 3.24
CA ALA A 70 -5.08 22.09 2.99
C ALA A 70 -6.07 22.72 3.98
N VAL A 71 -5.86 24.00 4.23
CA VAL A 71 -6.72 24.73 5.15
C VAL A 71 -7.56 25.74 4.35
N SER A 72 -8.86 25.46 4.30
CA SER A 72 -9.79 26.33 3.59
C SER A 72 -10.20 27.50 4.48
N PRO A 73 -9.85 28.73 4.01
CA PRO A 73 -10.18 29.94 4.76
C PRO A 73 -11.67 30.27 4.62
N LYS A 74 -12.50 29.39 5.16
CA LYS A 74 -13.93 29.57 5.11
C LYS A 74 -14.32 30.77 5.98
N LYS A 75 -15.27 31.55 5.47
CA LYS A 75 -15.73 32.72 6.20
C LYS A 75 -16.62 32.28 7.36
N ALA A 76 -16.82 33.20 8.29
CA ALA A 76 -17.65 32.92 9.46
C ALA A 76 -17.75 34.17 10.32
N LEU A 77 -18.67 34.13 11.27
CA LEU A 77 -18.87 35.26 12.16
C LEU A 77 -19.14 34.73 13.58
N LEU A 78 -19.26 35.67 14.51
CA LEU A 78 -19.50 35.32 15.90
C LEU A 78 -20.84 35.93 16.34
N PRO A 79 -21.81 35.02 16.65
CA PRO A 79 -23.12 35.45 17.08
C PRO A 79 -23.09 35.96 18.52
N PRO A 80 -24.13 36.76 18.87
CA PRO A 80 -24.23 37.31 20.21
C PRO A 80 -24.66 36.24 21.22
N THR A 81 -24.81 36.67 22.47
CA THR A 81 -25.22 35.77 23.53
C THR A 81 -25.88 36.55 24.66
N VAL A 82 -26.98 36.00 25.15
CA VAL A 82 -27.72 36.63 26.24
C VAL A 82 -27.89 35.62 27.38
N SER A 83 -28.48 36.10 28.47
CA SER A 83 -28.72 35.26 29.62
C SER A 83 -29.78 35.89 30.53
N LEU A 84 -30.19 35.13 31.53
CA LEU A 84 -31.19 35.59 32.47
C LEU A 84 -31.37 34.57 33.58
N SER A 85 -31.66 35.08 34.78
CA SER A 85 -31.85 34.22 35.93
C SER A 85 -33.03 34.71 36.76
N ALA A 86 -33.38 33.93 37.77
CA ALA A 86 -34.48 34.27 38.65
C ALA A 86 -34.37 33.46 39.94
N THR A 87 -35.28 33.75 40.86
CA THR A 87 -35.30 33.06 42.14
C THR A 87 -36.65 33.26 42.84
N SER A 88 -36.88 32.45 43.85
CA SER A 88 -38.12 32.52 44.60
C SER A 88 -38.01 31.68 45.88
N GLY A 89 -39.02 31.83 46.73
CA GLY A 89 -39.04 31.09 47.99
C GLY A 89 -40.42 31.20 48.66
N PRO A 90 -41.22 30.12 48.51
CA PRO A 90 -42.55 30.09 49.10
C PRO A 90 -42.48 29.88 50.61
N SER A 91 -43.65 29.83 51.22
CA SER A 91 -43.74 29.62 52.66
C SER A 91 -44.91 28.70 52.99
N SER A 92 -45.02 28.38 54.27
CA SER A 92 -46.09 27.51 54.74
C SER A 92 -46.51 27.91 56.15
N GLY A 93 -47.59 27.30 56.60
CA GLY A 93 -48.11 27.58 57.93
C GLY A 93 -48.42 26.27 58.68
N GLY A 1 13.07 -4.84 12.93
CA GLY A 1 12.84 -3.77 11.98
C GLY A 1 11.36 -3.44 11.86
N SER A 2 11.08 -2.19 11.57
CA SER A 2 9.70 -1.73 11.43
C SER A 2 9.07 -2.35 10.17
N SER A 3 8.02 -3.12 10.39
CA SER A 3 7.33 -3.77 9.28
C SER A 3 6.75 -2.71 8.34
N GLY A 4 6.73 -3.06 7.06
CA GLY A 4 6.21 -2.16 6.04
C GLY A 4 5.19 -2.86 5.16
N SER A 5 4.42 -2.05 4.44
CA SER A 5 3.41 -2.59 3.54
C SER A 5 3.34 -1.75 2.27
N SER A 6 2.59 -2.26 1.30
CA SER A 6 2.44 -1.58 0.03
C SER A 6 1.01 -1.09 -0.13
N GLY A 7 0.09 -2.03 -0.28
CA GLY A 7 -1.31 -1.70 -0.44
C GLY A 7 -1.77 -1.96 -1.88
N TYR A 8 -1.98 -3.23 -2.19
CA TYR A 8 -2.41 -3.61 -3.52
C TYR A 8 -3.94 -3.49 -3.65
N ARG A 9 -4.40 -3.55 -4.89
CA ARG A 9 -5.82 -3.45 -5.16
C ARG A 9 -6.32 -4.73 -5.83
N ALA A 10 -7.39 -5.28 -5.27
CA ALA A 10 -7.98 -6.49 -5.80
C ALA A 10 -8.64 -6.19 -7.15
N LEU A 11 -8.17 -6.87 -8.17
CA LEU A 11 -8.71 -6.70 -9.51
C LEU A 11 -10.01 -7.49 -9.66
N TYR A 12 -9.95 -8.73 -9.19
CA TYR A 12 -11.11 -9.62 -9.26
C TYR A 12 -11.40 -10.22 -7.89
N PRO A 13 -12.70 -10.61 -7.71
CA PRO A 13 -13.13 -11.21 -6.46
C PRO A 13 -12.66 -12.66 -6.35
N PHE A 14 -11.61 -12.84 -5.56
CA PHE A 14 -11.05 -14.17 -5.35
C PHE A 14 -11.79 -14.92 -4.25
N GLU A 15 -11.57 -16.22 -4.20
CA GLU A 15 -12.20 -17.06 -3.20
C GLU A 15 -11.20 -18.07 -2.63
N ALA A 16 -10.92 -17.90 -1.34
CA ALA A 16 -9.98 -18.79 -0.67
C ALA A 16 -10.34 -20.24 -0.98
N ARG A 17 -9.37 -20.95 -1.55
CA ARG A 17 -9.56 -22.34 -1.90
C ARG A 17 -9.21 -23.24 -0.72
N ASN A 18 -9.63 -22.82 0.46
CA ASN A 18 -9.36 -23.58 1.67
C ASN A 18 -7.93 -23.29 2.14
N HIS A 19 -7.62 -23.81 3.31
CA HIS A 19 -6.29 -23.62 3.88
C HIS A 19 -6.17 -22.21 4.45
N ASP A 20 -4.94 -21.74 4.55
CA ASP A 20 -4.68 -20.41 5.07
C ASP A 20 -4.71 -19.40 3.92
N GLU A 21 -5.74 -19.54 3.09
CA GLU A 21 -5.89 -18.65 1.95
C GLU A 21 -6.72 -17.42 2.35
N MET A 22 -6.52 -16.34 1.62
CA MET A 22 -7.23 -15.11 1.88
C MET A 22 -8.43 -14.95 0.94
N SER A 23 -9.38 -14.14 1.38
CA SER A 23 -10.58 -13.91 0.59
C SER A 23 -10.90 -12.41 0.55
N PHE A 24 -11.02 -11.89 -0.65
CA PHE A 24 -11.32 -10.48 -0.83
C PHE A 24 -12.17 -10.25 -2.08
N ASN A 25 -12.71 -9.05 -2.18
CA ASN A 25 -13.54 -8.69 -3.31
C ASN A 25 -12.80 -7.69 -4.19
N SER A 26 -13.22 -7.62 -5.45
CA SER A 26 -12.60 -6.72 -6.40
C SER A 26 -12.91 -5.27 -6.01
N GLY A 27 -11.88 -4.43 -6.10
CA GLY A 27 -12.03 -3.03 -5.77
C GLY A 27 -11.73 -2.79 -4.28
N ASP A 28 -10.84 -3.61 -3.75
CA ASP A 28 -10.47 -3.50 -2.36
C ASP A 28 -8.95 -3.31 -2.25
N ILE A 29 -8.52 -2.82 -1.10
CA ILE A 29 -7.11 -2.59 -0.87
C ILE A 29 -6.53 -3.73 -0.03
N ILE A 30 -5.62 -4.47 -0.64
CA ILE A 30 -4.99 -5.59 0.03
C ILE A 30 -3.64 -5.14 0.61
N GLN A 31 -3.62 -5.01 1.93
CA GLN A 31 -2.41 -4.59 2.61
C GLN A 31 -1.35 -5.71 2.55
N VAL A 32 -0.78 -5.86 1.36
CA VAL A 32 0.23 -6.88 1.15
C VAL A 32 1.51 -6.48 1.89
N ASP A 33 2.00 -7.40 2.71
CA ASP A 33 3.20 -7.15 3.49
C ASP A 33 4.40 -7.79 2.77
N GLU A 34 4.99 -7.02 1.88
CA GLU A 34 6.15 -7.49 1.12
C GLU A 34 7.25 -7.96 2.07
N LYS A 35 7.15 -7.51 3.31
CA LYS A 35 8.13 -7.88 4.32
C LYS A 35 8.16 -9.39 4.46
N THR A 36 7.00 -9.96 4.77
CA THR A 36 6.87 -11.40 4.93
C THR A 36 7.19 -12.11 3.61
N VAL A 37 8.04 -13.12 3.70
CA VAL A 37 8.42 -13.88 2.54
C VAL A 37 8.16 -15.38 2.80
N GLY A 38 7.97 -16.11 1.72
CA GLY A 38 7.72 -17.54 1.82
C GLY A 38 7.55 -18.17 0.44
N GLU A 39 6.29 -18.43 0.10
CA GLU A 39 5.98 -19.02 -1.19
C GLU A 39 6.66 -18.25 -2.32
N PRO A 40 6.76 -18.92 -3.50
CA PRO A 40 7.38 -18.30 -4.65
C PRO A 40 6.45 -17.26 -5.29
N GLY A 41 5.57 -17.75 -6.16
CA GLY A 41 4.63 -16.88 -6.84
C GLY A 41 3.39 -16.66 -5.97
N TRP A 42 3.61 -16.11 -4.80
CA TRP A 42 2.52 -15.83 -3.88
C TRP A 42 2.83 -14.52 -3.15
N LEU A 43 1.77 -13.84 -2.73
CA LEU A 43 1.92 -12.58 -2.03
C LEU A 43 1.01 -12.58 -0.79
N TYR A 44 1.64 -12.55 0.37
CA TYR A 44 0.90 -12.54 1.63
C TYR A 44 0.47 -11.12 2.00
N GLY A 45 -0.78 -11.02 2.40
CA GLY A 45 -1.33 -9.72 2.80
C GLY A 45 -2.33 -9.87 3.95
N SER A 46 -2.69 -8.75 4.53
CA SER A 46 -3.62 -8.74 5.64
C SER A 46 -4.80 -7.81 5.34
N PHE A 47 -5.98 -8.40 5.22
CA PHE A 47 -7.18 -7.64 4.94
C PHE A 47 -8.21 -7.80 6.05
N GLN A 48 -9.27 -7.01 5.95
CA GLN A 48 -10.33 -7.05 6.94
C GLN A 48 -10.53 -8.49 7.44
N GLY A 49 -10.17 -8.69 8.70
CA GLY A 49 -10.30 -10.01 9.31
C GLY A 49 -10.02 -11.12 8.29
N ASN A 50 -9.10 -10.82 7.38
CA ASN A 50 -8.73 -11.78 6.35
C ASN A 50 -7.21 -11.81 6.20
N PHE A 51 -6.63 -12.95 6.57
CA PHE A 51 -5.20 -13.13 6.49
C PHE A 51 -4.84 -14.50 5.93
N GLY A 52 -4.33 -14.48 4.70
CA GLY A 52 -3.95 -15.71 4.03
C GLY A 52 -3.04 -15.43 2.83
N TRP A 53 -2.82 -16.47 2.04
CA TRP A 53 -1.97 -16.34 0.87
C TRP A 53 -2.87 -16.30 -0.37
N PHE A 54 -2.52 -15.43 -1.29
CA PHE A 54 -3.28 -15.28 -2.52
C PHE A 54 -2.35 -15.22 -3.74
N PRO A 55 -2.95 -15.49 -4.93
CA PRO A 55 -2.20 -15.46 -6.17
C PRO A 55 -1.92 -14.02 -6.61
N CYS A 56 -0.65 -13.78 -6.93
CA CYS A 56 -0.23 -12.46 -7.35
C CYS A 56 -0.93 -12.13 -8.68
N ASN A 57 -1.40 -13.19 -9.34
CA ASN A 57 -2.08 -13.03 -10.61
C ASN A 57 -3.55 -12.72 -10.35
N TYR A 58 -3.78 -11.72 -9.51
CA TYR A 58 -5.14 -11.32 -9.18
C TYR A 58 -5.16 -9.89 -8.63
N VAL A 59 -4.20 -9.60 -7.77
CA VAL A 59 -4.10 -8.28 -7.17
C VAL A 59 -3.18 -7.41 -8.02
N GLU A 60 -3.36 -6.10 -7.88
CA GLU A 60 -2.56 -5.15 -8.64
C GLU A 60 -1.80 -4.23 -7.67
N LYS A 61 -0.58 -3.89 -8.07
CA LYS A 61 0.25 -3.01 -7.26
C LYS A 61 -0.16 -1.56 -7.49
N MET A 62 -0.73 -0.96 -6.46
CA MET A 62 -1.16 0.42 -6.54
C MET A 62 0.02 1.38 -6.42
N PRO A 63 -0.22 2.65 -6.87
CA PRO A 63 0.82 3.66 -6.82
C PRO A 63 1.01 4.17 -5.39
N SER A 64 2.19 4.74 -5.15
CA SER A 64 2.51 5.27 -3.85
C SER A 64 1.78 6.60 -3.62
N SER A 65 0.51 6.49 -3.28
CA SER A 65 -0.31 7.67 -3.04
C SER A 65 -0.21 8.08 -1.57
N GLU A 66 -0.45 9.36 -1.33
CA GLU A 66 -0.40 9.89 0.03
C GLU A 66 1.04 9.84 0.55
N ASN A 67 1.73 10.97 0.39
CA ASN A 67 3.11 11.06 0.84
C ASN A 67 3.27 12.33 1.68
N GLU A 68 3.66 12.13 2.93
CA GLU A 68 3.86 13.24 3.85
C GLU A 68 4.46 12.74 5.16
N LYS A 69 5.78 12.63 5.16
CA LYS A 69 6.49 12.17 6.34
C LYS A 69 7.71 13.06 6.57
N ALA A 70 7.65 13.83 7.64
CA ALA A 70 8.74 14.73 7.98
C ALA A 70 8.56 15.22 9.42
N VAL A 71 8.81 14.31 10.35
CA VAL A 71 8.68 14.64 11.76
C VAL A 71 10.01 14.37 12.47
N SER A 72 11.07 14.99 11.96
CA SER A 72 12.38 14.83 12.52
C SER A 72 12.87 16.15 13.13
N PRO A 73 13.61 16.02 14.26
CA PRO A 73 14.14 17.20 14.94
C PRO A 73 15.31 17.79 14.18
N LYS A 74 15.13 19.02 13.72
CA LYS A 74 16.17 19.71 12.98
C LYS A 74 17.39 19.90 13.88
N LYS A 75 18.56 19.75 13.27
CA LYS A 75 19.81 19.90 14.01
C LYS A 75 19.98 18.73 14.97
N ALA A 76 21.01 18.83 15.81
CA ALA A 76 21.29 17.78 16.77
C ALA A 76 21.49 16.45 16.04
N LEU A 77 21.77 15.42 16.82
CA LEU A 77 21.98 14.09 16.26
C LEU A 77 20.90 13.80 15.21
N LEU A 78 21.24 12.91 14.30
CA LEU A 78 20.31 12.53 13.24
C LEU A 78 20.38 11.02 13.01
N PRO A 79 19.26 10.46 12.49
CA PRO A 79 19.18 9.04 12.23
C PRO A 79 19.99 8.67 10.98
N PRO A 80 21.09 7.89 11.22
CA PRO A 80 21.95 7.45 10.13
C PRO A 80 21.29 6.35 9.31
N THR A 81 22.10 5.68 8.50
CA THR A 81 21.61 4.61 7.66
C THR A 81 22.23 3.27 8.08
N VAL A 82 21.59 2.20 7.67
CA VAL A 82 22.06 0.86 8.00
C VAL A 82 23.05 0.39 6.93
N SER A 83 23.61 -0.78 7.15
CA SER A 83 24.57 -1.35 6.21
C SER A 83 24.21 -2.81 5.93
N LEU A 84 25.00 -3.41 5.05
CA LEU A 84 24.78 -4.80 4.68
C LEU A 84 26.11 -5.42 4.27
N SER A 85 26.69 -6.18 5.19
CA SER A 85 27.97 -6.83 4.93
C SER A 85 27.72 -8.24 4.38
N ALA A 86 28.78 -8.82 3.86
CA ALA A 86 28.71 -10.17 3.31
C ALA A 86 30.03 -10.89 3.55
N THR A 87 30.00 -12.19 3.29
CA THR A 87 31.19 -13.02 3.48
C THR A 87 31.23 -14.13 2.43
N SER A 88 32.28 -14.95 2.52
CA SER A 88 32.45 -16.05 1.59
C SER A 88 33.73 -16.81 1.92
N GLY A 89 33.92 -17.91 1.21
CA GLY A 89 35.10 -18.74 1.41
C GLY A 89 35.34 -19.66 0.21
N PRO A 90 36.63 -20.08 0.07
CA PRO A 90 37.00 -20.96 -1.02
C PRO A 90 36.52 -22.39 -0.78
N SER A 91 37.01 -23.30 -1.61
CA SER A 91 36.64 -24.70 -1.49
C SER A 91 37.88 -25.58 -1.58
N SER A 92 38.57 -25.45 -2.70
CA SER A 92 39.79 -26.23 -2.93
C SER A 92 39.44 -27.71 -3.02
N GLY A 93 40.37 -28.47 -3.58
CA GLY A 93 40.18 -29.91 -3.72
C GLY A 93 41.49 -30.66 -3.50
N GLY A 1 3.41 5.33 13.21
CA GLY A 1 4.38 5.42 12.12
C GLY A 1 4.05 4.41 11.02
N SER A 2 4.39 3.16 11.27
CA SER A 2 4.13 2.10 10.31
C SER A 2 4.71 2.49 8.95
N SER A 3 5.92 2.03 8.69
CA SER A 3 6.58 2.32 7.43
C SER A 3 6.70 1.05 6.59
N GLY A 4 7.02 1.24 5.32
CA GLY A 4 7.17 0.11 4.41
C GLY A 4 5.81 -0.44 3.99
N SER A 5 5.76 -1.76 3.88
CA SER A 5 4.52 -2.42 3.49
C SER A 5 4.00 -1.83 2.17
N SER A 6 2.95 -2.46 1.66
CA SER A 6 2.35 -2.01 0.41
C SER A 6 0.83 -2.07 0.51
N GLY A 7 0.18 -1.82 -0.62
CA GLY A 7 -1.27 -1.85 -0.67
C GLY A 7 -1.76 -2.33 -2.04
N TYR A 8 -1.92 -3.64 -2.15
CA TYR A 8 -2.37 -4.25 -3.38
C TYR A 8 -3.90 -4.13 -3.52
N ARG A 9 -4.34 -3.92 -4.75
CA ARG A 9 -5.75 -3.79 -5.03
C ARG A 9 -6.27 -5.04 -5.77
N ALA A 10 -7.26 -5.68 -5.17
CA ALA A 10 -7.83 -6.87 -5.76
C ALA A 10 -8.59 -6.49 -7.03
N LEU A 11 -8.22 -7.13 -8.13
CA LEU A 11 -8.85 -6.86 -9.40
C LEU A 11 -10.18 -7.62 -9.47
N TYR A 12 -10.11 -8.91 -9.19
CA TYR A 12 -11.29 -9.76 -9.21
C TYR A 12 -11.53 -10.40 -7.84
N PRO A 13 -12.79 -10.85 -7.64
CA PRO A 13 -13.17 -11.49 -6.39
C PRO A 13 -12.61 -12.91 -6.30
N PHE A 14 -11.94 -13.18 -5.19
CA PHE A 14 -11.35 -14.49 -4.97
C PHE A 14 -11.81 -15.09 -3.64
N GLU A 15 -11.75 -16.41 -3.57
CA GLU A 15 -12.16 -17.11 -2.36
C GLU A 15 -11.04 -18.03 -1.88
N ALA A 16 -10.99 -18.20 -0.56
CA ALA A 16 -9.97 -19.06 0.03
C ALA A 16 -10.40 -20.52 -0.09
N ARG A 17 -9.50 -21.32 -0.65
CA ARG A 17 -9.78 -22.74 -0.83
C ARG A 17 -9.82 -23.45 0.52
N ASN A 18 -8.89 -23.05 1.39
CA ASN A 18 -8.80 -23.64 2.71
C ASN A 18 -8.31 -22.59 3.71
N HIS A 19 -8.11 -23.02 4.94
CA HIS A 19 -7.63 -22.14 5.98
C HIS A 19 -6.17 -21.81 5.76
N ASP A 20 -5.94 -20.72 5.03
CA ASP A 20 -4.58 -20.29 4.73
C ASP A 20 -4.62 -19.18 3.68
N GLU A 21 -5.58 -19.29 2.79
CA GLU A 21 -5.75 -18.31 1.73
C GLU A 21 -6.60 -17.13 2.22
N MET A 22 -6.58 -16.06 1.44
CA MET A 22 -7.34 -14.88 1.78
C MET A 22 -8.54 -14.70 0.84
N SER A 23 -9.63 -14.19 1.40
CA SER A 23 -10.83 -13.96 0.63
C SER A 23 -11.13 -12.47 0.53
N PHE A 24 -11.12 -11.97 -0.69
CA PHE A 24 -11.38 -10.57 -0.94
C PHE A 24 -12.22 -10.37 -2.21
N ASN A 25 -12.77 -9.17 -2.33
CA ASN A 25 -13.59 -8.84 -3.48
C ASN A 25 -12.99 -7.65 -4.21
N SER A 26 -13.06 -7.71 -5.54
CA SER A 26 -12.52 -6.64 -6.37
C SER A 26 -12.85 -5.28 -5.75
N GLY A 27 -11.87 -4.39 -5.80
CA GLY A 27 -12.04 -3.06 -5.25
C GLY A 27 -11.80 -3.05 -3.74
N ASP A 28 -10.72 -3.72 -3.34
CA ASP A 28 -10.37 -3.80 -1.94
C ASP A 28 -8.84 -3.70 -1.80
N ILE A 29 -8.41 -2.76 -0.96
CA ILE A 29 -7.00 -2.55 -0.73
C ILE A 29 -6.49 -3.61 0.26
N ILE A 30 -5.45 -4.32 -0.17
CA ILE A 30 -4.87 -5.35 0.66
C ILE A 30 -3.47 -4.91 1.11
N GLN A 31 -3.27 -4.96 2.42
CA GLN A 31 -1.99 -4.56 2.99
C GLN A 31 -0.98 -5.71 2.88
N VAL A 32 -0.30 -5.75 1.74
CA VAL A 32 0.69 -6.78 1.50
C VAL A 32 1.87 -6.58 2.45
N ASP A 33 2.15 -7.61 3.23
CA ASP A 33 3.25 -7.55 4.19
C ASP A 33 4.50 -8.14 3.53
N GLU A 34 5.15 -7.32 2.72
CA GLU A 34 6.35 -7.74 2.03
C GLU A 34 7.32 -8.41 3.01
N LYS A 35 7.25 -7.96 4.26
CA LYS A 35 8.10 -8.50 5.30
C LYS A 35 7.93 -10.03 5.35
N THR A 36 6.71 -10.44 5.64
CA THR A 36 6.41 -11.86 5.72
C THR A 36 6.89 -12.59 4.47
N VAL A 37 7.62 -13.67 4.70
CA VAL A 37 8.16 -14.46 3.61
C VAL A 37 7.65 -15.91 3.73
N GLY A 38 7.75 -16.63 2.62
CA GLY A 38 7.31 -18.02 2.59
C GLY A 38 7.31 -18.55 1.15
N GLU A 39 6.12 -18.56 0.57
CA GLU A 39 5.96 -19.05 -0.79
C GLU A 39 6.62 -18.08 -1.78
N PRO A 40 6.88 -18.60 -3.01
CA PRO A 40 7.49 -17.79 -4.05
C PRO A 40 6.51 -16.79 -4.64
N GLY A 41 5.66 -17.29 -5.53
CA GLY A 41 4.67 -16.44 -6.17
C GLY A 41 3.38 -16.41 -5.36
N TRP A 42 3.50 -15.93 -4.12
CA TRP A 42 2.35 -15.84 -3.23
C TRP A 42 2.56 -14.62 -2.33
N LEU A 43 1.60 -13.71 -2.40
CA LEU A 43 1.66 -12.50 -1.60
C LEU A 43 0.87 -12.71 -0.30
N TYR A 44 1.36 -12.08 0.76
CA TYR A 44 0.72 -12.19 2.06
C TYR A 44 0.43 -10.81 2.64
N GLY A 45 -0.86 -10.49 2.69
CA GLY A 45 -1.29 -9.20 3.23
C GLY A 45 -2.36 -9.39 4.32
N SER A 46 -2.74 -8.28 4.92
CA SER A 46 -3.75 -8.31 5.96
C SER A 46 -4.96 -7.47 5.54
N PHE A 47 -6.08 -8.16 5.38
CA PHE A 47 -7.32 -7.51 4.98
C PHE A 47 -8.36 -7.58 6.10
N GLN A 48 -9.46 -6.87 5.88
CA GLN A 48 -10.54 -6.85 6.85
C GLN A 48 -10.67 -8.22 7.53
N GLY A 49 -10.22 -8.27 8.77
CA GLY A 49 -10.28 -9.51 9.53
C GLY A 49 -10.03 -10.72 8.64
N ASN A 50 -9.16 -10.52 7.66
CA ASN A 50 -8.84 -11.58 6.72
C ASN A 50 -7.34 -11.53 6.40
N PHE A 51 -6.67 -12.63 6.65
CA PHE A 51 -5.24 -12.73 6.38
C PHE A 51 -4.87 -14.09 5.79
N GLY A 52 -4.37 -14.04 4.56
CA GLY A 52 -3.96 -15.25 3.87
C GLY A 52 -3.05 -14.93 2.69
N TRP A 53 -2.82 -15.96 1.87
CA TRP A 53 -1.96 -15.80 0.71
C TRP A 53 -2.86 -15.78 -0.53
N PHE A 54 -2.24 -15.53 -1.67
CA PHE A 54 -2.96 -15.49 -2.93
C PHE A 54 -2.00 -15.31 -4.11
N PRO A 55 -2.50 -15.68 -5.31
CA PRO A 55 -1.70 -15.56 -6.52
C PRO A 55 -1.59 -14.11 -6.98
N CYS A 56 -0.37 -13.68 -7.20
CA CYS A 56 -0.11 -12.32 -7.64
C CYS A 56 -0.67 -12.15 -9.05
N ASN A 57 -1.99 -12.12 -9.13
CA ASN A 57 -2.67 -11.96 -10.40
C ASN A 57 -4.03 -11.30 -10.19
N TYR A 58 -4.75 -11.80 -9.19
CA TYR A 58 -6.05 -11.26 -8.86
C TYR A 58 -5.93 -9.89 -8.18
N VAL A 59 -4.70 -9.47 -7.99
CA VAL A 59 -4.43 -8.20 -7.36
C VAL A 59 -3.60 -7.33 -8.30
N GLU A 60 -3.25 -6.15 -7.81
CA GLU A 60 -2.45 -5.21 -8.60
C GLU A 60 -1.80 -4.18 -7.69
N LYS A 61 -0.51 -4.38 -7.43
CA LYS A 61 0.24 -3.48 -6.58
C LYS A 61 -0.08 -2.03 -6.98
N MET A 62 -0.41 -1.23 -5.98
CA MET A 62 -0.73 0.16 -6.20
C MET A 62 0.38 1.07 -5.67
N PRO A 63 0.36 2.34 -6.16
CA PRO A 63 1.36 3.32 -5.76
C PRO A 63 1.07 3.83 -4.34
N SER A 64 2.14 4.10 -3.61
CA SER A 64 2.03 4.59 -2.26
C SER A 64 3.34 5.23 -1.81
N SER A 65 3.56 6.44 -2.30
CA SER A 65 4.78 7.18 -1.97
C SER A 65 4.54 8.69 -2.13
N GLU A 66 4.10 9.31 -1.06
CA GLU A 66 3.83 10.73 -1.08
C GLU A 66 3.40 11.21 0.32
N ASN A 67 3.64 12.49 0.57
CA ASN A 67 3.30 13.07 1.86
C ASN A 67 2.99 14.56 1.66
N GLU A 68 1.74 14.92 1.93
CA GLU A 68 1.31 16.29 1.79
C GLU A 68 -0.04 16.50 2.49
N LYS A 69 -0.06 16.18 3.78
CA LYS A 69 -1.27 16.32 4.57
C LYS A 69 -1.36 17.75 5.09
N ALA A 70 -2.57 18.28 5.04
CA ALA A 70 -2.81 19.64 5.51
C ALA A 70 -3.20 19.61 6.99
N VAL A 71 -2.19 19.44 7.83
CA VAL A 71 -2.42 19.38 9.27
C VAL A 71 -1.96 20.71 9.91
N SER A 72 -2.62 21.78 9.49
CA SER A 72 -2.29 23.10 10.02
C SER A 72 -3.57 23.90 10.23
N PRO A 73 -4.13 23.77 11.47
CA PRO A 73 -5.35 24.48 11.81
C PRO A 73 -5.07 25.96 12.07
N LYS A 74 -5.45 26.78 11.10
CA LYS A 74 -5.25 28.21 11.20
C LYS A 74 -6.44 28.84 11.90
N LYS A 75 -6.28 30.11 12.27
CA LYS A 75 -7.34 30.83 12.95
C LYS A 75 -7.82 31.97 12.05
N ALA A 76 -9.14 32.15 12.03
CA ALA A 76 -9.74 33.20 11.22
C ALA A 76 -11.03 33.69 11.90
N LEU A 77 -11.52 34.82 11.41
CA LEU A 77 -12.74 35.40 11.96
C LEU A 77 -13.83 34.32 12.03
N LEU A 78 -14.41 34.18 13.20
CA LEU A 78 -15.46 33.20 13.41
C LEU A 78 -16.78 33.93 13.69
N PRO A 79 -17.84 33.50 12.96
CA PRO A 79 -19.15 34.10 13.12
C PRO A 79 -19.82 33.62 14.40
N PRO A 80 -20.97 34.26 14.73
CA PRO A 80 -21.71 33.90 15.93
C PRO A 80 -22.46 32.58 15.74
N THR A 81 -22.32 31.71 16.73
CA THR A 81 -22.97 30.41 16.69
C THR A 81 -23.00 29.79 18.09
N VAL A 82 -23.99 28.92 18.29
CA VAL A 82 -24.15 28.25 19.57
C VAL A 82 -24.90 26.94 19.37
N SER A 83 -24.39 25.89 20.00
CA SER A 83 -24.99 24.59 19.90
C SER A 83 -25.35 24.05 21.30
N LEU A 84 -26.33 23.16 21.32
CA LEU A 84 -26.77 22.58 22.57
C LEU A 84 -25.71 21.58 23.07
N SER A 85 -25.89 21.16 24.31
CA SER A 85 -24.96 20.22 24.91
C SER A 85 -25.69 19.33 25.93
N ALA A 86 -25.05 18.25 26.31
CA ALA A 86 -25.62 17.33 27.28
C ALA A 86 -24.61 17.07 28.39
N THR A 87 -25.06 16.36 29.41
CA THR A 87 -24.22 16.04 30.54
C THR A 87 -24.80 14.87 31.34
N SER A 88 -23.97 14.28 32.17
CA SER A 88 -24.38 13.16 33.00
C SER A 88 -24.03 13.42 34.47
N GLY A 89 -24.50 12.51 35.31
CA GLY A 89 -24.24 12.63 36.74
C GLY A 89 -24.36 11.28 37.43
N PRO A 90 -23.61 11.13 38.56
CA PRO A 90 -23.63 9.90 39.32
C PRO A 90 -24.93 9.77 40.12
N SER A 91 -24.99 8.70 40.90
CA SER A 91 -26.17 8.44 41.72
C SER A 91 -25.89 7.27 42.67
N SER A 92 -26.74 7.17 43.69
CA SER A 92 -26.60 6.10 44.67
C SER A 92 -25.33 6.31 45.49
N GLY A 93 -25.32 5.71 46.67
CA GLY A 93 -24.18 5.82 47.56
C GLY A 93 -24.57 5.46 48.99
N GLY A 1 3.67 1.00 9.35
CA GLY A 1 4.55 -0.05 8.84
C GLY A 1 5.65 -0.37 9.85
N SER A 2 6.87 -0.45 9.34
CA SER A 2 8.02 -0.76 10.18
C SER A 2 9.29 -0.76 9.33
N SER A 3 9.31 -1.63 8.33
CA SER A 3 10.45 -1.74 7.45
C SER A 3 10.00 -1.93 6.01
N GLY A 4 9.28 -3.02 5.78
CA GLY A 4 8.77 -3.33 4.46
C GLY A 4 7.25 -3.47 4.47
N SER A 5 6.58 -2.49 3.89
CA SER A 5 5.13 -2.49 3.83
C SER A 5 4.67 -2.14 2.42
N SER A 6 3.57 -2.77 2.01
CA SER A 6 3.02 -2.53 0.69
C SER A 6 1.51 -2.77 0.71
N GLY A 7 0.88 -2.49 -0.43
CA GLY A 7 -0.56 -2.68 -0.55
C GLY A 7 -0.94 -3.04 -1.99
N TYR A 8 -1.84 -4.01 -2.10
CA TYR A 8 -2.31 -4.45 -3.40
C TYR A 8 -3.82 -4.34 -3.52
N ARG A 9 -4.26 -3.91 -4.70
CA ARG A 9 -5.69 -3.75 -4.95
C ARG A 9 -6.24 -4.99 -5.66
N ALA A 10 -7.28 -5.56 -5.07
CA ALA A 10 -7.91 -6.74 -5.63
C ALA A 10 -8.57 -6.38 -6.97
N LEU A 11 -8.11 -7.06 -8.00
CA LEU A 11 -8.64 -6.82 -9.34
C LEU A 11 -10.00 -7.52 -9.48
N TYR A 12 -10.01 -8.80 -9.09
CA TYR A 12 -11.22 -9.60 -9.17
C TYR A 12 -11.55 -10.22 -7.81
N PRO A 13 -12.86 -10.53 -7.63
CA PRO A 13 -13.33 -11.13 -6.39
C PRO A 13 -12.93 -12.61 -6.31
N PHE A 14 -11.97 -12.88 -5.44
CA PHE A 14 -11.49 -14.24 -5.25
C PHE A 14 -11.72 -14.71 -3.81
N GLU A 15 -12.13 -15.96 -3.70
CA GLU A 15 -12.38 -16.55 -2.39
C GLU A 15 -11.43 -17.71 -2.14
N ALA A 16 -11.11 -17.91 -0.87
CA ALA A 16 -10.21 -18.99 -0.48
C ALA A 16 -10.86 -20.32 -0.78
N ARG A 17 -10.08 -21.39 -0.61
CA ARG A 17 -10.57 -22.73 -0.87
C ARG A 17 -9.42 -23.73 -0.79
N ASN A 18 -8.25 -23.29 -1.26
CA ASN A 18 -7.07 -24.13 -1.24
C ASN A 18 -6.89 -24.73 0.15
N HIS A 19 -6.72 -23.83 1.12
CA HIS A 19 -6.52 -24.25 2.49
C HIS A 19 -6.20 -23.03 3.36
N ASP A 20 -5.05 -22.43 3.08
CA ASP A 20 -4.62 -21.25 3.82
C ASP A 20 -4.60 -20.04 2.88
N GLU A 21 -5.74 -19.80 2.24
CA GLU A 21 -5.85 -18.69 1.32
C GLU A 21 -6.71 -17.58 1.93
N MET A 22 -6.63 -16.40 1.32
CA MET A 22 -7.39 -15.27 1.80
C MET A 22 -8.67 -15.06 0.96
N SER A 23 -9.63 -14.41 1.57
CA SER A 23 -10.90 -14.15 0.90
C SER A 23 -11.14 -12.64 0.81
N PHE A 24 -11.27 -12.17 -0.42
CA PHE A 24 -11.51 -10.75 -0.66
C PHE A 24 -12.32 -10.54 -1.93
N ASN A 25 -12.67 -9.28 -2.16
CA ASN A 25 -13.45 -8.92 -3.34
C ASN A 25 -12.72 -7.83 -4.13
N SER A 26 -13.12 -7.67 -5.37
CA SER A 26 -12.51 -6.67 -6.23
C SER A 26 -12.75 -5.28 -5.66
N GLY A 27 -11.70 -4.48 -5.65
CA GLY A 27 -11.79 -3.13 -5.13
C GLY A 27 -11.58 -3.10 -3.61
N ASP A 28 -10.54 -3.81 -3.18
CA ASP A 28 -10.22 -3.87 -1.77
C ASP A 28 -8.70 -3.78 -1.59
N ILE A 29 -8.29 -2.80 -0.81
CA ILE A 29 -6.87 -2.60 -0.55
C ILE A 29 -6.38 -3.67 0.42
N ILE A 30 -5.38 -4.42 -0.03
CA ILE A 30 -4.82 -5.48 0.79
C ILE A 30 -3.43 -5.04 1.28
N GLN A 31 -3.34 -4.85 2.58
CA GLN A 31 -2.08 -4.44 3.19
C GLN A 31 -1.09 -5.61 3.21
N VAL A 32 -0.36 -5.74 2.12
CA VAL A 32 0.62 -6.80 1.99
C VAL A 32 1.84 -6.47 2.85
N ASP A 33 2.41 -7.51 3.44
CA ASP A 33 3.58 -7.34 4.29
C ASP A 33 4.81 -7.89 3.57
N GLU A 34 5.52 -6.99 2.91
CA GLU A 34 6.73 -7.35 2.19
C GLU A 34 7.68 -8.13 3.09
N LYS A 35 7.74 -7.71 4.35
CA LYS A 35 8.59 -8.35 5.31
C LYS A 35 8.41 -9.87 5.25
N THR A 36 7.16 -10.29 5.44
CA THR A 36 6.84 -11.70 5.39
C THR A 36 7.30 -12.31 4.06
N VAL A 37 7.97 -13.45 4.18
CA VAL A 37 8.47 -14.14 3.00
C VAL A 37 8.15 -15.64 3.13
N GLY A 38 8.07 -16.29 1.98
CA GLY A 38 7.78 -17.71 1.94
C GLY A 38 7.62 -18.20 0.49
N GLU A 39 6.38 -18.41 0.11
CA GLU A 39 6.09 -18.88 -1.24
C GLU A 39 6.66 -17.92 -2.28
N PRO A 40 6.75 -18.41 -3.54
CA PRO A 40 7.27 -17.60 -4.63
C PRO A 40 6.27 -16.54 -5.07
N GLY A 41 5.34 -16.98 -5.92
CA GLY A 41 4.31 -16.09 -6.42
C GLY A 41 3.07 -16.10 -5.51
N TRP A 42 3.30 -15.71 -4.27
CA TRP A 42 2.23 -15.68 -3.29
C TRP A 42 2.53 -14.55 -2.30
N LEU A 43 1.61 -13.59 -2.25
CA LEU A 43 1.76 -12.46 -1.36
C LEU A 43 0.96 -12.71 -0.08
N TYR A 44 1.30 -11.95 0.95
CA TYR A 44 0.63 -12.08 2.23
C TYR A 44 0.25 -10.71 2.80
N GLY A 45 -1.05 -10.49 2.89
CA GLY A 45 -1.56 -9.23 3.42
C GLY A 45 -2.68 -9.47 4.43
N SER A 46 -3.13 -8.38 5.04
CA SER A 46 -4.20 -8.45 6.02
C SER A 46 -5.42 -7.68 5.53
N PHE A 47 -6.50 -8.41 5.30
CA PHE A 47 -7.73 -7.81 4.83
C PHE A 47 -8.84 -7.95 5.88
N GLN A 48 -9.95 -7.28 5.61
CA GLN A 48 -11.09 -7.31 6.52
C GLN A 48 -11.19 -8.69 7.17
N GLY A 49 -10.84 -8.72 8.45
CA GLY A 49 -10.90 -9.97 9.21
C GLY A 49 -10.52 -11.16 8.33
N ASN A 50 -9.57 -10.91 7.43
CA ASN A 50 -9.11 -11.96 6.53
C ASN A 50 -7.60 -11.81 6.32
N PHE A 51 -6.88 -12.86 6.67
CA PHE A 51 -5.43 -12.87 6.53
C PHE A 51 -4.94 -14.20 5.96
N GLY A 52 -4.47 -14.13 4.72
CA GLY A 52 -3.96 -15.30 4.05
C GLY A 52 -3.11 -14.93 2.83
N TRP A 53 -2.78 -15.93 2.03
CA TRP A 53 -1.97 -15.71 0.85
C TRP A 53 -2.92 -15.53 -0.34
N PHE A 54 -2.32 -15.20 -1.48
CA PHE A 54 -3.11 -15.00 -2.69
C PHE A 54 -2.19 -14.79 -3.90
N PRO A 55 -2.77 -15.02 -5.11
CA PRO A 55 -2.02 -14.86 -6.34
C PRO A 55 -1.83 -13.38 -6.68
N CYS A 56 -0.57 -13.01 -6.88
CA CYS A 56 -0.25 -11.63 -7.21
C CYS A 56 -0.89 -11.30 -8.57
N ASN A 57 -1.27 -12.35 -9.28
CA ASN A 57 -1.88 -12.18 -10.59
C ASN A 57 -3.32 -11.71 -10.40
N TYR A 58 -3.81 -11.84 -9.18
CA TYR A 58 -5.16 -11.44 -8.86
C TYR A 58 -5.18 -10.09 -8.14
N VAL A 59 -4.17 -9.29 -8.43
CA VAL A 59 -4.05 -7.98 -7.82
C VAL A 59 -3.18 -7.08 -8.71
N GLU A 60 -3.31 -5.78 -8.48
CA GLU A 60 -2.54 -4.81 -9.25
C GLU A 60 -1.69 -3.95 -8.31
N LYS A 61 -0.45 -4.40 -8.11
CA LYS A 61 0.47 -3.69 -7.24
C LYS A 61 0.36 -2.19 -7.51
N MET A 62 -0.36 -1.51 -6.62
CA MET A 62 -0.55 -0.07 -6.75
C MET A 62 0.71 0.69 -6.33
N PRO A 63 0.81 1.95 -6.83
CA PRO A 63 1.96 2.79 -6.52
C PRO A 63 1.88 3.31 -5.09
N SER A 64 2.88 4.09 -4.71
CA SER A 64 2.94 4.66 -3.39
C SER A 64 2.63 6.16 -3.44
N SER A 65 1.34 6.44 -3.61
CA SER A 65 0.89 7.83 -3.67
C SER A 65 -0.40 8.01 -2.88
N GLU A 66 -0.50 9.14 -2.20
CA GLU A 66 -1.68 9.43 -1.41
C GLU A 66 -2.61 10.39 -2.16
N ASN A 67 -2.02 11.49 -2.61
CA ASN A 67 -2.78 12.48 -3.35
C ASN A 67 -1.89 13.71 -3.61
N GLU A 68 -2.19 14.40 -4.70
CA GLU A 68 -1.43 15.58 -5.08
C GLU A 68 -1.88 16.78 -4.23
N LYS A 69 -1.11 17.86 -4.36
CA LYS A 69 -1.42 19.07 -3.61
C LYS A 69 -1.33 20.28 -4.55
N ALA A 70 -2.45 20.58 -5.19
CA ALA A 70 -2.49 21.69 -6.12
C ALA A 70 -3.56 22.70 -5.64
N VAL A 71 -3.26 23.34 -4.52
CA VAL A 71 -4.17 24.31 -3.95
C VAL A 71 -4.05 25.63 -4.72
N SER A 72 -5.19 26.28 -4.90
CA SER A 72 -5.22 27.54 -5.61
C SER A 72 -5.44 28.70 -4.64
N PRO A 73 -4.84 29.87 -4.96
CA PRO A 73 -4.97 31.04 -4.12
C PRO A 73 -6.35 31.68 -4.27
N LYS A 74 -7.22 31.34 -3.33
CA LYS A 74 -8.57 31.87 -3.35
C LYS A 74 -8.52 33.39 -3.48
N LYS A 75 -9.70 33.98 -3.61
CA LYS A 75 -9.80 35.42 -3.74
C LYS A 75 -10.60 35.99 -2.57
N ALA A 76 -10.48 37.29 -2.38
CA ALA A 76 -11.19 37.96 -1.30
C ALA A 76 -12.60 38.31 -1.76
N LEU A 77 -13.49 37.33 -1.64
CA LEU A 77 -14.87 37.52 -2.04
C LEU A 77 -15.60 38.34 -0.97
N LEU A 78 -16.84 38.69 -1.28
CA LEU A 78 -17.64 39.47 -0.36
C LEU A 78 -17.98 38.62 0.87
N PRO A 79 -18.22 39.33 2.01
CA PRO A 79 -18.55 38.66 3.25
C PRO A 79 -19.99 38.12 3.23
N PRO A 80 -20.19 37.00 3.97
CA PRO A 80 -21.51 36.39 4.03
C PRO A 80 -22.45 37.19 4.93
N THR A 81 -23.64 36.65 5.13
CA THR A 81 -24.63 37.30 5.96
C THR A 81 -25.05 36.39 7.12
N VAL A 82 -25.14 37.00 8.30
CA VAL A 82 -25.53 36.25 9.49
C VAL A 82 -26.93 36.67 9.92
N SER A 83 -27.45 35.97 10.91
CA SER A 83 -28.77 36.25 11.41
C SER A 83 -28.84 35.93 12.92
N LEU A 84 -29.99 36.23 13.50
CA LEU A 84 -30.19 35.99 14.92
C LEU A 84 -31.68 36.14 15.25
N SER A 85 -32.06 35.58 16.39
CA SER A 85 -33.44 35.64 16.82
C SER A 85 -33.55 35.19 18.28
N ALA A 86 -34.69 35.49 18.89
CA ALA A 86 -34.94 35.12 20.27
C ALA A 86 -36.37 35.48 20.65
N THR A 87 -36.97 34.62 21.45
CA THR A 87 -38.34 34.82 21.89
C THR A 87 -38.37 35.23 23.37
N SER A 88 -39.57 35.34 23.89
CA SER A 88 -39.76 35.71 25.29
C SER A 88 -41.20 35.44 25.71
N GLY A 89 -41.39 35.40 27.03
CA GLY A 89 -42.72 35.16 27.58
C GLY A 89 -42.76 35.50 29.06
N PRO A 90 -43.79 36.31 29.44
CA PRO A 90 -43.95 36.72 30.82
C PRO A 90 -44.50 35.58 31.68
N SER A 91 -44.77 35.89 32.94
CA SER A 91 -45.29 34.90 33.85
C SER A 91 -46.09 35.59 34.97
N SER A 92 -46.76 34.77 35.76
CA SER A 92 -47.57 35.29 36.86
C SER A 92 -47.45 34.36 38.07
N GLY A 93 -47.98 34.83 39.19
CA GLY A 93 -47.95 34.06 40.42
C GLY A 93 -48.33 34.93 41.62
N GLY A 1 5.12 9.41 6.21
CA GLY A 1 6.51 9.06 5.99
C GLY A 1 6.79 7.62 6.43
N SER A 2 6.07 6.70 5.83
CA SER A 2 6.23 5.29 6.16
C SER A 2 7.34 4.67 5.30
N SER A 3 7.16 4.77 4.00
CA SER A 3 8.14 4.23 3.07
C SER A 3 8.54 2.82 3.49
N GLY A 4 7.69 1.87 3.14
CA GLY A 4 7.94 0.48 3.48
C GLY A 4 6.89 -0.44 2.85
N SER A 5 5.68 -0.36 3.41
CA SER A 5 4.59 -1.18 2.92
C SER A 5 4.39 -0.94 1.41
N SER A 6 3.67 -1.86 0.79
CA SER A 6 3.40 -1.76 -0.64
C SER A 6 1.90 -1.58 -0.88
N GLY A 7 1.14 -2.58 -0.47
CA GLY A 7 -0.30 -2.54 -0.64
C GLY A 7 -0.70 -2.93 -2.07
N TYR A 8 -1.76 -3.73 -2.16
CA TYR A 8 -2.24 -4.19 -3.44
C TYR A 8 -3.78 -4.20 -3.48
N ARG A 9 -4.32 -3.90 -4.65
CA ARG A 9 -5.76 -3.88 -4.82
C ARG A 9 -6.23 -5.15 -5.52
N ALA A 10 -7.39 -5.64 -5.09
CA ALA A 10 -7.96 -6.84 -5.66
C ALA A 10 -8.58 -6.51 -7.02
N LEU A 11 -7.93 -6.99 -8.07
CA LEU A 11 -8.41 -6.75 -9.42
C LEU A 11 -9.79 -7.39 -9.58
N TYR A 12 -9.85 -8.69 -9.36
CA TYR A 12 -11.10 -9.41 -9.48
C TYR A 12 -11.42 -10.16 -8.18
N PRO A 13 -12.72 -10.53 -8.03
CA PRO A 13 -13.17 -11.25 -6.86
C PRO A 13 -12.73 -12.71 -6.91
N PHE A 14 -12.09 -13.14 -5.83
CA PHE A 14 -11.63 -14.51 -5.74
C PHE A 14 -11.91 -15.10 -4.36
N GLU A 15 -12.30 -16.37 -4.35
CA GLU A 15 -12.61 -17.06 -3.12
C GLU A 15 -11.43 -17.95 -2.70
N ALA A 16 -11.23 -18.04 -1.39
CA ALA A 16 -10.16 -18.87 -0.86
C ALA A 16 -10.25 -20.27 -1.46
N ARG A 17 -9.17 -20.66 -2.12
CA ARG A 17 -9.10 -21.98 -2.73
C ARG A 17 -8.49 -22.99 -1.78
N ASN A 18 -7.50 -22.53 -1.04
CA ASN A 18 -6.81 -23.38 -0.07
C ASN A 18 -7.52 -23.28 1.28
N HIS A 19 -6.86 -23.82 2.30
CA HIS A 19 -7.41 -23.79 3.64
C HIS A 19 -6.93 -22.52 4.37
N ASP A 20 -5.73 -22.10 4.00
CA ASP A 20 -5.15 -20.91 4.60
C ASP A 20 -5.04 -19.80 3.55
N GLU A 21 -6.11 -19.69 2.76
CA GLU A 21 -6.15 -18.68 1.72
C GLU A 21 -6.95 -17.46 2.18
N MET A 22 -6.72 -16.35 1.51
CA MET A 22 -7.41 -15.11 1.85
C MET A 22 -8.57 -14.86 0.91
N SER A 23 -9.68 -14.41 1.49
CA SER A 23 -10.88 -14.13 0.72
C SER A 23 -11.09 -12.63 0.60
N PHE A 24 -11.36 -12.18 -0.62
CA PHE A 24 -11.57 -10.77 -0.88
C PHE A 24 -12.43 -10.57 -2.14
N ASN A 25 -12.74 -9.32 -2.40
CA ASN A 25 -13.54 -8.97 -3.56
C ASN A 25 -12.94 -7.73 -4.24
N SER A 26 -13.19 -7.63 -5.54
CA SER A 26 -12.69 -6.50 -6.31
C SER A 26 -13.07 -5.19 -5.62
N GLY A 27 -12.10 -4.30 -5.55
CA GLY A 27 -12.31 -3.00 -4.92
C GLY A 27 -12.04 -3.07 -3.42
N ASP A 28 -10.87 -3.60 -3.09
CA ASP A 28 -10.47 -3.73 -1.70
C ASP A 28 -8.95 -3.61 -1.59
N ILE A 29 -8.51 -2.59 -0.88
CA ILE A 29 -7.09 -2.35 -0.70
C ILE A 29 -6.53 -3.38 0.29
N ILE A 30 -5.52 -4.10 -0.18
CA ILE A 30 -4.89 -5.11 0.64
C ILE A 30 -3.49 -4.64 1.07
N GLN A 31 -3.07 -5.10 2.24
CA GLN A 31 -1.77 -4.72 2.76
C GLN A 31 -0.79 -5.88 2.60
N VAL A 32 0.01 -5.80 1.54
CA VAL A 32 1.00 -6.83 1.26
C VAL A 32 2.26 -6.55 2.06
N ASP A 33 2.84 -7.62 2.59
CA ASP A 33 4.06 -7.49 3.38
C ASP A 33 5.18 -8.28 2.70
N GLU A 34 5.94 -7.56 1.88
CA GLU A 34 7.04 -8.18 1.15
C GLU A 34 7.98 -8.89 2.13
N LYS A 35 8.07 -8.33 3.34
CA LYS A 35 8.93 -8.90 4.36
C LYS A 35 8.49 -10.34 4.64
N THR A 36 7.20 -10.50 4.88
CA THR A 36 6.64 -11.81 5.15
C THR A 36 7.07 -12.81 4.09
N VAL A 37 7.27 -14.05 4.51
CA VAL A 37 7.69 -15.11 3.61
C VAL A 37 6.66 -15.23 2.48
N GLY A 38 7.06 -15.96 1.45
CA GLY A 38 6.19 -16.16 0.30
C GLY A 38 7.00 -16.47 -0.96
N GLU A 39 6.58 -17.50 -1.66
CA GLU A 39 7.26 -17.90 -2.88
C GLU A 39 7.34 -16.72 -3.86
N PRO A 40 8.17 -16.92 -4.93
CA PRO A 40 8.34 -15.88 -5.92
C PRO A 40 7.12 -15.78 -6.84
N GLY A 41 6.13 -16.62 -6.55
CA GLY A 41 4.91 -16.64 -7.33
C GLY A 41 3.68 -16.52 -6.43
N TRP A 42 3.92 -16.08 -5.20
CA TRP A 42 2.85 -15.92 -4.23
C TRP A 42 3.00 -14.54 -3.60
N LEU A 43 1.87 -14.03 -3.12
CA LEU A 43 1.85 -12.72 -2.49
C LEU A 43 0.95 -12.76 -1.25
N TYR A 44 1.52 -12.38 -0.12
CA TYR A 44 0.79 -12.36 1.13
C TYR A 44 0.38 -10.95 1.52
N GLY A 45 -0.80 -10.85 2.11
CA GLY A 45 -1.32 -9.55 2.54
C GLY A 45 -2.30 -9.72 3.69
N SER A 46 -2.68 -8.58 4.27
CA SER A 46 -3.61 -8.57 5.38
C SER A 46 -4.76 -7.59 5.10
N PHE A 47 -5.96 -8.13 5.04
CA PHE A 47 -7.13 -7.32 4.79
C PHE A 47 -8.11 -7.38 5.97
N GLN A 48 -9.14 -6.54 5.89
CA GLN A 48 -10.14 -6.48 6.94
C GLN A 48 -10.38 -7.89 7.52
N GLY A 49 -9.95 -8.07 8.75
CA GLY A 49 -10.11 -9.34 9.43
C GLY A 49 -9.96 -10.51 8.44
N ASN A 50 -9.03 -10.33 7.50
CA ASN A 50 -8.77 -11.34 6.51
C ASN A 50 -7.27 -11.39 6.20
N PHE A 51 -6.65 -12.49 6.58
CA PHE A 51 -5.23 -12.67 6.35
C PHE A 51 -4.93 -14.07 5.81
N GLY A 52 -4.47 -14.09 4.56
CA GLY A 52 -4.15 -15.35 3.92
C GLY A 52 -3.16 -15.14 2.76
N TRP A 53 -2.96 -16.21 2.00
CA TRP A 53 -2.06 -16.14 0.86
C TRP A 53 -2.89 -16.14 -0.41
N PHE A 54 -2.36 -15.48 -1.44
CA PHE A 54 -3.05 -15.40 -2.72
C PHE A 54 -2.06 -15.41 -3.88
N PRO A 55 -2.58 -15.76 -5.08
CA PRO A 55 -1.75 -15.81 -6.27
C PRO A 55 -1.44 -14.40 -6.78
N CYS A 56 -0.20 -14.21 -7.21
CA CYS A 56 0.23 -12.93 -7.71
C CYS A 56 -0.33 -12.74 -9.11
N ASN A 57 -1.64 -12.57 -9.18
CA ASN A 57 -2.32 -12.39 -10.45
C ASN A 57 -3.58 -11.55 -10.24
N TYR A 58 -4.34 -11.93 -9.22
CA TYR A 58 -5.57 -11.23 -8.89
C TYR A 58 -5.30 -10.02 -8.00
N VAL A 59 -4.27 -9.27 -8.39
CA VAL A 59 -3.90 -8.08 -7.63
C VAL A 59 -3.16 -7.11 -8.56
N GLU A 60 -3.03 -5.88 -8.09
CA GLU A 60 -2.36 -4.85 -8.85
C GLU A 60 -1.64 -3.87 -7.92
N LYS A 61 -0.33 -3.83 -8.05
CA LYS A 61 0.48 -2.95 -7.24
C LYS A 61 -0.07 -1.53 -7.32
N MET A 62 -0.43 -1.00 -6.16
CA MET A 62 -0.98 0.34 -6.09
C MET A 62 0.09 1.35 -5.62
N PRO A 63 -0.20 2.65 -5.89
CA PRO A 63 0.72 3.71 -5.50
C PRO A 63 0.66 3.97 -4.00
N SER A 64 1.84 4.19 -3.42
CA SER A 64 1.94 4.45 -2.00
C SER A 64 2.69 5.76 -1.75
N SER A 65 1.92 6.82 -1.59
CA SER A 65 2.49 8.13 -1.34
C SER A 65 1.38 9.17 -1.18
N GLU A 66 0.33 8.99 -1.97
CA GLU A 66 -0.81 9.90 -1.93
C GLU A 66 -0.34 11.34 -2.13
N ASN A 67 -0.12 11.70 -3.39
CA ASN A 67 0.33 13.03 -3.73
C ASN A 67 1.38 13.48 -2.72
N GLU A 68 2.63 13.18 -3.03
CA GLU A 68 3.73 13.55 -2.16
C GLU A 68 5.05 13.52 -2.93
N LYS A 69 5.56 14.71 -3.22
CA LYS A 69 6.81 14.84 -3.94
C LYS A 69 7.95 15.09 -2.95
N ALA A 70 8.95 14.23 -3.02
CA ALA A 70 10.10 14.35 -2.14
C ALA A 70 11.07 15.38 -2.71
N VAL A 71 11.57 16.23 -1.83
CA VAL A 71 12.51 17.26 -2.24
C VAL A 71 13.94 16.74 -2.05
N SER A 72 14.81 17.14 -2.98
CA SER A 72 16.20 16.73 -2.92
C SER A 72 16.96 17.57 -1.89
N PRO A 73 17.89 16.90 -1.18
CA PRO A 73 18.69 17.56 -0.16
C PRO A 73 19.77 18.45 -0.81
N LYS A 74 20.45 19.20 0.04
CA LYS A 74 21.50 20.09 -0.42
C LYS A 74 22.84 19.66 0.18
N LYS A 75 23.90 20.27 -0.32
CA LYS A 75 25.24 19.95 0.16
C LYS A 75 25.21 19.81 1.67
N ALA A 76 25.60 18.63 2.13
CA ALA A 76 25.62 18.36 3.56
C ALA A 76 26.75 17.37 3.87
N LEU A 77 26.95 17.12 5.16
CA LEU A 77 27.98 16.20 5.59
C LEU A 77 27.37 14.81 5.78
N LEU A 78 28.22 13.81 5.60
CA LEU A 78 27.77 12.43 5.74
C LEU A 78 28.87 11.62 6.45
N PRO A 79 28.43 10.52 7.13
CA PRO A 79 29.36 9.67 7.85
C PRO A 79 30.15 8.80 6.88
N PRO A 80 31.27 8.23 7.40
CA PRO A 80 32.13 7.37 6.60
C PRO A 80 31.49 5.99 6.40
N THR A 81 32.17 5.18 5.60
CA THR A 81 31.68 3.84 5.32
C THR A 81 32.77 2.80 5.60
N VAL A 82 32.40 1.55 5.44
CA VAL A 82 33.33 0.46 5.67
C VAL A 82 33.18 -0.58 4.56
N SER A 83 34.04 -1.60 4.63
CA SER A 83 34.00 -2.67 3.64
C SER A 83 34.10 -4.03 4.34
N LEU A 84 33.87 -5.08 3.56
CA LEU A 84 33.93 -6.42 4.09
C LEU A 84 34.94 -7.24 3.28
N SER A 85 35.49 -8.26 3.93
CA SER A 85 36.47 -9.11 3.28
C SER A 85 36.89 -10.24 4.24
N ALA A 86 37.27 -11.35 3.66
CA ALA A 86 37.70 -12.51 4.44
C ALA A 86 38.18 -13.61 3.51
N THR A 87 39.01 -14.49 4.04
CA THR A 87 39.55 -15.60 3.26
C THR A 87 40.33 -16.55 4.17
N SER A 88 40.39 -17.79 3.74
CA SER A 88 41.10 -18.81 4.50
C SER A 88 40.97 -20.17 3.80
N GLY A 89 41.77 -21.13 4.27
CA GLY A 89 41.75 -22.46 3.71
C GLY A 89 42.03 -23.51 4.79
N PRO A 90 41.11 -24.51 4.88
CA PRO A 90 41.24 -25.57 5.85
C PRO A 90 42.32 -26.56 5.43
N SER A 91 42.51 -27.58 6.26
CA SER A 91 43.50 -28.61 5.99
C SER A 91 43.53 -29.62 7.13
N SER A 92 43.59 -30.89 6.76
CA SER A 92 43.63 -31.96 7.73
C SER A 92 44.06 -33.27 7.06
N GLY A 93 44.31 -34.27 7.90
CA GLY A 93 44.73 -35.57 7.39
C GLY A 93 44.11 -36.69 8.23
#